data_9NXI
# 
_entry.id   9NXI 
# 
_audit_conform.dict_name       mmcif_pdbx.dic 
_audit_conform.dict_version    5.406 
_audit_conform.dict_location   http://mmcif.pdb.org/dictionaries/ascii/mmcif_pdbx.dic 
# 
loop_
_database_2.database_id 
_database_2.database_code 
_database_2.pdbx_database_accession 
_database_2.pdbx_DOI 
PDB   9NXI         pdb_00009nxi 10.2210/pdb9nxi/pdb 
WWPDB D_1000294040 ?            ?                   
# 
loop_
_pdbx_audit_revision_history.ordinal 
_pdbx_audit_revision_history.data_content_type 
_pdbx_audit_revision_history.major_revision 
_pdbx_audit_revision_history.minor_revision 
_pdbx_audit_revision_history.revision_date 
_pdbx_audit_revision_history.part_number 
1 'Structure model' 1 0 2025-08-20 ? 
2 'Structure model' 1 1 2025-08-27 ? 
3 'Structure model' 1 2 2025-10-15 ? 
# 
_pdbx_audit_revision_details.ordinal             1 
_pdbx_audit_revision_details.revision_ordinal    1 
_pdbx_audit_revision_details.data_content_type   'Structure model' 
_pdbx_audit_revision_details.provider            repository 
_pdbx_audit_revision_details.type                'Initial release' 
_pdbx_audit_revision_details.description         ? 
_pdbx_audit_revision_details.details             ? 
# 
loop_
_pdbx_audit_revision_group.ordinal 
_pdbx_audit_revision_group.revision_ordinal 
_pdbx_audit_revision_group.data_content_type 
_pdbx_audit_revision_group.group 
1 2 'Structure model' 'Database references' 
2 3 'Structure model' 'Database references' 
# 
loop_
_pdbx_audit_revision_category.ordinal 
_pdbx_audit_revision_category.revision_ordinal 
_pdbx_audit_revision_category.data_content_type 
_pdbx_audit_revision_category.category 
1 2 'Structure model' citation        
2 3 'Structure model' citation        
3 3 'Structure model' citation_author 
# 
loop_
_pdbx_audit_revision_item.ordinal 
_pdbx_audit_revision_item.revision_ordinal 
_pdbx_audit_revision_item.data_content_type 
_pdbx_audit_revision_item.item 
1 2 'Structure model' '_citation.journal_volume'          
2 2 'Structure model' '_citation.title'                   
3 3 'Structure model' '_citation.page_first'              
4 3 'Structure model' '_citation.page_last'               
5 3 'Structure model' '_citation_author.identifier_ORCID' 
# 
_pdbx_database_status.status_code                     REL 
_pdbx_database_status.status_code_sf                  REL 
_pdbx_database_status.status_code_mr                  ? 
_pdbx_database_status.entry_id                        9NXI 
_pdbx_database_status.recvd_initial_deposition_date   2025-03-25 
_pdbx_database_status.SG_entry                        N 
_pdbx_database_status.deposit_site                    RCSB 
_pdbx_database_status.process_site                    RCSB 
_pdbx_database_status.status_code_cs                  ? 
_pdbx_database_status.status_code_nmr_data            ? 
_pdbx_database_status.methods_development_category    ? 
_pdbx_database_status.pdb_format_compatible           Y 
# 
loop_
_pdbx_database_related.db_name 
_pdbx_database_related.details 
_pdbx_database_related.db_id 
_pdbx_database_related.content_type 
PDB 'An alpha-l-arabinofuranosidase (AtAbf43C) from Acetivibrio thermocellus DSM1313'                          9NXG unspecified 
PDB 'An alpha-l-arabinofuranosidase (AtAbf43C) from Acetivibrio thermocellus DSM1313 bound to arabinofuranose' 9NXH unspecified 
PDB 'The GH43 domain of an alpha-l-arabinofuranosidase (AtAbf43C_GH43) from Acetivibrio thermocellus DSM1313'  9NXJ unspecified 
# 
_pdbx_contact_author.id                 2 
_pdbx_contact_author.email              jmconway@princeton.edu 
_pdbx_contact_author.name_first         Jonathan 
_pdbx_contact_author.name_last          Conway 
_pdbx_contact_author.name_mi            M 
_pdbx_contact_author.role               'principal investigator/group leader' 
_pdbx_contact_author.identifier_ORCID   0000-0002-2715-2149 
# 
loop_
_audit_author.name 
_audit_author.pdbx_ordinal 
_audit_author.identifier_ORCID 
'Galindo, J.L.' 1 0009-0005-1919-9931 
'Jeffrey, P.D.' 2 0000-0002-4351-5341 
'Conway, J.M.'  3 0000-0002-2715-2149 
# 
_citation.abstract                  ? 
_citation.abstract_id_CAS           ? 
_citation.book_id_ISBN              ? 
_citation.book_publisher            ? 
_citation.book_publisher_city       ? 
_citation.book_title                ? 
_citation.coordinate_linkage        ? 
_citation.country                   UK 
_citation.database_id_Medline       ? 
_citation.details                   ? 
_citation.id                        primary 
_citation.journal_abbrev            Biochem.J. 
_citation.journal_id_ASTM           BIJOAK 
_citation.journal_id_CSD            0043 
_citation.journal_id_ISSN           1470-8728 
_citation.journal_full              ? 
_citation.journal_issue             ? 
_citation.journal_volume            482 
_citation.language                  ? 
_citation.page_first                1181 
_citation.page_last                 1195 
_citation.title                     
;Functional and structural characterization of AtAbf43C: an exo-1,5-alpha-L-arabinofuranosidase from Acetivibrio thermocellus DSM1313.
;
_citation.year                      2025 
_citation.database_id_CSD           ? 
_citation.pdbx_database_id_DOI      10.1042/BCJ20253186 
_citation.pdbx_database_id_PubMed   40785600 
_citation.pdbx_database_id_patent   ? 
_citation.unpublished_flag          ? 
# 
loop_
_citation_author.citation_id 
_citation_author.name 
_citation_author.ordinal 
_citation_author.identifier_ORCID 
primary 'Galindo, J.L.' 1 ? 
primary 'Jeffrey, P.D.' 2 ? 
primary 'Zhu, A.'       3 ? 
primary 'Link, A.J.'    4 ? 
primary 'Conway, J.M.'  5 ? 
# 
loop_
_entity.id 
_entity.type 
_entity.src_method 
_entity.pdbx_description 
_entity.formula_weight 
_entity.pdbx_number_of_molecules 
_entity.pdbx_ec 
_entity.pdbx_mutation 
_entity.pdbx_fragment 
_entity.details 
1 polymer     man 'Glycoside hydrolase family 43' 18144.938 1  ? ? ? ? 
2 non-polymer syn GLYCEROL                        92.094    1  ? ? ? ? 
3 water       nat water                           18.015    49 ? ? ? ? 
# 
_entity_poly.entity_id                      1 
_entity_poly.type                           'polypeptide(L)' 
_entity_poly.nstd_linkage                   no 
_entity_poly.nstd_monomer                   no 
_entity_poly.pdbx_seq_one_letter_code       
;MTGADGAIAKLQSYNYSHMYIRNANFDVRIDDNVTPETDAQWVLVPGLANSGEGYVSIQSVDHLGYYLRHWNYDFRLEKN
DGTRIFAEDATFKMVPGLADPSYTSFQSYNYPTRYIRHYNYLLRLDEIVTALDREDATFRVIDSSSVDLEHHHHHH
;
_entity_poly.pdbx_seq_one_letter_code_can   
;MTGADGAIAKLQSYNYSHMYIRNANFDVRIDDNVTPETDAQWVLVPGLANSGEGYVSIQSVDHLGYYLRHWNYDFRLEKN
DGTRIFAEDATFKMVPGLADPSYTSFQSYNYPTRYIRHYNYLLRLDEIVTALDREDATFRVIDSSSVDLEHHHHHH
;
_entity_poly.pdbx_strand_id                 A 
_entity_poly.pdbx_target_identifier         ? 
# 
loop_
_pdbx_entity_nonpoly.entity_id 
_pdbx_entity_nonpoly.name 
_pdbx_entity_nonpoly.comp_id 
2 GLYCEROL GOL 
3 water    HOH 
# 
loop_
_entity_poly_seq.entity_id 
_entity_poly_seq.num 
_entity_poly_seq.mon_id 
_entity_poly_seq.hetero 
1 1   MET n 
1 2   THR n 
1 3   GLY n 
1 4   ALA n 
1 5   ASP n 
1 6   GLY n 
1 7   ALA n 
1 8   ILE n 
1 9   ALA n 
1 10  LYS n 
1 11  LEU n 
1 12  GLN n 
1 13  SER n 
1 14  TYR n 
1 15  ASN n 
1 16  TYR n 
1 17  SER n 
1 18  HIS n 
1 19  MET n 
1 20  TYR n 
1 21  ILE n 
1 22  ARG n 
1 23  ASN n 
1 24  ALA n 
1 25  ASN n 
1 26  PHE n 
1 27  ASP n 
1 28  VAL n 
1 29  ARG n 
1 30  ILE n 
1 31  ASP n 
1 32  ASP n 
1 33  ASN n 
1 34  VAL n 
1 35  THR n 
1 36  PRO n 
1 37  GLU n 
1 38  THR n 
1 39  ASP n 
1 40  ALA n 
1 41  GLN n 
1 42  TRP n 
1 43  VAL n 
1 44  LEU n 
1 45  VAL n 
1 46  PRO n 
1 47  GLY n 
1 48  LEU n 
1 49  ALA n 
1 50  ASN n 
1 51  SER n 
1 52  GLY n 
1 53  GLU n 
1 54  GLY n 
1 55  TYR n 
1 56  VAL n 
1 57  SER n 
1 58  ILE n 
1 59  GLN n 
1 60  SER n 
1 61  VAL n 
1 62  ASP n 
1 63  HIS n 
1 64  LEU n 
1 65  GLY n 
1 66  TYR n 
1 67  TYR n 
1 68  LEU n 
1 69  ARG n 
1 70  HIS n 
1 71  TRP n 
1 72  ASN n 
1 73  TYR n 
1 74  ASP n 
1 75  PHE n 
1 76  ARG n 
1 77  LEU n 
1 78  GLU n 
1 79  LYS n 
1 80  ASN n 
1 81  ASP n 
1 82  GLY n 
1 83  THR n 
1 84  ARG n 
1 85  ILE n 
1 86  PHE n 
1 87  ALA n 
1 88  GLU n 
1 89  ASP n 
1 90  ALA n 
1 91  THR n 
1 92  PHE n 
1 93  LYS n 
1 94  MET n 
1 95  VAL n 
1 96  PRO n 
1 97  GLY n 
1 98  LEU n 
1 99  ALA n 
1 100 ASP n 
1 101 PRO n 
1 102 SER n 
1 103 TYR n 
1 104 THR n 
1 105 SER n 
1 106 PHE n 
1 107 GLN n 
1 108 SER n 
1 109 TYR n 
1 110 ASN n 
1 111 TYR n 
1 112 PRO n 
1 113 THR n 
1 114 ARG n 
1 115 TYR n 
1 116 ILE n 
1 117 ARG n 
1 118 HIS n 
1 119 TYR n 
1 120 ASN n 
1 121 TYR n 
1 122 LEU n 
1 123 LEU n 
1 124 ARG n 
1 125 LEU n 
1 126 ASP n 
1 127 GLU n 
1 128 ILE n 
1 129 VAL n 
1 130 THR n 
1 131 ALA n 
1 132 LEU n 
1 133 ASP n 
1 134 ARG n 
1 135 GLU n 
1 136 ASP n 
1 137 ALA n 
1 138 THR n 
1 139 PHE n 
1 140 ARG n 
1 141 VAL n 
1 142 ILE n 
1 143 ASP n 
1 144 SER n 
1 145 SER n 
1 146 SER n 
1 147 VAL n 
1 148 ASP n 
1 149 LEU n 
1 150 GLU n 
1 151 HIS n 
1 152 HIS n 
1 153 HIS n 
1 154 HIS n 
1 155 HIS n 
1 156 HIS n 
# 
_entity_src_gen.entity_id                          1 
_entity_src_gen.pdbx_src_id                        1 
_entity_src_gen.pdbx_alt_source_flag               sample 
_entity_src_gen.pdbx_seq_type                      'Biological sequence' 
_entity_src_gen.pdbx_beg_seq_num                   1 
_entity_src_gen.pdbx_end_seq_num                   156 
_entity_src_gen.gene_src_common_name               ? 
_entity_src_gen.gene_src_genus                     ? 
_entity_src_gen.pdbx_gene_src_gene                 Cthe_2138 
_entity_src_gen.gene_src_species                   ? 
_entity_src_gen.gene_src_strain                    ? 
_entity_src_gen.gene_src_tissue                    ? 
_entity_src_gen.gene_src_tissue_fraction           ? 
_entity_src_gen.gene_src_details                   ? 
_entity_src_gen.pdbx_gene_src_fragment             ? 
_entity_src_gen.pdbx_gene_src_scientific_name      'Acetivibrio thermocellus DSM 1313' 
_entity_src_gen.pdbx_gene_src_ncbi_taxonomy_id     637887 
_entity_src_gen.pdbx_gene_src_variant              ? 
_entity_src_gen.pdbx_gene_src_cell_line            ? 
_entity_src_gen.pdbx_gene_src_atcc                 ? 
_entity_src_gen.pdbx_gene_src_organ                ? 
_entity_src_gen.pdbx_gene_src_organelle            ? 
_entity_src_gen.pdbx_gene_src_cell                 ? 
_entity_src_gen.pdbx_gene_src_cellular_location    ? 
_entity_src_gen.host_org_common_name               ? 
_entity_src_gen.pdbx_host_org_scientific_name      'Escherichia coli' 
_entity_src_gen.pdbx_host_org_ncbi_taxonomy_id     562 
_entity_src_gen.host_org_genus                     ? 
_entity_src_gen.pdbx_host_org_gene                 ? 
_entity_src_gen.pdbx_host_org_organ                ? 
_entity_src_gen.host_org_species                   ? 
_entity_src_gen.pdbx_host_org_tissue               ? 
_entity_src_gen.pdbx_host_org_tissue_fraction      ? 
_entity_src_gen.pdbx_host_org_strain               ? 
_entity_src_gen.pdbx_host_org_variant              ? 
_entity_src_gen.pdbx_host_org_cell_line            ? 
_entity_src_gen.pdbx_host_org_atcc                 ? 
_entity_src_gen.pdbx_host_org_culture_collection   ? 
_entity_src_gen.pdbx_host_org_cell                 ? 
_entity_src_gen.pdbx_host_org_organelle            ? 
_entity_src_gen.pdbx_host_org_cellular_location    ? 
_entity_src_gen.pdbx_host_org_vector_type          ? 
_entity_src_gen.pdbx_host_org_vector               ? 
_entity_src_gen.host_org_details                   ? 
_entity_src_gen.expression_system_id               ? 
_entity_src_gen.plasmid_name                       ? 
_entity_src_gen.plasmid_details                    ? 
_entity_src_gen.pdbx_description                   ? 
# 
loop_
_chem_comp.id 
_chem_comp.type 
_chem_comp.mon_nstd_flag 
_chem_comp.name 
_chem_comp.pdbx_synonyms 
_chem_comp.formula 
_chem_comp.formula_weight 
ALA 'L-peptide linking' y ALANINE         ?                               'C3 H7 N O2'     89.093  
ARG 'L-peptide linking' y ARGININE        ?                               'C6 H15 N4 O2 1' 175.209 
ASN 'L-peptide linking' y ASPARAGINE      ?                               'C4 H8 N2 O3'    132.118 
ASP 'L-peptide linking' y 'ASPARTIC ACID' ?                               'C4 H7 N O4'     133.103 
GLN 'L-peptide linking' y GLUTAMINE       ?                               'C5 H10 N2 O3'   146.144 
GLU 'L-peptide linking' y 'GLUTAMIC ACID' ?                               'C5 H9 N O4'     147.129 
GLY 'peptide linking'   y GLYCINE         ?                               'C2 H5 N O2'     75.067  
GOL non-polymer         . GLYCEROL        'GLYCERIN; PROPANE-1,2,3-TRIOL' 'C3 H8 O3'       92.094  
HIS 'L-peptide linking' y HISTIDINE       ?                               'C6 H10 N3 O2 1' 156.162 
HOH non-polymer         . WATER           ?                               'H2 O'           18.015  
ILE 'L-peptide linking' y ISOLEUCINE      ?                               'C6 H13 N O2'    131.173 
LEU 'L-peptide linking' y LEUCINE         ?                               'C6 H13 N O2'    131.173 
LYS 'L-peptide linking' y LYSINE          ?                               'C6 H15 N2 O2 1' 147.195 
MET 'L-peptide linking' y METHIONINE      ?                               'C5 H11 N O2 S'  149.211 
PHE 'L-peptide linking' y PHENYLALANINE   ?                               'C9 H11 N O2'    165.189 
PRO 'L-peptide linking' y PROLINE         ?                               'C5 H9 N O2'     115.130 
SER 'L-peptide linking' y SERINE          ?                               'C3 H7 N O3'     105.093 
THR 'L-peptide linking' y THREONINE       ?                               'C4 H9 N O3'     119.119 
TRP 'L-peptide linking' y TRYPTOPHAN      ?                               'C11 H12 N2 O2'  204.225 
TYR 'L-peptide linking' y TYROSINE        ?                               'C9 H11 N O3'    181.189 
VAL 'L-peptide linking' y VALINE          ?                               'C5 H11 N O2'    117.146 
# 
loop_
_pdbx_poly_seq_scheme.asym_id 
_pdbx_poly_seq_scheme.entity_id 
_pdbx_poly_seq_scheme.seq_id 
_pdbx_poly_seq_scheme.mon_id 
_pdbx_poly_seq_scheme.ndb_seq_num 
_pdbx_poly_seq_scheme.pdb_seq_num 
_pdbx_poly_seq_scheme.auth_seq_num 
_pdbx_poly_seq_scheme.pdb_mon_id 
_pdbx_poly_seq_scheme.auth_mon_id 
_pdbx_poly_seq_scheme.pdb_strand_id 
_pdbx_poly_seq_scheme.pdb_ins_code 
_pdbx_poly_seq_scheme.hetero 
A 1 1   MET 1   1   ?   ?   ?   A . n 
A 1 2   THR 2   2   ?   ?   ?   A . n 
A 1 3   GLY 3   3   ?   ?   ?   A . n 
A 1 4   ALA 4   4   ?   ?   ?   A . n 
A 1 5   ASP 5   5   ?   ?   ?   A . n 
A 1 6   GLY 6   6   ?   ?   ?   A . n 
A 1 7   ALA 7   7   7   ALA ALA A . n 
A 1 8   ILE 8   8   8   ILE ILE A . n 
A 1 9   ALA 9   9   9   ALA ALA A . n 
A 1 10  LYS 10  10  10  LYS LYS A . n 
A 1 11  LEU 11  11  11  LEU LEU A . n 
A 1 12  GLN 12  12  12  GLN GLN A . n 
A 1 13  SER 13  13  13  SER SER A . n 
A 1 14  TYR 14  14  14  TYR TYR A . n 
A 1 15  ASN 15  15  15  ASN ASN A . n 
A 1 16  TYR 16  16  16  TYR TYR A . n 
A 1 17  SER 17  17  17  SER SER A . n 
A 1 18  HIS 18  18  18  HIS HIS A . n 
A 1 19  MET 19  19  19  MET MET A . n 
A 1 20  TYR 20  20  20  TYR TYR A . n 
A 1 21  ILE 21  21  21  ILE ILE A . n 
A 1 22  ARG 22  22  22  ARG ARG A . n 
A 1 23  ASN 23  23  23  ASN ASN A . n 
A 1 24  ALA 24  24  24  ALA ALA A . n 
A 1 25  ASN 25  25  25  ASN ASN A . n 
A 1 26  PHE 26  26  26  PHE PHE A . n 
A 1 27  ASP 27  27  27  ASP ASP A . n 
A 1 28  VAL 28  28  28  VAL VAL A . n 
A 1 29  ARG 29  29  29  ARG ARG A . n 
A 1 30  ILE 30  30  30  ILE ILE A . n 
A 1 31  ASP 31  31  31  ASP ASP A . n 
A 1 32  ASP 32  32  32  ASP ASP A . n 
A 1 33  ASN 33  33  33  ASN ASN A . n 
A 1 34  VAL 34  34  34  VAL VAL A . n 
A 1 35  THR 35  35  35  THR THR A . n 
A 1 36  PRO 36  36  36  PRO PRO A . n 
A 1 37  GLU 37  37  37  GLU GLU A . n 
A 1 38  THR 38  38  38  THR THR A . n 
A 1 39  ASP 39  39  39  ASP ASP A . n 
A 1 40  ALA 40  40  40  ALA ALA A . n 
A 1 41  GLN 41  41  41  GLN GLN A . n 
A 1 42  TRP 42  42  42  TRP TRP A . n 
A 1 43  VAL 43  43  43  VAL VAL A . n 
A 1 44  LEU 44  44  44  LEU LEU A . n 
A 1 45  VAL 45  45  45  VAL VAL A . n 
A 1 46  PRO 46  46  46  PRO PRO A . n 
A 1 47  GLY 47  47  47  GLY GLY A . n 
A 1 48  LEU 48  48  48  LEU LEU A . n 
A 1 49  ALA 49  49  49  ALA ALA A . n 
A 1 50  ASN 50  50  50  ASN ASN A . n 
A 1 51  SER 51  51  51  SER SER A . n 
A 1 52  GLY 52  52  52  GLY GLY A . n 
A 1 53  GLU 53  53  53  GLU GLU A . n 
A 1 54  GLY 54  54  54  GLY GLY A . n 
A 1 55  TYR 55  55  55  TYR TYR A . n 
A 1 56  VAL 56  56  56  VAL VAL A . n 
A 1 57  SER 57  57  57  SER SER A . n 
A 1 58  ILE 58  58  58  ILE ILE A . n 
A 1 59  GLN 59  59  59  GLN GLN A . n 
A 1 60  SER 60  60  60  SER SER A . n 
A 1 61  VAL 61  61  61  VAL VAL A . n 
A 1 62  ASP 62  62  62  ASP ASP A . n 
A 1 63  HIS 63  63  63  HIS HIS A . n 
A 1 64  LEU 64  64  64  LEU LEU A . n 
A 1 65  GLY 65  65  65  GLY GLY A . n 
A 1 66  TYR 66  66  66  TYR TYR A . n 
A 1 67  TYR 67  67  67  TYR TYR A . n 
A 1 68  LEU 68  68  68  LEU LEU A . n 
A 1 69  ARG 69  69  69  ARG ARG A . n 
A 1 70  HIS 70  70  70  HIS HIS A . n 
A 1 71  TRP 71  71  71  TRP TRP A . n 
A 1 72  ASN 72  72  72  ASN ASN A . n 
A 1 73  TYR 73  73  73  TYR TYR A . n 
A 1 74  ASP 74  74  74  ASP ASP A . n 
A 1 75  PHE 75  75  75  PHE PHE A . n 
A 1 76  ARG 76  76  76  ARG ARG A . n 
A 1 77  LEU 77  77  77  LEU LEU A . n 
A 1 78  GLU 78  78  78  GLU GLU A . n 
A 1 79  LYS 79  79  79  LYS LYS A . n 
A 1 80  ASN 80  80  80  ASN ASN A . n 
A 1 81  ASP 81  81  81  ASP ASP A . n 
A 1 82  GLY 82  82  82  GLY GLY A . n 
A 1 83  THR 83  83  83  THR THR A . n 
A 1 84  ARG 84  84  84  ARG ARG A . n 
A 1 85  ILE 85  85  85  ILE ILE A . n 
A 1 86  PHE 86  86  86  PHE PHE A . n 
A 1 87  ALA 87  87  87  ALA ALA A . n 
A 1 88  GLU 88  88  88  GLU GLU A . n 
A 1 89  ASP 89  89  89  ASP ASP A . n 
A 1 90  ALA 90  90  90  ALA ALA A . n 
A 1 91  THR 91  91  91  THR THR A . n 
A 1 92  PHE 92  92  92  PHE PHE A . n 
A 1 93  LYS 93  93  93  LYS LYS A . n 
A 1 94  MET 94  94  94  MET MET A . n 
A 1 95  VAL 95  95  95  VAL VAL A . n 
A 1 96  PRO 96  96  96  PRO PRO A . n 
A 1 97  GLY 97  97  97  GLY GLY A . n 
A 1 98  LEU 98  98  98  LEU LEU A . n 
A 1 99  ALA 99  99  99  ALA ALA A . n 
A 1 100 ASP 100 100 100 ASP ASP A . n 
A 1 101 PRO 101 101 101 PRO PRO A . n 
A 1 102 SER 102 102 102 SER SER A . n 
A 1 103 TYR 103 103 103 TYR TYR A . n 
A 1 104 THR 104 104 104 THR THR A . n 
A 1 105 SER 105 105 105 SER SER A . n 
A 1 106 PHE 106 106 106 PHE PHE A . n 
A 1 107 GLN 107 107 107 GLN GLN A . n 
A 1 108 SER 108 108 108 SER SER A . n 
A 1 109 TYR 109 109 109 TYR TYR A . n 
A 1 110 ASN 110 110 110 ASN ASN A . n 
A 1 111 TYR 111 111 111 TYR TYR A . n 
A 1 112 PRO 112 112 112 PRO PRO A . n 
A 1 113 THR 113 113 113 THR THR A . n 
A 1 114 ARG 114 114 114 ARG ARG A . n 
A 1 115 TYR 115 115 115 TYR TYR A . n 
A 1 116 ILE 116 116 116 ILE ILE A . n 
A 1 117 ARG 117 117 117 ARG ARG A . n 
A 1 118 HIS 118 118 118 HIS HIS A . n 
A 1 119 TYR 119 119 119 TYR TYR A . n 
A 1 120 ASN 120 120 120 ASN ASN A . n 
A 1 121 TYR 121 121 121 TYR TYR A . n 
A 1 122 LEU 122 122 122 LEU LEU A . n 
A 1 123 LEU 123 123 123 LEU LEU A . n 
A 1 124 ARG 124 124 124 ARG ARG A . n 
A 1 125 LEU 125 125 125 LEU LEU A . n 
A 1 126 ASP 126 126 126 ASP ASP A . n 
A 1 127 GLU 127 127 127 GLU GLU A . n 
A 1 128 ILE 128 128 128 ILE ILE A . n 
A 1 129 VAL 129 129 129 VAL VAL A . n 
A 1 130 THR 130 130 130 THR THR A . n 
A 1 131 ALA 131 131 131 ALA ALA A . n 
A 1 132 LEU 132 132 132 LEU LEU A . n 
A 1 133 ASP 133 133 133 ASP ASP A . n 
A 1 134 ARG 134 134 134 ARG ARG A . n 
A 1 135 GLU 135 135 135 GLU GLU A . n 
A 1 136 ASP 136 136 136 ASP ASP A . n 
A 1 137 ALA 137 137 137 ALA ALA A . n 
A 1 138 THR 138 138 138 THR THR A . n 
A 1 139 PHE 139 139 139 PHE PHE A . n 
A 1 140 ARG 140 140 140 ARG ARG A . n 
A 1 141 VAL 141 141 141 VAL VAL A . n 
A 1 142 ILE 142 142 142 ILE ILE A . n 
A 1 143 ASP 143 143 143 ASP ASP A . n 
A 1 144 SER 144 144 ?   ?   ?   A . n 
A 1 145 SER 145 145 ?   ?   ?   A . n 
A 1 146 SER 146 146 ?   ?   ?   A . n 
A 1 147 VAL 147 147 ?   ?   ?   A . n 
A 1 148 ASP 148 148 ?   ?   ?   A . n 
A 1 149 LEU 149 149 ?   ?   ?   A . n 
A 1 150 GLU 150 150 ?   ?   ?   A . n 
A 1 151 HIS 151 151 ?   ?   ?   A . n 
A 1 152 HIS 152 152 ?   ?   ?   A . n 
A 1 153 HIS 153 153 ?   ?   ?   A . n 
A 1 154 HIS 154 154 ?   ?   ?   A . n 
A 1 155 HIS 155 155 ?   ?   ?   A . n 
A 1 156 HIS 156 156 ?   ?   ?   A . n 
# 
loop_
_pdbx_nonpoly_scheme.asym_id 
_pdbx_nonpoly_scheme.entity_id 
_pdbx_nonpoly_scheme.mon_id 
_pdbx_nonpoly_scheme.ndb_seq_num 
_pdbx_nonpoly_scheme.pdb_seq_num 
_pdbx_nonpoly_scheme.auth_seq_num 
_pdbx_nonpoly_scheme.pdb_mon_id 
_pdbx_nonpoly_scheme.auth_mon_id 
_pdbx_nonpoly_scheme.pdb_strand_id 
_pdbx_nonpoly_scheme.pdb_ins_code 
B 2 GOL 1  201 201 GOL GOL A . 
C 3 HOH 1  301 49  HOH HOH A . 
C 3 HOH 2  302 37  HOH HOH A . 
C 3 HOH 3  303 12  HOH HOH A . 
C 3 HOH 4  304 10  HOH HOH A . 
C 3 HOH 5  305 14  HOH HOH A . 
C 3 HOH 6  306 38  HOH HOH A . 
C 3 HOH 7  307 13  HOH HOH A . 
C 3 HOH 8  308 18  HOH HOH A . 
C 3 HOH 9  309 44  HOH HOH A . 
C 3 HOH 10 310 32  HOH HOH A . 
C 3 HOH 11 311 1   HOH HOH A . 
C 3 HOH 12 312 42  HOH HOH A . 
C 3 HOH 13 313 11  HOH HOH A . 
C 3 HOH 14 314 5   HOH HOH A . 
C 3 HOH 15 315 23  HOH HOH A . 
C 3 HOH 16 316 35  HOH HOH A . 
C 3 HOH 17 317 24  HOH HOH A . 
C 3 HOH 18 318 40  HOH HOH A . 
C 3 HOH 19 319 15  HOH HOH A . 
C 3 HOH 20 320 29  HOH HOH A . 
C 3 HOH 21 321 16  HOH HOH A . 
C 3 HOH 22 322 2   HOH HOH A . 
C 3 HOH 23 323 3   HOH HOH A . 
C 3 HOH 24 324 21  HOH HOH A . 
C 3 HOH 25 325 7   HOH HOH A . 
C 3 HOH 26 326 22  HOH HOH A . 
C 3 HOH 27 327 48  HOH HOH A . 
C 3 HOH 28 328 43  HOH HOH A . 
C 3 HOH 29 329 34  HOH HOH A . 
C 3 HOH 30 330 6   HOH HOH A . 
C 3 HOH 31 331 26  HOH HOH A . 
C 3 HOH 32 332 9   HOH HOH A . 
C 3 HOH 33 333 51  HOH HOH A . 
C 3 HOH 34 334 47  HOH HOH A . 
C 3 HOH 35 335 36  HOH HOH A . 
C 3 HOH 36 336 4   HOH HOH A . 
C 3 HOH 37 337 25  HOH HOH A . 
C 3 HOH 38 338 27  HOH HOH A . 
C 3 HOH 39 339 31  HOH HOH A . 
C 3 HOH 40 340 20  HOH HOH A . 
C 3 HOH 41 341 30  HOH HOH A . 
C 3 HOH 42 342 50  HOH HOH A . 
C 3 HOH 43 343 17  HOH HOH A . 
C 3 HOH 44 344 8   HOH HOH A . 
C 3 HOH 45 345 46  HOH HOH A . 
C 3 HOH 46 346 45  HOH HOH A . 
C 3 HOH 47 347 33  HOH HOH A . 
C 3 HOH 48 348 39  HOH HOH A . 
C 3 HOH 49 349 41  HOH HOH A . 
# 
loop_
_software.citation_id 
_software.classification 
_software.compiler_name 
_software.compiler_version 
_software.contact_author 
_software.contact_author_email 
_software.date 
_software.description 
_software.dependencies 
_software.hardware 
_software.language 
_software.location 
_software.mods 
_software.name 
_software.os 
_software.os_version 
_software.type 
_software.version 
_software.pdbx_ordinal 
? refinement       ? ? ? ? ? ? ? ? ? ? ? PHENIX  ? ? ? 1.17_3644 1 
? 'data scaling'   ? ? ? ? ? ? ? ? ? ? ? Aimless ? ? ? .         2 
? 'data reduction' ? ? ? ? ? ? ? ? ? ? ? XDS     ? ? ? .         3 
? phasing          ? ? ? ? ? ? ? ? ? ? ? PHASER  ? ? ? .         4 
# 
_cell.angle_alpha                  90.000 
_cell.angle_alpha_esd              ? 
_cell.angle_beta                   90.000 
_cell.angle_beta_esd               ? 
_cell.angle_gamma                  90.000 
_cell.angle_gamma_esd              ? 
_cell.entry_id                     9NXI 
_cell.details                      ? 
_cell.formula_units_Z              ? 
_cell.length_a                     48.186 
_cell.length_a_esd                 ? 
_cell.length_b                     97.976 
_cell.length_b_esd                 ? 
_cell.length_c                     37.880 
_cell.length_c_esd                 ? 
_cell.volume                       178834.194 
_cell.volume_esd                   ? 
_cell.Z_PDB                        4 
_cell.reciprocal_angle_alpha       ? 
_cell.reciprocal_angle_beta        ? 
_cell.reciprocal_angle_gamma       ? 
_cell.reciprocal_angle_alpha_esd   ? 
_cell.reciprocal_angle_beta_esd    ? 
_cell.reciprocal_angle_gamma_esd   ? 
_cell.reciprocal_length_a          ? 
_cell.reciprocal_length_b          ? 
_cell.reciprocal_length_c          ? 
_cell.reciprocal_length_a_esd      ? 
_cell.reciprocal_length_b_esd      ? 
_cell.reciprocal_length_c_esd      ? 
_cell.pdbx_unique_axis             ? 
_cell.pdbx_esd_method              ? 
# 
_symmetry.entry_id                         9NXI 
_symmetry.cell_setting                     ? 
_symmetry.Int_Tables_number                18 
_symmetry.space_group_name_Hall            'P 2 2ab' 
_symmetry.space_group_name_H-M             'P 21 21 2' 
_symmetry.pdbx_full_space_group_name_H-M   ? 
# 
_exptl.absorpt_coefficient_mu     ? 
_exptl.absorpt_correction_T_max   ? 
_exptl.absorpt_correction_T_min   ? 
_exptl.absorpt_correction_type    ? 
_exptl.absorpt_process_details    ? 
_exptl.entry_id                   9NXI 
_exptl.crystals_number            1 
_exptl.details                    ? 
_exptl.method                     'X-RAY DIFFRACTION' 
_exptl.method_details             ? 
# 
_exptl_crystal.colour                       ? 
_exptl_crystal.density_diffrn               ? 
_exptl_crystal.density_Matthews             2.46 
_exptl_crystal.density_method               ? 
_exptl_crystal.density_percent_sol          50.08 
_exptl_crystal.description                  ? 
_exptl_crystal.F_000                        ? 
_exptl_crystal.id                           1 
_exptl_crystal.preparation                  ? 
_exptl_crystal.size_max                     ? 
_exptl_crystal.size_mid                     ? 
_exptl_crystal.size_min                     ? 
_exptl_crystal.size_rad                     ? 
_exptl_crystal.colour_lustre                ? 
_exptl_crystal.colour_modifier              ? 
_exptl_crystal.colour_primary               ? 
_exptl_crystal.density_meas                 ? 
_exptl_crystal.density_meas_esd             ? 
_exptl_crystal.density_meas_gt              ? 
_exptl_crystal.density_meas_lt              ? 
_exptl_crystal.density_meas_temp            ? 
_exptl_crystal.density_meas_temp_esd        ? 
_exptl_crystal.density_meas_temp_gt         ? 
_exptl_crystal.density_meas_temp_lt         ? 
_exptl_crystal.pdbx_crystal_image_url       ? 
_exptl_crystal.pdbx_crystal_image_format    ? 
_exptl_crystal.pdbx_mosaicity               ? 
_exptl_crystal.pdbx_mosaicity_esd           ? 
_exptl_crystal.pdbx_mosaic_method           ? 
_exptl_crystal.pdbx_mosaic_block_size       ? 
_exptl_crystal.pdbx_mosaic_block_size_esd   ? 
# 
_exptl_crystal_grow.apparatus       ? 
_exptl_crystal_grow.atmosphere      ? 
_exptl_crystal_grow.crystal_id      1 
_exptl_crystal_grow.details         ? 
_exptl_crystal_grow.method          'VAPOR DIFFUSION, SITTING DROP' 
_exptl_crystal_grow.method_ref      ? 
_exptl_crystal_grow.pH              3 
_exptl_crystal_grow.pressure        ? 
_exptl_crystal_grow.pressure_esd    ? 
_exptl_crystal_grow.seeding         ? 
_exptl_crystal_grow.seeding_ref     ? 
_exptl_crystal_grow.temp_details    ? 
_exptl_crystal_grow.temp_esd        ? 
_exptl_crystal_grow.time            ? 
_exptl_crystal_grow.pdbx_details    'PEG3350, Citric Acid pH 3.0' 
_exptl_crystal_grow.pdbx_pH_range   ? 
_exptl_crystal_grow.temp            293 
# 
_diffrn.ambient_environment              ? 
_diffrn.ambient_temp                     100 
_diffrn.ambient_temp_details             ? 
_diffrn.ambient_temp_esd                 ? 
_diffrn.crystal_id                       1 
_diffrn.crystal_support                  ? 
_diffrn.crystal_treatment                ? 
_diffrn.details                          ? 
_diffrn.id                               1 
_diffrn.ambient_pressure                 ? 
_diffrn.ambient_pressure_esd             ? 
_diffrn.ambient_pressure_gt              ? 
_diffrn.ambient_pressure_lt              ? 
_diffrn.ambient_temp_gt                  ? 
_diffrn.ambient_temp_lt                  ? 
_diffrn.pdbx_serial_crystal_experiment   N 
# 
_diffrn_detector.details                      ? 
_diffrn_detector.detector                     PIXEL 
_diffrn_detector.diffrn_id                    1 
_diffrn_detector.type                         'DECTRIS EIGER X 9M' 
_diffrn_detector.area_resol_mean              ? 
_diffrn_detector.dtime                        ? 
_diffrn_detector.pdbx_frames_total            ? 
_diffrn_detector.pdbx_collection_time_total   ? 
_diffrn_detector.pdbx_collection_date         2024-09-25 
_diffrn_detector.pdbx_frequency               ? 
_diffrn_detector.id                           ? 
_diffrn_detector.number_of_axes               ? 
# 
_diffrn_radiation.collimation                      ? 
_diffrn_radiation.diffrn_id                        1 
_diffrn_radiation.filter_edge                      ? 
_diffrn_radiation.inhomogeneity                    ? 
_diffrn_radiation.monochromator                    ? 
_diffrn_radiation.polarisn_norm                    ? 
_diffrn_radiation.polarisn_ratio                   ? 
_diffrn_radiation.probe                            ? 
_diffrn_radiation.type                             ? 
_diffrn_radiation.xray_symbol                      ? 
_diffrn_radiation.wavelength_id                    1 
_diffrn_radiation.pdbx_monochromatic_or_laue_m_l   M 
_diffrn_radiation.pdbx_wavelength_list             ? 
_diffrn_radiation.pdbx_wavelength                  ? 
_diffrn_radiation.pdbx_diffrn_protocol             'SINGLE WAVELENGTH' 
_diffrn_radiation.pdbx_analyzer                    ? 
_diffrn_radiation.pdbx_scattering_type             x-ray 
# 
_diffrn_radiation_wavelength.id           1 
_diffrn_radiation_wavelength.wavelength   0.92015 
_diffrn_radiation_wavelength.wt           1.0 
# 
_diffrn_source.current                     ? 
_diffrn_source.details                     ? 
_diffrn_source.diffrn_id                   1 
_diffrn_source.power                       ? 
_diffrn_source.size                        ? 
_diffrn_source.source                      SYNCHROTRON 
_diffrn_source.target                      ? 
_diffrn_source.type                        'NSLS-II BEAMLINE 17-ID-1' 
_diffrn_source.voltage                     ? 
_diffrn_source.take-off_angle              ? 
_diffrn_source.pdbx_wavelength_list        0.92015 
_diffrn_source.pdbx_wavelength             ? 
_diffrn_source.pdbx_synchrotron_beamline   17-ID-1 
_diffrn_source.pdbx_synchrotron_site       NSLS-II 
# 
_reflns.B_iso_Wilson_estimate                          17.91 
_reflns.entry_id                                       9NXI 
_reflns.data_reduction_details                         ? 
_reflns.data_reduction_method                          ? 
_reflns.d_resolution_high                              1.75 
_reflns.d_resolution_low                               28.49 
_reflns.details                                        ? 
_reflns.limit_h_max                                    ? 
_reflns.limit_h_min                                    ? 
_reflns.limit_k_max                                    ? 
_reflns.limit_k_min                                    ? 
_reflns.limit_l_max                                    ? 
_reflns.limit_l_min                                    ? 
_reflns.number_all                                     ? 
_reflns.number_obs                                     18901 
_reflns.observed_criterion                             ? 
_reflns.observed_criterion_F_max                       ? 
_reflns.observed_criterion_F_min                       ? 
_reflns.observed_criterion_I_max                       ? 
_reflns.observed_criterion_I_min                       ? 
_reflns.observed_criterion_sigma_F                     ? 
_reflns.observed_criterion_sigma_I                     ? 
_reflns.percent_possible_obs                           99.9 
_reflns.R_free_details                                 ? 
_reflns.Rmerge_F_all                                   ? 
_reflns.Rmerge_F_obs                                   ? 
_reflns.Friedel_coverage                               ? 
_reflns.number_gt                                      ? 
_reflns.threshold_expression                           ? 
_reflns.pdbx_redundancy                                6.6 
_reflns.pdbx_netI_over_av_sigmaI                       ? 
_reflns.pdbx_netI_over_sigmaI                          16.6 
_reflns.pdbx_res_netI_over_av_sigmaI_2                 ? 
_reflns.pdbx_res_netI_over_sigmaI_2                    ? 
_reflns.pdbx_chi_squared                               0.99 
_reflns.pdbx_scaling_rejects                           ? 
_reflns.pdbx_d_res_high_opt                            ? 
_reflns.pdbx_d_res_low_opt                             ? 
_reflns.pdbx_d_res_opt_method                          ? 
_reflns.phase_calculation_details                      ? 
_reflns.pdbx_Rrim_I_all                                0.085 
_reflns.pdbx_Rpim_I_all                                0.033 
_reflns.pdbx_d_opt                                     ? 
_reflns.pdbx_number_measured_all                       124976 
_reflns.pdbx_diffrn_id                                 1 
_reflns.pdbx_ordinal                                   1 
_reflns.pdbx_CC_half                                   0.999 
_reflns.pdbx_CC_star                                   ? 
_reflns.pdbx_R_split                                   ? 
_reflns.pdbx_Rmerge_I_obs                              0.078 
_reflns.pdbx_Rmerge_I_all                              ? 
_reflns.pdbx_Rsym_value                                ? 
_reflns.pdbx_CC_split_method                           ? 
_reflns.pdbx_aniso_diffraction_limit_axis_1_ortho[1]   ? 
_reflns.pdbx_aniso_diffraction_limit_axis_1_ortho[2]   ? 
_reflns.pdbx_aniso_diffraction_limit_axis_1_ortho[3]   ? 
_reflns.pdbx_aniso_diffraction_limit_axis_2_ortho[1]   ? 
_reflns.pdbx_aniso_diffraction_limit_axis_2_ortho[2]   ? 
_reflns.pdbx_aniso_diffraction_limit_axis_2_ortho[3]   ? 
_reflns.pdbx_aniso_diffraction_limit_axis_3_ortho[1]   ? 
_reflns.pdbx_aniso_diffraction_limit_axis_3_ortho[2]   ? 
_reflns.pdbx_aniso_diffraction_limit_axis_3_ortho[3]   ? 
_reflns.pdbx_aniso_diffraction_limit_1                 ? 
_reflns.pdbx_aniso_diffraction_limit_2                 ? 
_reflns.pdbx_aniso_diffraction_limit_3                 ? 
_reflns.pdbx_aniso_B_tensor_eigenvector_1_ortho[1]     ? 
_reflns.pdbx_aniso_B_tensor_eigenvector_1_ortho[2]     ? 
_reflns.pdbx_aniso_B_tensor_eigenvector_1_ortho[3]     ? 
_reflns.pdbx_aniso_B_tensor_eigenvector_2_ortho[1]     ? 
_reflns.pdbx_aniso_B_tensor_eigenvector_2_ortho[2]     ? 
_reflns.pdbx_aniso_B_tensor_eigenvector_2_ortho[3]     ? 
_reflns.pdbx_aniso_B_tensor_eigenvector_3_ortho[1]     ? 
_reflns.pdbx_aniso_B_tensor_eigenvector_3_ortho[2]     ? 
_reflns.pdbx_aniso_B_tensor_eigenvector_3_ortho[3]     ? 
_reflns.pdbx_aniso_B_tensor_eigenvalue_1               ? 
_reflns.pdbx_aniso_B_tensor_eigenvalue_2               ? 
_reflns.pdbx_aniso_B_tensor_eigenvalue_3               ? 
_reflns.pdbx_orthogonalization_convention              ? 
_reflns.pdbx_percent_possible_ellipsoidal              ? 
_reflns.pdbx_percent_possible_spherical                ? 
_reflns.pdbx_percent_possible_ellipsoidal_anomalous    ? 
_reflns.pdbx_percent_possible_spherical_anomalous      ? 
_reflns.pdbx_redundancy_anomalous                      ? 
_reflns.pdbx_CC_half_anomalous                         ? 
_reflns.pdbx_absDiff_over_sigma_anomalous              ? 
_reflns.pdbx_percent_possible_anomalous                ? 
_reflns.pdbx_observed_signal_threshold                 ? 
_reflns.pdbx_signal_type                               ? 
_reflns.pdbx_signal_details                            ? 
_reflns.pdbx_signal_software_id                        ? 
# 
_reflns_shell.d_res_high                                    1.75 
_reflns_shell.d_res_low                                     1.79 
_reflns_shell.meanI_over_sigI_all                           ? 
_reflns_shell.meanI_over_sigI_obs                           ? 
_reflns_shell.number_measured_all                           8853 
_reflns_shell.number_measured_obs                           ? 
_reflns_shell.number_possible                               ? 
_reflns_shell.number_unique_all                             ? 
_reflns_shell.number_unique_obs                             1373 
_reflns_shell.percent_possible_obs                          99.6 
_reflns_shell.Rmerge_F_all                                  ? 
_reflns_shell.Rmerge_F_obs                                  ? 
_reflns_shell.meanI_over_sigI_gt                            ? 
_reflns_shell.meanI_over_uI_all                             ? 
_reflns_shell.meanI_over_uI_gt                              ? 
_reflns_shell.number_measured_gt                            ? 
_reflns_shell.number_unique_gt                              ? 
_reflns_shell.percent_possible_gt                           ? 
_reflns_shell.Rmerge_F_gt                                   ? 
_reflns_shell.Rmerge_I_gt                                   ? 
_reflns_shell.pdbx_redundancy                               6.4 
_reflns_shell.pdbx_chi_squared                              0.85 
_reflns_shell.pdbx_netI_over_sigmaI_all                     ? 
_reflns_shell.pdbx_netI_over_sigmaI_obs                     2.4 
_reflns_shell.pdbx_Rrim_I_all                               0.796 
_reflns_shell.pdbx_Rpim_I_all                               0.310 
_reflns_shell.pdbx_rejects                                  ? 
_reflns_shell.pdbx_ordinal                                  1 
_reflns_shell.pdbx_diffrn_id                                1 
_reflns_shell.pdbx_CC_half                                  0.876 
_reflns_shell.pdbx_CC_star                                  ? 
_reflns_shell.pdbx_R_split                                  ? 
_reflns_shell.percent_possible_all                          ? 
_reflns_shell.Rmerge_I_all                                  ? 
_reflns_shell.Rmerge_I_obs                                  0.732 
_reflns_shell.pdbx_Rsym_value                               ? 
_reflns_shell.pdbx_percent_possible_ellipsoidal             ? 
_reflns_shell.pdbx_percent_possible_spherical               ? 
_reflns_shell.pdbx_percent_possible_ellipsoidal_anomalous   ? 
_reflns_shell.pdbx_percent_possible_spherical_anomalous     ? 
_reflns_shell.pdbx_redundancy_anomalous                     ? 
_reflns_shell.pdbx_CC_half_anomalous                        ? 
_reflns_shell.pdbx_absDiff_over_sigma_anomalous             ? 
_reflns_shell.pdbx_percent_possible_anomalous               ? 
# 
_refine.aniso_B[1][1]                            ? 
_refine.aniso_B[1][2]                            ? 
_refine.aniso_B[1][3]                            ? 
_refine.aniso_B[2][2]                            ? 
_refine.aniso_B[2][3]                            ? 
_refine.aniso_B[3][3]                            ? 
_refine.B_iso_max                                ? 
_refine.B_iso_mean                               23.34 
_refine.B_iso_min                                ? 
_refine.correlation_coeff_Fo_to_Fc               ? 
_refine.correlation_coeff_Fo_to_Fc_free          ? 
_refine.details                                  ? 
_refine.diff_density_max                         ? 
_refine.diff_density_max_esd                     ? 
_refine.diff_density_min                         ? 
_refine.diff_density_min_esd                     ? 
_refine.diff_density_rms                         ? 
_refine.diff_density_rms_esd                     ? 
_refine.entry_id                                 9NXI 
_refine.pdbx_refine_id                           'X-RAY DIFFRACTION' 
_refine.ls_abs_structure_details                 ? 
_refine.ls_abs_structure_Flack                   ? 
_refine.ls_abs_structure_Flack_esd               ? 
_refine.ls_abs_structure_Rogers                  ? 
_refine.ls_abs_structure_Rogers_esd              ? 
_refine.ls_d_res_high                            1.75 
_refine.ls_d_res_low                             28.49 
_refine.ls_extinction_coef                       ? 
_refine.ls_extinction_coef_esd                   ? 
_refine.ls_extinction_expression                 ? 
_refine.ls_extinction_method                     ? 
_refine.ls_goodness_of_fit_all                   ? 
_refine.ls_goodness_of_fit_all_esd               ? 
_refine.ls_goodness_of_fit_obs                   ? 
_refine.ls_goodness_of_fit_obs_esd               ? 
_refine.ls_hydrogen_treatment                    ? 
_refine.ls_matrix_type                           ? 
_refine.ls_number_constraints                    ? 
_refine.ls_number_parameters                     ? 
_refine.ls_number_reflns_all                     ? 
_refine.ls_number_reflns_obs                     18404 
_refine.ls_number_reflns_R_free                  917 
_refine.ls_number_reflns_R_work                  17487 
_refine.ls_number_restraints                     ? 
_refine.ls_percent_reflns_obs                    97.51 
_refine.ls_percent_reflns_R_free                 4.98 
_refine.ls_R_factor_all                          ? 
_refine.ls_R_factor_obs                          0.1972 
_refine.ls_R_factor_R_free                       0.2151 
_refine.ls_R_factor_R_free_error                 ? 
_refine.ls_R_factor_R_free_error_details         ? 
_refine.ls_R_factor_R_work                       0.1963 
_refine.ls_R_Fsqd_factor_obs                     ? 
_refine.ls_R_I_factor_obs                        ? 
_refine.ls_redundancy_reflns_all                 ? 
_refine.ls_redundancy_reflns_obs                 ? 
_refine.ls_restrained_S_all                      ? 
_refine.ls_restrained_S_obs                      ? 
_refine.ls_shift_over_esd_max                    ? 
_refine.ls_shift_over_esd_mean                   ? 
_refine.ls_structure_factor_coef                 ? 
_refine.ls_weighting_details                     ? 
_refine.ls_weighting_scheme                      ? 
_refine.ls_wR_factor_all                         ? 
_refine.ls_wR_factor_obs                         ? 
_refine.ls_wR_factor_R_free                      ? 
_refine.ls_wR_factor_R_work                      ? 
_refine.occupancy_max                            ? 
_refine.occupancy_min                            ? 
_refine.solvent_model_details                    'FLAT BULK SOLVENT MODEL' 
_refine.solvent_model_param_bsol                 ? 
_refine.solvent_model_param_ksol                 ? 
_refine.correlation_coeff_I_to_Fcsqd_work        ? 
_refine.correlation_coeff_I_to_Fcsqd_free        ? 
_refine.pdbx_R_complete                          ? 
_refine.ls_R_factor_gt                           ? 
_refine.ls_goodness_of_fit_gt                    ? 
_refine.ls_goodness_of_fit_ref                   ? 
_refine.ls_shift_over_su_max                     ? 
_refine.ls_shift_over_su_max_lt                  ? 
_refine.ls_shift_over_su_mean                    ? 
_refine.ls_shift_over_su_mean_lt                 ? 
_refine.pdbx_ls_sigma_I                          ? 
_refine.pdbx_ls_sigma_F                          0.00 
_refine.pdbx_ls_sigma_Fsqd                       ? 
_refine.pdbx_data_cutoff_high_absF               ? 
_refine.pdbx_data_cutoff_high_rms_absF           ? 
_refine.pdbx_data_cutoff_low_absF                ? 
_refine.pdbx_isotropic_thermal_model             ? 
_refine.pdbx_ls_cross_valid_method               'FREE R-VALUE' 
_refine.pdbx_method_to_determine_struct          'MOLECULAR REPLACEMENT' 
_refine.pdbx_starting_model                      ? 
_refine.pdbx_stereochemistry_target_values       'GeoStd + Monomer Library + CDL v1.2' 
_refine.pdbx_R_Free_selection_details            ? 
_refine.pdbx_stereochem_target_val_spec_case     ? 
_refine.pdbx_overall_ESU_R                       ? 
_refine.pdbx_overall_ESU_R_Free                  ? 
_refine.pdbx_solvent_vdw_probe_radii             1.1100 
_refine.pdbx_solvent_ion_probe_radii             ? 
_refine.pdbx_solvent_shrinkage_radii             0.9000 
_refine.pdbx_real_space_R                        ? 
_refine.pdbx_density_correlation                 ? 
_refine.pdbx_pd_number_of_powder_patterns        ? 
_refine.pdbx_pd_number_of_points                 ? 
_refine.pdbx_pd_meas_number_of_points            ? 
_refine.pdbx_pd_proc_ls_prof_R_factor            ? 
_refine.pdbx_pd_proc_ls_prof_wR_factor           ? 
_refine.pdbx_pd_Marquardt_correlation_coeff      ? 
_refine.pdbx_pd_Fsqrd_R_factor                   ? 
_refine.pdbx_pd_ls_matrix_band_width             ? 
_refine.pdbx_overall_phase_error                 22.5522 
_refine.pdbx_overall_SU_R_free_Cruickshank_DPI   ? 
_refine.pdbx_overall_SU_R_free_Blow_DPI          ? 
_refine.pdbx_overall_SU_R_Blow_DPI               ? 
_refine.pdbx_TLS_residual_ADP_flag               ? 
_refine.pdbx_diffrn_id                           1 
_refine.overall_SU_B                             ? 
_refine.overall_SU_ML                            0.1874 
_refine.overall_SU_R_Cruickshank_DPI             ? 
_refine.overall_SU_R_free                        ? 
_refine.overall_FOM_free_R_set                   ? 
_refine.overall_FOM_work_R_set                   ? 
_refine.pdbx_average_fsc_overall                 ? 
_refine.pdbx_average_fsc_work                    ? 
_refine.pdbx_average_fsc_free                    ? 
# 
_refine_hist.pdbx_refine_id                   'X-RAY DIFFRACTION' 
_refine_hist.cycle_id                         LAST 
_refine_hist.details                          ? 
_refine_hist.d_res_high                       1.75 
_refine_hist.d_res_low                        28.49 
_refine_hist.number_atoms_solvent             49 
_refine_hist.number_atoms_total               1192 
_refine_hist.number_reflns_all                ? 
_refine_hist.number_reflns_obs                ? 
_refine_hist.number_reflns_R_free             ? 
_refine_hist.number_reflns_R_work             ? 
_refine_hist.R_factor_all                     ? 
_refine_hist.R_factor_obs                     ? 
_refine_hist.R_factor_R_free                  ? 
_refine_hist.R_factor_R_work                  ? 
_refine_hist.pdbx_number_residues_total       ? 
_refine_hist.pdbx_B_iso_mean_ligand           ? 
_refine_hist.pdbx_B_iso_mean_solvent          ? 
_refine_hist.pdbx_number_atoms_protein        1137 
_refine_hist.pdbx_number_atoms_nucleic_acid   0 
_refine_hist.pdbx_number_atoms_ligand         6 
_refine_hist.pdbx_number_atoms_lipid          ? 
_refine_hist.pdbx_number_atoms_carb           ? 
_refine_hist.pdbx_pseudo_atom_details         ? 
# 
loop_
_refine_ls_restr.pdbx_refine_id 
_refine_ls_restr.criterion 
_refine_ls_restr.dev_ideal 
_refine_ls_restr.dev_ideal_target 
_refine_ls_restr.number 
_refine_ls_restr.rejects 
_refine_ls_restr.type 
_refine_ls_restr.weight 
_refine_ls_restr.pdbx_restraint_function 
'X-RAY DIFFRACTION' ? 0.0069  ? 1209 ? f_bond_d           ? ? 
'X-RAY DIFFRACTION' ? 0.9315  ? 1652 ? f_angle_d          ? ? 
'X-RAY DIFFRACTION' ? 0.0587  ? 172  ? f_chiral_restr     ? ? 
'X-RAY DIFFRACTION' ? 0.0059  ? 218  ? f_plane_restr      ? ? 
'X-RAY DIFFRACTION' ? 20.4099 ? 447  ? f_dihedral_angle_d ? ? 
# 
loop_
_refine_ls_shell.pdbx_refine_id 
_refine_ls_shell.d_res_high 
_refine_ls_shell.d_res_low 
_refine_ls_shell.number_reflns_all 
_refine_ls_shell.number_reflns_obs 
_refine_ls_shell.number_reflns_R_free 
_refine_ls_shell.number_reflns_R_work 
_refine_ls_shell.percent_reflns_obs 
_refine_ls_shell.percent_reflns_R_free 
_refine_ls_shell.R_factor_all 
_refine_ls_shell.R_factor_obs 
_refine_ls_shell.R_factor_R_free_error 
_refine_ls_shell.R_factor_R_work 
_refine_ls_shell.redundancy_reflns_all 
_refine_ls_shell.redundancy_reflns_obs 
_refine_ls_shell.wR_factor_all 
_refine_ls_shell.wR_factor_obs 
_refine_ls_shell.wR_factor_R_free 
_refine_ls_shell.wR_factor_R_work 
_refine_ls_shell.pdbx_R_complete 
_refine_ls_shell.correlation_coeff_Fo_to_Fc 
_refine_ls_shell.correlation_coeff_Fo_to_Fc_free 
_refine_ls_shell.correlation_coeff_I_to_Fcsqd_work 
_refine_ls_shell.correlation_coeff_I_to_Fcsqd_free 
_refine_ls_shell.pdbx_total_number_of_bins_used 
_refine_ls_shell.pdbx_phase_error 
_refine_ls_shell.pdbx_fsc_work 
_refine_ls_shell.pdbx_fsc_free 
_refine_ls_shell.R_factor_R_free 
'X-RAY DIFFRACTION' 1.75 1.84  . . 125 2312 92.59 . . . . 0.2486 . . . . . . . . . . . . . . . 0.3377 
'X-RAY DIFFRACTION' 1.84 1.95  . . 131 2404 95.77 . . . . 0.2139 . . . . . . . . . . . . . . . 0.2594 
'X-RAY DIFFRACTION' 1.95 2.10  . . 128 2473 96.98 . . . . 0.1976 . . . . . . . . . . . . . . . 0.2242 
'X-RAY DIFFRACTION' 2.10 2.32  . . 123 2461 98.03 . . . . 0.1944 . . . . . . . . . . . . . . . 0.2266 
'X-RAY DIFFRACTION' 2.32 2.65  . . 119 2558 99.37 . . . . 0.1919 . . . . . . . . . . . . . . . 0.2265 
'X-RAY DIFFRACTION' 2.65 3.34  . . 140 2580 99.96 . . . . 0.1860 . . . . . . . . . . . . . . . 0.2203 
'X-RAY DIFFRACTION' 3.34 28.49 . . 151 2699 99.58 . . . . 0.1935 . . . . . . . . . . . . . . . 0.1810 
# 
_struct.entry_id                     9NXI 
_struct.title                        'CBM42 domain of alpha-l-arabinofuranosidase (AtAbf43C) from Acetivibrio thermocellus DSM1313' 
_struct.pdbx_model_details           ? 
_struct.pdbx_formula_weight          ? 
_struct.pdbx_formula_weight_method   ? 
_struct.pdbx_model_type_details      ? 
_struct.pdbx_CASP_flag               N 
# 
_struct_keywords.entry_id        9NXI 
_struct_keywords.text            'FIVE-BLADED BETA PROPELLER, BETA-TREFOIL, HYDROLASE, FUROSIDASE' 
_struct_keywords.pdbx_keywords   HYDROLASE 
# 
loop_
_struct_asym.id 
_struct_asym.pdbx_blank_PDB_chainid_flag 
_struct_asym.pdbx_modified 
_struct_asym.entity_id 
_struct_asym.details 
A N N 1 ? 
B N N 2 ? 
C N N 3 ? 
# 
_struct_ref.id                         1 
_struct_ref.db_name                    UNP 
_struct_ref.db_code                    A3DHB3_ACET2 
_struct_ref.pdbx_db_accession          A3DHB3 
_struct_ref.pdbx_db_isoform            ? 
_struct_ref.entity_id                  1 
_struct_ref.pdbx_seq_one_letter_code   
;TGADGAIAKLQSYNYSHMYIRNANFDVRIDDNVTPETDAQWVLVPGLANSGEGYVSIQSVDHLGYYLRHWNYDFRLEKND
GTRIFAEDATFKMVPGLADPSYTSFQSYNYPTRYIRHYNYLLRLDEIVTALDREDATFRVIDSSSVD
;
_struct_ref.pdbx_align_begin           21 
# 
_struct_ref_seq.align_id                      1 
_struct_ref_seq.ref_id                        1 
_struct_ref_seq.pdbx_PDB_id_code              9NXI 
_struct_ref_seq.pdbx_strand_id                A 
_struct_ref_seq.seq_align_beg                 2 
_struct_ref_seq.pdbx_seq_align_beg_ins_code   ? 
_struct_ref_seq.seq_align_end                 148 
_struct_ref_seq.pdbx_seq_align_end_ins_code   ? 
_struct_ref_seq.pdbx_db_accession             A3DHB3 
_struct_ref_seq.db_align_beg                  21 
_struct_ref_seq.pdbx_db_align_beg_ins_code    ? 
_struct_ref_seq.db_align_end                  167 
_struct_ref_seq.pdbx_db_align_end_ins_code    ? 
_struct_ref_seq.pdbx_auth_seq_align_beg       2 
_struct_ref_seq.pdbx_auth_seq_align_end       148 
# 
loop_
_struct_ref_seq_dif.align_id 
_struct_ref_seq_dif.pdbx_pdb_id_code 
_struct_ref_seq_dif.mon_id 
_struct_ref_seq_dif.pdbx_pdb_strand_id 
_struct_ref_seq_dif.seq_num 
_struct_ref_seq_dif.pdbx_pdb_ins_code 
_struct_ref_seq_dif.pdbx_seq_db_name 
_struct_ref_seq_dif.pdbx_seq_db_accession_code 
_struct_ref_seq_dif.db_mon_id 
_struct_ref_seq_dif.pdbx_seq_db_seq_num 
_struct_ref_seq_dif.details 
_struct_ref_seq_dif.pdbx_auth_seq_num 
_struct_ref_seq_dif.pdbx_ordinal 
1 9NXI MET A 1   ? UNP A3DHB3 ? ? 'initiating methionine' 1   1 
1 9NXI LEU A 149 ? UNP A3DHB3 ? ? 'expression tag'        149 2 
1 9NXI GLU A 150 ? UNP A3DHB3 ? ? 'expression tag'        150 3 
1 9NXI HIS A 151 ? UNP A3DHB3 ? ? 'expression tag'        151 4 
1 9NXI HIS A 152 ? UNP A3DHB3 ? ? 'expression tag'        152 5 
1 9NXI HIS A 153 ? UNP A3DHB3 ? ? 'expression tag'        153 6 
1 9NXI HIS A 154 ? UNP A3DHB3 ? ? 'expression tag'        154 7 
1 9NXI HIS A 155 ? UNP A3DHB3 ? ? 'expression tag'        155 8 
1 9NXI HIS A 156 ? UNP A3DHB3 ? ? 'expression tag'        156 9 
# 
_pdbx_struct_assembly.id                   1 
_pdbx_struct_assembly.details              author_defined_assembly 
_pdbx_struct_assembly.method_details       ? 
_pdbx_struct_assembly.oligomeric_details   monomeric 
_pdbx_struct_assembly.oligomeric_count     1 
# 
_pdbx_struct_assembly_gen.assembly_id       1 
_pdbx_struct_assembly_gen.oper_expression   1 
_pdbx_struct_assembly_gen.asym_id_list      A,B,C 
# 
_pdbx_struct_assembly_auth_evidence.id                     1 
_pdbx_struct_assembly_auth_evidence.assembly_id            1 
_pdbx_struct_assembly_auth_evidence.experimental_support   'gel filtration' 
_pdbx_struct_assembly_auth_evidence.details                ? 
# 
_pdbx_struct_oper_list.id                   1 
_pdbx_struct_oper_list.type                 'identity operation' 
_pdbx_struct_oper_list.name                 1_555 
_pdbx_struct_oper_list.symmetry_operation   x,y,z 
_pdbx_struct_oper_list.matrix[1][1]         1.0000000000 
_pdbx_struct_oper_list.matrix[1][2]         0.0000000000 
_pdbx_struct_oper_list.matrix[1][3]         0.0000000000 
_pdbx_struct_oper_list.vector[1]            0.0000000000 
_pdbx_struct_oper_list.matrix[2][1]         0.0000000000 
_pdbx_struct_oper_list.matrix[2][2]         1.0000000000 
_pdbx_struct_oper_list.matrix[2][3]         0.0000000000 
_pdbx_struct_oper_list.vector[2]            0.0000000000 
_pdbx_struct_oper_list.matrix[3][1]         0.0000000000 
_pdbx_struct_oper_list.matrix[3][2]         0.0000000000 
_pdbx_struct_oper_list.matrix[3][3]         1.0000000000 
_pdbx_struct_oper_list.vector[3]            0.0000000000 
# 
loop_
_struct_conf.conf_type_id 
_struct_conf.id 
_struct_conf.pdbx_PDB_helix_id 
_struct_conf.beg_label_comp_id 
_struct_conf.beg_label_asym_id 
_struct_conf.beg_label_seq_id 
_struct_conf.pdbx_beg_PDB_ins_code 
_struct_conf.end_label_comp_id 
_struct_conf.end_label_asym_id 
_struct_conf.end_label_seq_id 
_struct_conf.pdbx_end_PDB_ins_code 
_struct_conf.beg_auth_comp_id 
_struct_conf.beg_auth_asym_id 
_struct_conf.beg_auth_seq_id 
_struct_conf.end_auth_comp_id 
_struct_conf.end_auth_asym_id 
_struct_conf.end_auth_seq_id 
_struct_conf.pdbx_PDB_helix_class 
_struct_conf.details 
_struct_conf.pdbx_PDB_helix_length 
HELX_P HELX_P1 AA1 PRO A 36  ? ALA A 40  ? PRO A 36  ALA A 40  5 ? 5 
HELX_P HELX_P2 AA2 THR A 83  ? ALA A 90  ? THR A 83  ALA A 90  1 ? 8 
HELX_P HELX_P3 AA3 THR A 130 ? ALA A 137 ? THR A 130 ALA A 137 1 ? 8 
# 
_struct_conf_type.id          HELX_P 
_struct_conf_type.criteria    ? 
_struct_conf_type.reference   ? 
# 
_struct_mon_prot_cis.pdbx_id                1 
_struct_mon_prot_cis.label_comp_id          THR 
_struct_mon_prot_cis.label_seq_id           35 
_struct_mon_prot_cis.label_asym_id          A 
_struct_mon_prot_cis.label_alt_id           . 
_struct_mon_prot_cis.pdbx_PDB_ins_code      ? 
_struct_mon_prot_cis.auth_comp_id           THR 
_struct_mon_prot_cis.auth_seq_id            35 
_struct_mon_prot_cis.auth_asym_id           A 
_struct_mon_prot_cis.pdbx_label_comp_id_2   PRO 
_struct_mon_prot_cis.pdbx_label_seq_id_2    36 
_struct_mon_prot_cis.pdbx_label_asym_id_2   A 
_struct_mon_prot_cis.pdbx_PDB_ins_code_2    ? 
_struct_mon_prot_cis.pdbx_auth_comp_id_2    PRO 
_struct_mon_prot_cis.pdbx_auth_seq_id_2     36 
_struct_mon_prot_cis.pdbx_auth_asym_id_2    A 
_struct_mon_prot_cis.pdbx_PDB_model_num     1 
_struct_mon_prot_cis.pdbx_omega_angle       -4.26 
# 
loop_
_struct_sheet.id 
_struct_sheet.type 
_struct_sheet.number_strands 
_struct_sheet.details 
AA1 ? 7 ? 
AA2 ? 2 ? 
AA3 ? 2 ? 
AA4 ? 2 ? 
# 
loop_
_struct_sheet_order.sheet_id 
_struct_sheet_order.range_id_1 
_struct_sheet_order.range_id_2 
_struct_sheet_order.offset 
_struct_sheet_order.sense 
AA1 1 2 ? anti-parallel 
AA1 2 3 ? anti-parallel 
AA1 3 4 ? anti-parallel 
AA1 4 5 ? anti-parallel 
AA1 5 6 ? anti-parallel 
AA1 6 7 ? anti-parallel 
AA2 1 2 ? anti-parallel 
AA3 1 2 ? anti-parallel 
AA4 1 2 ? anti-parallel 
# 
loop_
_struct_sheet_range.sheet_id 
_struct_sheet_range.id 
_struct_sheet_range.beg_label_comp_id 
_struct_sheet_range.beg_label_asym_id 
_struct_sheet_range.beg_label_seq_id 
_struct_sheet_range.pdbx_beg_PDB_ins_code 
_struct_sheet_range.end_label_comp_id 
_struct_sheet_range.end_label_asym_id 
_struct_sheet_range.end_label_seq_id 
_struct_sheet_range.pdbx_end_PDB_ins_code 
_struct_sheet_range.beg_auth_comp_id 
_struct_sheet_range.beg_auth_asym_id 
_struct_sheet_range.beg_auth_seq_id 
_struct_sheet_range.end_auth_comp_id 
_struct_sheet_range.end_auth_asym_id 
_struct_sheet_range.end_auth_seq_id 
AA1 1 ILE A 8   ? SER A 13  ? ILE A 8   SER A 13  
AA1 2 TRP A 42  ? PRO A 46  ? TRP A 42  PRO A 46  
AA1 3 TYR A 55  ? SER A 60  ? TYR A 55  SER A 60  
AA1 4 PHE A 92  ? PRO A 96  ? PHE A 92  PRO A 96  
AA1 5 THR A 104 ? SER A 108 ? THR A 104 SER A 108 
AA1 6 PHE A 139 ? ILE A 142 ? PHE A 139 ILE A 142 
AA1 7 ILE A 8   ? SER A 13  ? ILE A 8   SER A 13  
AA2 1 TYR A 20  ? ALA A 24  ? TYR A 20  ALA A 24  
AA2 2 ASP A 27  ? ASP A 31  ? ASP A 27  ASP A 31  
AA3 1 TYR A 66  ? TRP A 71  ? TYR A 66  TRP A 71  
AA3 2 ASP A 74  ? LYS A 79  ? ASP A 74  LYS A 79  
AA4 1 ARG A 114 ? TYR A 119 ? ARG A 114 TYR A 119 
AA4 2 LEU A 122 ? GLU A 127 ? LEU A 122 GLU A 127 
# 
loop_
_pdbx_struct_sheet_hbond.sheet_id 
_pdbx_struct_sheet_hbond.range_id_1 
_pdbx_struct_sheet_hbond.range_id_2 
_pdbx_struct_sheet_hbond.range_1_label_atom_id 
_pdbx_struct_sheet_hbond.range_1_label_comp_id 
_pdbx_struct_sheet_hbond.range_1_label_asym_id 
_pdbx_struct_sheet_hbond.range_1_label_seq_id 
_pdbx_struct_sheet_hbond.range_1_PDB_ins_code 
_pdbx_struct_sheet_hbond.range_1_auth_atom_id 
_pdbx_struct_sheet_hbond.range_1_auth_comp_id 
_pdbx_struct_sheet_hbond.range_1_auth_asym_id 
_pdbx_struct_sheet_hbond.range_1_auth_seq_id 
_pdbx_struct_sheet_hbond.range_2_label_atom_id 
_pdbx_struct_sheet_hbond.range_2_label_comp_id 
_pdbx_struct_sheet_hbond.range_2_label_asym_id 
_pdbx_struct_sheet_hbond.range_2_label_seq_id 
_pdbx_struct_sheet_hbond.range_2_PDB_ins_code 
_pdbx_struct_sheet_hbond.range_2_auth_atom_id 
_pdbx_struct_sheet_hbond.range_2_auth_comp_id 
_pdbx_struct_sheet_hbond.range_2_auth_asym_id 
_pdbx_struct_sheet_hbond.range_2_auth_seq_id 
AA1 1 2 N ALA A 9   ? N ALA A 9   O TRP A 42  ? O TRP A 42  
AA1 2 3 N VAL A 43  ? N VAL A 43  O GLN A 59  ? O GLN A 59  
AA1 3 4 N VAL A 56  ? N VAL A 56  O PHE A 92  ? O PHE A 92  
AA1 4 5 N LYS A 93  ? N LYS A 93  O GLN A 107 ? O GLN A 107 
AA1 5 6 N THR A 104 ? N THR A 104 O PHE A 139 ? O PHE A 139 
AA1 6 7 O ARG A 140 ? O ARG A 140 N GLN A 12  ? N GLN A 12  
AA2 1 2 N ARG A 22  ? N ARG A 22  O ARG A 29  ? O ARG A 29  
AA3 1 2 N ARG A 69  ? N ARG A 69  O ARG A 76  ? O ARG A 76  
AA4 1 2 N ARG A 117 ? N ARG A 117 O ARG A 124 ? O ARG A 124 
# 
_pdbx_entry_details.entry_id                   9NXI 
_pdbx_entry_details.nonpolymer_details         ? 
_pdbx_entry_details.sequence_details           ? 
_pdbx_entry_details.compound_details           ? 
_pdbx_entry_details.source_details             ? 
_pdbx_entry_details.has_ligand_of_interest     N 
_pdbx_entry_details.has_protein_modification   N 
# 
loop_
_pdbx_validate_torsion.id 
_pdbx_validate_torsion.PDB_model_num 
_pdbx_validate_torsion.auth_comp_id 
_pdbx_validate_torsion.auth_asym_id 
_pdbx_validate_torsion.auth_seq_id 
_pdbx_validate_torsion.PDB_ins_code 
_pdbx_validate_torsion.label_alt_id 
_pdbx_validate_torsion.phi 
_pdbx_validate_torsion.psi 
1 1 PHE A 26  ? ? 70.15   -7.61   
2 1 ASN A 72  ? ? 53.61   -114.83 
3 1 ASP A 100 ? ? -169.24 109.30  
4 1 TYR A 103 ? ? -100.47 -159.99 
5 1 ASN A 120 ? ? 49.02   -121.66 
6 1 ASN A 120 ? ? 47.56   -120.96 
# 
_pdbx_struct_special_symmetry.id              1 
_pdbx_struct_special_symmetry.PDB_model_num   1 
_pdbx_struct_special_symmetry.auth_asym_id    A 
_pdbx_struct_special_symmetry.auth_comp_id    HOH 
_pdbx_struct_special_symmetry.auth_seq_id     335 
_pdbx_struct_special_symmetry.PDB_ins_code    ? 
_pdbx_struct_special_symmetry.label_asym_id   C 
_pdbx_struct_special_symmetry.label_comp_id   HOH 
_pdbx_struct_special_symmetry.label_seq_id    . 
# 
loop_
_space_group_symop.id 
_space_group_symop.operation_xyz 
1 x,y,z           
2 x+1/2,-y+1/2,-z 
3 -x+1/2,y+1/2,-z 
4 -x,-y,z         
# 
loop_
_pdbx_unobs_or_zero_occ_residues.id 
_pdbx_unobs_or_zero_occ_residues.PDB_model_num 
_pdbx_unobs_or_zero_occ_residues.polymer_flag 
_pdbx_unobs_or_zero_occ_residues.occupancy_flag 
_pdbx_unobs_or_zero_occ_residues.auth_asym_id 
_pdbx_unobs_or_zero_occ_residues.auth_comp_id 
_pdbx_unobs_or_zero_occ_residues.auth_seq_id 
_pdbx_unobs_or_zero_occ_residues.PDB_ins_code 
_pdbx_unobs_or_zero_occ_residues.label_asym_id 
_pdbx_unobs_or_zero_occ_residues.label_comp_id 
_pdbx_unobs_or_zero_occ_residues.label_seq_id 
1  1 Y 1 A MET 1   ? A MET 1   
2  1 Y 1 A THR 2   ? A THR 2   
3  1 Y 1 A GLY 3   ? A GLY 3   
4  1 Y 1 A ALA 4   ? A ALA 4   
5  1 Y 1 A ASP 5   ? A ASP 5   
6  1 Y 1 A GLY 6   ? A GLY 6   
7  1 Y 1 A SER 144 ? A SER 144 
8  1 Y 1 A SER 145 ? A SER 145 
9  1 Y 1 A SER 146 ? A SER 146 
10 1 Y 1 A VAL 147 ? A VAL 147 
11 1 Y 1 A ASP 148 ? A ASP 148 
12 1 Y 1 A LEU 149 ? A LEU 149 
13 1 Y 1 A GLU 150 ? A GLU 150 
14 1 Y 1 A HIS 151 ? A HIS 151 
15 1 Y 1 A HIS 152 ? A HIS 152 
16 1 Y 1 A HIS 153 ? A HIS 153 
17 1 Y 1 A HIS 154 ? A HIS 154 
18 1 Y 1 A HIS 155 ? A HIS 155 
19 1 Y 1 A HIS 156 ? A HIS 156 
# 
loop_
_chem_comp_atom.comp_id 
_chem_comp_atom.atom_id 
_chem_comp_atom.type_symbol 
_chem_comp_atom.pdbx_aromatic_flag 
_chem_comp_atom.pdbx_stereo_config 
_chem_comp_atom.pdbx_ordinal 
ALA N    N N N 1   
ALA CA   C N S 2   
ALA C    C N N 3   
ALA O    O N N 4   
ALA CB   C N N 5   
ALA OXT  O N N 6   
ALA H    H N N 7   
ALA H2   H N N 8   
ALA HA   H N N 9   
ALA HB1  H N N 10  
ALA HB2  H N N 11  
ALA HB3  H N N 12  
ALA HXT  H N N 13  
ARG N    N N N 14  
ARG CA   C N S 15  
ARG C    C N N 16  
ARG O    O N N 17  
ARG CB   C N N 18  
ARG CG   C N N 19  
ARG CD   C N N 20  
ARG NE   N N N 21  
ARG CZ   C N N 22  
ARG NH1  N N N 23  
ARG NH2  N N N 24  
ARG OXT  O N N 25  
ARG H    H N N 26  
ARG H2   H N N 27  
ARG HA   H N N 28  
ARG HB2  H N N 29  
ARG HB3  H N N 30  
ARG HG2  H N N 31  
ARG HG3  H N N 32  
ARG HD2  H N N 33  
ARG HD3  H N N 34  
ARG HE   H N N 35  
ARG HH11 H N N 36  
ARG HH12 H N N 37  
ARG HH21 H N N 38  
ARG HH22 H N N 39  
ARG HXT  H N N 40  
ASN N    N N N 41  
ASN CA   C N S 42  
ASN C    C N N 43  
ASN O    O N N 44  
ASN CB   C N N 45  
ASN CG   C N N 46  
ASN OD1  O N N 47  
ASN ND2  N N N 48  
ASN OXT  O N N 49  
ASN H    H N N 50  
ASN H2   H N N 51  
ASN HA   H N N 52  
ASN HB2  H N N 53  
ASN HB3  H N N 54  
ASN HD21 H N N 55  
ASN HD22 H N N 56  
ASN HXT  H N N 57  
ASP N    N N N 58  
ASP CA   C N S 59  
ASP C    C N N 60  
ASP O    O N N 61  
ASP CB   C N N 62  
ASP CG   C N N 63  
ASP OD1  O N N 64  
ASP OD2  O N N 65  
ASP OXT  O N N 66  
ASP H    H N N 67  
ASP H2   H N N 68  
ASP HA   H N N 69  
ASP HB2  H N N 70  
ASP HB3  H N N 71  
ASP HD2  H N N 72  
ASP HXT  H N N 73  
GLN N    N N N 74  
GLN CA   C N S 75  
GLN C    C N N 76  
GLN O    O N N 77  
GLN CB   C N N 78  
GLN CG   C N N 79  
GLN CD   C N N 80  
GLN OE1  O N N 81  
GLN NE2  N N N 82  
GLN OXT  O N N 83  
GLN H    H N N 84  
GLN H2   H N N 85  
GLN HA   H N N 86  
GLN HB2  H N N 87  
GLN HB3  H N N 88  
GLN HG2  H N N 89  
GLN HG3  H N N 90  
GLN HE21 H N N 91  
GLN HE22 H N N 92  
GLN HXT  H N N 93  
GLU N    N N N 94  
GLU CA   C N S 95  
GLU C    C N N 96  
GLU O    O N N 97  
GLU CB   C N N 98  
GLU CG   C N N 99  
GLU CD   C N N 100 
GLU OE1  O N N 101 
GLU OE2  O N N 102 
GLU OXT  O N N 103 
GLU H    H N N 104 
GLU H2   H N N 105 
GLU HA   H N N 106 
GLU HB2  H N N 107 
GLU HB3  H N N 108 
GLU HG2  H N N 109 
GLU HG3  H N N 110 
GLU HE2  H N N 111 
GLU HXT  H N N 112 
GLY N    N N N 113 
GLY CA   C N N 114 
GLY C    C N N 115 
GLY O    O N N 116 
GLY OXT  O N N 117 
GLY H    H N N 118 
GLY H2   H N N 119 
GLY HA2  H N N 120 
GLY HA3  H N N 121 
GLY HXT  H N N 122 
GOL C1   C N N 123 
GOL O1   O N N 124 
GOL C2   C N N 125 
GOL O2   O N N 126 
GOL C3   C N N 127 
GOL O3   O N N 128 
GOL H11  H N N 129 
GOL H12  H N N 130 
GOL HO1  H N N 131 
GOL H2   H N N 132 
GOL HO2  H N N 133 
GOL H31  H N N 134 
GOL H32  H N N 135 
GOL HO3  H N N 136 
HIS N    N N N 137 
HIS CA   C N S 138 
HIS C    C N N 139 
HIS O    O N N 140 
HIS CB   C N N 141 
HIS CG   C Y N 142 
HIS ND1  N Y N 143 
HIS CD2  C Y N 144 
HIS CE1  C Y N 145 
HIS NE2  N Y N 146 
HIS OXT  O N N 147 
HIS H    H N N 148 
HIS H2   H N N 149 
HIS HA   H N N 150 
HIS HB2  H N N 151 
HIS HB3  H N N 152 
HIS HD1  H N N 153 
HIS HD2  H N N 154 
HIS HE1  H N N 155 
HIS HE2  H N N 156 
HIS HXT  H N N 157 
HOH O    O N N 158 
HOH H1   H N N 159 
HOH H2   H N N 160 
ILE N    N N N 161 
ILE CA   C N S 162 
ILE C    C N N 163 
ILE O    O N N 164 
ILE CB   C N S 165 
ILE CG1  C N N 166 
ILE CG2  C N N 167 
ILE CD1  C N N 168 
ILE OXT  O N N 169 
ILE H    H N N 170 
ILE H2   H N N 171 
ILE HA   H N N 172 
ILE HB   H N N 173 
ILE HG12 H N N 174 
ILE HG13 H N N 175 
ILE HG21 H N N 176 
ILE HG22 H N N 177 
ILE HG23 H N N 178 
ILE HD11 H N N 179 
ILE HD12 H N N 180 
ILE HD13 H N N 181 
ILE HXT  H N N 182 
LEU N    N N N 183 
LEU CA   C N S 184 
LEU C    C N N 185 
LEU O    O N N 186 
LEU CB   C N N 187 
LEU CG   C N N 188 
LEU CD1  C N N 189 
LEU CD2  C N N 190 
LEU OXT  O N N 191 
LEU H    H N N 192 
LEU H2   H N N 193 
LEU HA   H N N 194 
LEU HB2  H N N 195 
LEU HB3  H N N 196 
LEU HG   H N N 197 
LEU HD11 H N N 198 
LEU HD12 H N N 199 
LEU HD13 H N N 200 
LEU HD21 H N N 201 
LEU HD22 H N N 202 
LEU HD23 H N N 203 
LEU HXT  H N N 204 
LYS N    N N N 205 
LYS CA   C N S 206 
LYS C    C N N 207 
LYS O    O N N 208 
LYS CB   C N N 209 
LYS CG   C N N 210 
LYS CD   C N N 211 
LYS CE   C N N 212 
LYS NZ   N N N 213 
LYS OXT  O N N 214 
LYS H    H N N 215 
LYS H2   H N N 216 
LYS HA   H N N 217 
LYS HB2  H N N 218 
LYS HB3  H N N 219 
LYS HG2  H N N 220 
LYS HG3  H N N 221 
LYS HD2  H N N 222 
LYS HD3  H N N 223 
LYS HE2  H N N 224 
LYS HE3  H N N 225 
LYS HZ1  H N N 226 
LYS HZ2  H N N 227 
LYS HZ3  H N N 228 
LYS HXT  H N N 229 
MET N    N N N 230 
MET CA   C N S 231 
MET C    C N N 232 
MET O    O N N 233 
MET CB   C N N 234 
MET CG   C N N 235 
MET SD   S N N 236 
MET CE   C N N 237 
MET OXT  O N N 238 
MET H    H N N 239 
MET H2   H N N 240 
MET HA   H N N 241 
MET HB2  H N N 242 
MET HB3  H N N 243 
MET HG2  H N N 244 
MET HG3  H N N 245 
MET HE1  H N N 246 
MET HE2  H N N 247 
MET HE3  H N N 248 
MET HXT  H N N 249 
PHE N    N N N 250 
PHE CA   C N S 251 
PHE C    C N N 252 
PHE O    O N N 253 
PHE CB   C N N 254 
PHE CG   C Y N 255 
PHE CD1  C Y N 256 
PHE CD2  C Y N 257 
PHE CE1  C Y N 258 
PHE CE2  C Y N 259 
PHE CZ   C Y N 260 
PHE OXT  O N N 261 
PHE H    H N N 262 
PHE H2   H N N 263 
PHE HA   H N N 264 
PHE HB2  H N N 265 
PHE HB3  H N N 266 
PHE HD1  H N N 267 
PHE HD2  H N N 268 
PHE HE1  H N N 269 
PHE HE2  H N N 270 
PHE HZ   H N N 271 
PHE HXT  H N N 272 
PRO N    N N N 273 
PRO CA   C N S 274 
PRO C    C N N 275 
PRO O    O N N 276 
PRO CB   C N N 277 
PRO CG   C N N 278 
PRO CD   C N N 279 
PRO OXT  O N N 280 
PRO H    H N N 281 
PRO HA   H N N 282 
PRO HB2  H N N 283 
PRO HB3  H N N 284 
PRO HG2  H N N 285 
PRO HG3  H N N 286 
PRO HD2  H N N 287 
PRO HD3  H N N 288 
PRO HXT  H N N 289 
SER N    N N N 290 
SER CA   C N S 291 
SER C    C N N 292 
SER O    O N N 293 
SER CB   C N N 294 
SER OG   O N N 295 
SER OXT  O N N 296 
SER H    H N N 297 
SER H2   H N N 298 
SER HA   H N N 299 
SER HB2  H N N 300 
SER HB3  H N N 301 
SER HG   H N N 302 
SER HXT  H N N 303 
THR N    N N N 304 
THR CA   C N S 305 
THR C    C N N 306 
THR O    O N N 307 
THR CB   C N R 308 
THR OG1  O N N 309 
THR CG2  C N N 310 
THR OXT  O N N 311 
THR H    H N N 312 
THR H2   H N N 313 
THR HA   H N N 314 
THR HB   H N N 315 
THR HG1  H N N 316 
THR HG21 H N N 317 
THR HG22 H N N 318 
THR HG23 H N N 319 
THR HXT  H N N 320 
TRP N    N N N 321 
TRP CA   C N S 322 
TRP C    C N N 323 
TRP O    O N N 324 
TRP CB   C N N 325 
TRP CG   C Y N 326 
TRP CD1  C Y N 327 
TRP CD2  C Y N 328 
TRP NE1  N Y N 329 
TRP CE2  C Y N 330 
TRP CE3  C Y N 331 
TRP CZ2  C Y N 332 
TRP CZ3  C Y N 333 
TRP CH2  C Y N 334 
TRP OXT  O N N 335 
TRP H    H N N 336 
TRP H2   H N N 337 
TRP HA   H N N 338 
TRP HB2  H N N 339 
TRP HB3  H N N 340 
TRP HD1  H N N 341 
TRP HE1  H N N 342 
TRP HE3  H N N 343 
TRP HZ2  H N N 344 
TRP HZ3  H N N 345 
TRP HH2  H N N 346 
TRP HXT  H N N 347 
TYR N    N N N 348 
TYR CA   C N S 349 
TYR C    C N N 350 
TYR O    O N N 351 
TYR CB   C N N 352 
TYR CG   C Y N 353 
TYR CD1  C Y N 354 
TYR CD2  C Y N 355 
TYR CE1  C Y N 356 
TYR CE2  C Y N 357 
TYR CZ   C Y N 358 
TYR OH   O N N 359 
TYR OXT  O N N 360 
TYR H    H N N 361 
TYR H2   H N N 362 
TYR HA   H N N 363 
TYR HB2  H N N 364 
TYR HB3  H N N 365 
TYR HD1  H N N 366 
TYR HD2  H N N 367 
TYR HE1  H N N 368 
TYR HE2  H N N 369 
TYR HH   H N N 370 
TYR HXT  H N N 371 
VAL N    N N N 372 
VAL CA   C N S 373 
VAL C    C N N 374 
VAL O    O N N 375 
VAL CB   C N N 376 
VAL CG1  C N N 377 
VAL CG2  C N N 378 
VAL OXT  O N N 379 
VAL H    H N N 380 
VAL H2   H N N 381 
VAL HA   H N N 382 
VAL HB   H N N 383 
VAL HG11 H N N 384 
VAL HG12 H N N 385 
VAL HG13 H N N 386 
VAL HG21 H N N 387 
VAL HG22 H N N 388 
VAL HG23 H N N 389 
VAL HXT  H N N 390 
# 
loop_
_chem_comp_bond.comp_id 
_chem_comp_bond.atom_id_1 
_chem_comp_bond.atom_id_2 
_chem_comp_bond.value_order 
_chem_comp_bond.pdbx_aromatic_flag 
_chem_comp_bond.pdbx_stereo_config 
_chem_comp_bond.pdbx_ordinal 
ALA N   CA   sing N N 1   
ALA N   H    sing N N 2   
ALA N   H2   sing N N 3   
ALA CA  C    sing N N 4   
ALA CA  CB   sing N N 5   
ALA CA  HA   sing N N 6   
ALA C   O    doub N N 7   
ALA C   OXT  sing N N 8   
ALA CB  HB1  sing N N 9   
ALA CB  HB2  sing N N 10  
ALA CB  HB3  sing N N 11  
ALA OXT HXT  sing N N 12  
ARG N   CA   sing N N 13  
ARG N   H    sing N N 14  
ARG N   H2   sing N N 15  
ARG CA  C    sing N N 16  
ARG CA  CB   sing N N 17  
ARG CA  HA   sing N N 18  
ARG C   O    doub N N 19  
ARG C   OXT  sing N N 20  
ARG CB  CG   sing N N 21  
ARG CB  HB2  sing N N 22  
ARG CB  HB3  sing N N 23  
ARG CG  CD   sing N N 24  
ARG CG  HG2  sing N N 25  
ARG CG  HG3  sing N N 26  
ARG CD  NE   sing N N 27  
ARG CD  HD2  sing N N 28  
ARG CD  HD3  sing N N 29  
ARG NE  CZ   sing N N 30  
ARG NE  HE   sing N N 31  
ARG CZ  NH1  sing N N 32  
ARG CZ  NH2  doub N N 33  
ARG NH1 HH11 sing N N 34  
ARG NH1 HH12 sing N N 35  
ARG NH2 HH21 sing N N 36  
ARG NH2 HH22 sing N N 37  
ARG OXT HXT  sing N N 38  
ASN N   CA   sing N N 39  
ASN N   H    sing N N 40  
ASN N   H2   sing N N 41  
ASN CA  C    sing N N 42  
ASN CA  CB   sing N N 43  
ASN CA  HA   sing N N 44  
ASN C   O    doub N N 45  
ASN C   OXT  sing N N 46  
ASN CB  CG   sing N N 47  
ASN CB  HB2  sing N N 48  
ASN CB  HB3  sing N N 49  
ASN CG  OD1  doub N N 50  
ASN CG  ND2  sing N N 51  
ASN ND2 HD21 sing N N 52  
ASN ND2 HD22 sing N N 53  
ASN OXT HXT  sing N N 54  
ASP N   CA   sing N N 55  
ASP N   H    sing N N 56  
ASP N   H2   sing N N 57  
ASP CA  C    sing N N 58  
ASP CA  CB   sing N N 59  
ASP CA  HA   sing N N 60  
ASP C   O    doub N N 61  
ASP C   OXT  sing N N 62  
ASP CB  CG   sing N N 63  
ASP CB  HB2  sing N N 64  
ASP CB  HB3  sing N N 65  
ASP CG  OD1  doub N N 66  
ASP CG  OD2  sing N N 67  
ASP OD2 HD2  sing N N 68  
ASP OXT HXT  sing N N 69  
GLN N   CA   sing N N 70  
GLN N   H    sing N N 71  
GLN N   H2   sing N N 72  
GLN CA  C    sing N N 73  
GLN CA  CB   sing N N 74  
GLN CA  HA   sing N N 75  
GLN C   O    doub N N 76  
GLN C   OXT  sing N N 77  
GLN CB  CG   sing N N 78  
GLN CB  HB2  sing N N 79  
GLN CB  HB3  sing N N 80  
GLN CG  CD   sing N N 81  
GLN CG  HG2  sing N N 82  
GLN CG  HG3  sing N N 83  
GLN CD  OE1  doub N N 84  
GLN CD  NE2  sing N N 85  
GLN NE2 HE21 sing N N 86  
GLN NE2 HE22 sing N N 87  
GLN OXT HXT  sing N N 88  
GLU N   CA   sing N N 89  
GLU N   H    sing N N 90  
GLU N   H2   sing N N 91  
GLU CA  C    sing N N 92  
GLU CA  CB   sing N N 93  
GLU CA  HA   sing N N 94  
GLU C   O    doub N N 95  
GLU C   OXT  sing N N 96  
GLU CB  CG   sing N N 97  
GLU CB  HB2  sing N N 98  
GLU CB  HB3  sing N N 99  
GLU CG  CD   sing N N 100 
GLU CG  HG2  sing N N 101 
GLU CG  HG3  sing N N 102 
GLU CD  OE1  doub N N 103 
GLU CD  OE2  sing N N 104 
GLU OE2 HE2  sing N N 105 
GLU OXT HXT  sing N N 106 
GLY N   CA   sing N N 107 
GLY N   H    sing N N 108 
GLY N   H2   sing N N 109 
GLY CA  C    sing N N 110 
GLY CA  HA2  sing N N 111 
GLY CA  HA3  sing N N 112 
GLY C   O    doub N N 113 
GLY C   OXT  sing N N 114 
GLY OXT HXT  sing N N 115 
GOL C1  O1   sing N N 116 
GOL C1  C2   sing N N 117 
GOL C1  H11  sing N N 118 
GOL C1  H12  sing N N 119 
GOL O1  HO1  sing N N 120 
GOL C2  O2   sing N N 121 
GOL C2  C3   sing N N 122 
GOL C2  H2   sing N N 123 
GOL O2  HO2  sing N N 124 
GOL C3  O3   sing N N 125 
GOL C3  H31  sing N N 126 
GOL C3  H32  sing N N 127 
GOL O3  HO3  sing N N 128 
HIS N   CA   sing N N 129 
HIS N   H    sing N N 130 
HIS N   H2   sing N N 131 
HIS CA  C    sing N N 132 
HIS CA  CB   sing N N 133 
HIS CA  HA   sing N N 134 
HIS C   O    doub N N 135 
HIS C   OXT  sing N N 136 
HIS CB  CG   sing N N 137 
HIS CB  HB2  sing N N 138 
HIS CB  HB3  sing N N 139 
HIS CG  ND1  sing Y N 140 
HIS CG  CD2  doub Y N 141 
HIS ND1 CE1  doub Y N 142 
HIS ND1 HD1  sing N N 143 
HIS CD2 NE2  sing Y N 144 
HIS CD2 HD2  sing N N 145 
HIS CE1 NE2  sing Y N 146 
HIS CE1 HE1  sing N N 147 
HIS NE2 HE2  sing N N 148 
HIS OXT HXT  sing N N 149 
HOH O   H1   sing N N 150 
HOH O   H2   sing N N 151 
ILE N   CA   sing N N 152 
ILE N   H    sing N N 153 
ILE N   H2   sing N N 154 
ILE CA  C    sing N N 155 
ILE CA  CB   sing N N 156 
ILE CA  HA   sing N N 157 
ILE C   O    doub N N 158 
ILE C   OXT  sing N N 159 
ILE CB  CG1  sing N N 160 
ILE CB  CG2  sing N N 161 
ILE CB  HB   sing N N 162 
ILE CG1 CD1  sing N N 163 
ILE CG1 HG12 sing N N 164 
ILE CG1 HG13 sing N N 165 
ILE CG2 HG21 sing N N 166 
ILE CG2 HG22 sing N N 167 
ILE CG2 HG23 sing N N 168 
ILE CD1 HD11 sing N N 169 
ILE CD1 HD12 sing N N 170 
ILE CD1 HD13 sing N N 171 
ILE OXT HXT  sing N N 172 
LEU N   CA   sing N N 173 
LEU N   H    sing N N 174 
LEU N   H2   sing N N 175 
LEU CA  C    sing N N 176 
LEU CA  CB   sing N N 177 
LEU CA  HA   sing N N 178 
LEU C   O    doub N N 179 
LEU C   OXT  sing N N 180 
LEU CB  CG   sing N N 181 
LEU CB  HB2  sing N N 182 
LEU CB  HB3  sing N N 183 
LEU CG  CD1  sing N N 184 
LEU CG  CD2  sing N N 185 
LEU CG  HG   sing N N 186 
LEU CD1 HD11 sing N N 187 
LEU CD1 HD12 sing N N 188 
LEU CD1 HD13 sing N N 189 
LEU CD2 HD21 sing N N 190 
LEU CD2 HD22 sing N N 191 
LEU CD2 HD23 sing N N 192 
LEU OXT HXT  sing N N 193 
LYS N   CA   sing N N 194 
LYS N   H    sing N N 195 
LYS N   H2   sing N N 196 
LYS CA  C    sing N N 197 
LYS CA  CB   sing N N 198 
LYS CA  HA   sing N N 199 
LYS C   O    doub N N 200 
LYS C   OXT  sing N N 201 
LYS CB  CG   sing N N 202 
LYS CB  HB2  sing N N 203 
LYS CB  HB3  sing N N 204 
LYS CG  CD   sing N N 205 
LYS CG  HG2  sing N N 206 
LYS CG  HG3  sing N N 207 
LYS CD  CE   sing N N 208 
LYS CD  HD2  sing N N 209 
LYS CD  HD3  sing N N 210 
LYS CE  NZ   sing N N 211 
LYS CE  HE2  sing N N 212 
LYS CE  HE3  sing N N 213 
LYS NZ  HZ1  sing N N 214 
LYS NZ  HZ2  sing N N 215 
LYS NZ  HZ3  sing N N 216 
LYS OXT HXT  sing N N 217 
MET N   CA   sing N N 218 
MET N   H    sing N N 219 
MET N   H2   sing N N 220 
MET CA  C    sing N N 221 
MET CA  CB   sing N N 222 
MET CA  HA   sing N N 223 
MET C   O    doub N N 224 
MET C   OXT  sing N N 225 
MET CB  CG   sing N N 226 
MET CB  HB2  sing N N 227 
MET CB  HB3  sing N N 228 
MET CG  SD   sing N N 229 
MET CG  HG2  sing N N 230 
MET CG  HG3  sing N N 231 
MET SD  CE   sing N N 232 
MET CE  HE1  sing N N 233 
MET CE  HE2  sing N N 234 
MET CE  HE3  sing N N 235 
MET OXT HXT  sing N N 236 
PHE N   CA   sing N N 237 
PHE N   H    sing N N 238 
PHE N   H2   sing N N 239 
PHE CA  C    sing N N 240 
PHE CA  CB   sing N N 241 
PHE CA  HA   sing N N 242 
PHE C   O    doub N N 243 
PHE C   OXT  sing N N 244 
PHE CB  CG   sing N N 245 
PHE CB  HB2  sing N N 246 
PHE CB  HB3  sing N N 247 
PHE CG  CD1  doub Y N 248 
PHE CG  CD2  sing Y N 249 
PHE CD1 CE1  sing Y N 250 
PHE CD1 HD1  sing N N 251 
PHE CD2 CE2  doub Y N 252 
PHE CD2 HD2  sing N N 253 
PHE CE1 CZ   doub Y N 254 
PHE CE1 HE1  sing N N 255 
PHE CE2 CZ   sing Y N 256 
PHE CE2 HE2  sing N N 257 
PHE CZ  HZ   sing N N 258 
PHE OXT HXT  sing N N 259 
PRO N   CA   sing N N 260 
PRO N   CD   sing N N 261 
PRO N   H    sing N N 262 
PRO CA  C    sing N N 263 
PRO CA  CB   sing N N 264 
PRO CA  HA   sing N N 265 
PRO C   O    doub N N 266 
PRO C   OXT  sing N N 267 
PRO CB  CG   sing N N 268 
PRO CB  HB2  sing N N 269 
PRO CB  HB3  sing N N 270 
PRO CG  CD   sing N N 271 
PRO CG  HG2  sing N N 272 
PRO CG  HG3  sing N N 273 
PRO CD  HD2  sing N N 274 
PRO CD  HD3  sing N N 275 
PRO OXT HXT  sing N N 276 
SER N   CA   sing N N 277 
SER N   H    sing N N 278 
SER N   H2   sing N N 279 
SER CA  C    sing N N 280 
SER CA  CB   sing N N 281 
SER CA  HA   sing N N 282 
SER C   O    doub N N 283 
SER C   OXT  sing N N 284 
SER CB  OG   sing N N 285 
SER CB  HB2  sing N N 286 
SER CB  HB3  sing N N 287 
SER OG  HG   sing N N 288 
SER OXT HXT  sing N N 289 
THR N   CA   sing N N 290 
THR N   H    sing N N 291 
THR N   H2   sing N N 292 
THR CA  C    sing N N 293 
THR CA  CB   sing N N 294 
THR CA  HA   sing N N 295 
THR C   O    doub N N 296 
THR C   OXT  sing N N 297 
THR CB  OG1  sing N N 298 
THR CB  CG2  sing N N 299 
THR CB  HB   sing N N 300 
THR OG1 HG1  sing N N 301 
THR CG2 HG21 sing N N 302 
THR CG2 HG22 sing N N 303 
THR CG2 HG23 sing N N 304 
THR OXT HXT  sing N N 305 
TRP N   CA   sing N N 306 
TRP N   H    sing N N 307 
TRP N   H2   sing N N 308 
TRP CA  C    sing N N 309 
TRP CA  CB   sing N N 310 
TRP CA  HA   sing N N 311 
TRP C   O    doub N N 312 
TRP C   OXT  sing N N 313 
TRP CB  CG   sing N N 314 
TRP CB  HB2  sing N N 315 
TRP CB  HB3  sing N N 316 
TRP CG  CD1  doub Y N 317 
TRP CG  CD2  sing Y N 318 
TRP CD1 NE1  sing Y N 319 
TRP CD1 HD1  sing N N 320 
TRP CD2 CE2  doub Y N 321 
TRP CD2 CE3  sing Y N 322 
TRP NE1 CE2  sing Y N 323 
TRP NE1 HE1  sing N N 324 
TRP CE2 CZ2  sing Y N 325 
TRP CE3 CZ3  doub Y N 326 
TRP CE3 HE3  sing N N 327 
TRP CZ2 CH2  doub Y N 328 
TRP CZ2 HZ2  sing N N 329 
TRP CZ3 CH2  sing Y N 330 
TRP CZ3 HZ3  sing N N 331 
TRP CH2 HH2  sing N N 332 
TRP OXT HXT  sing N N 333 
TYR N   CA   sing N N 334 
TYR N   H    sing N N 335 
TYR N   H2   sing N N 336 
TYR CA  C    sing N N 337 
TYR CA  CB   sing N N 338 
TYR CA  HA   sing N N 339 
TYR C   O    doub N N 340 
TYR C   OXT  sing N N 341 
TYR CB  CG   sing N N 342 
TYR CB  HB2  sing N N 343 
TYR CB  HB3  sing N N 344 
TYR CG  CD1  doub Y N 345 
TYR CG  CD2  sing Y N 346 
TYR CD1 CE1  sing Y N 347 
TYR CD1 HD1  sing N N 348 
TYR CD2 CE2  doub Y N 349 
TYR CD2 HD2  sing N N 350 
TYR CE1 CZ   doub Y N 351 
TYR CE1 HE1  sing N N 352 
TYR CE2 CZ   sing Y N 353 
TYR CE2 HE2  sing N N 354 
TYR CZ  OH   sing N N 355 
TYR OH  HH   sing N N 356 
TYR OXT HXT  sing N N 357 
VAL N   CA   sing N N 358 
VAL N   H    sing N N 359 
VAL N   H2   sing N N 360 
VAL CA  C    sing N N 361 
VAL CA  CB   sing N N 362 
VAL CA  HA   sing N N 363 
VAL C   O    doub N N 364 
VAL C   OXT  sing N N 365 
VAL CB  CG1  sing N N 366 
VAL CB  CG2  sing N N 367 
VAL CB  HB   sing N N 368 
VAL CG1 HG11 sing N N 369 
VAL CG1 HG12 sing N N 370 
VAL CG1 HG13 sing N N 371 
VAL CG2 HG21 sing N N 372 
VAL CG2 HG22 sing N N 373 
VAL CG2 HG23 sing N N 374 
VAL OXT HXT  sing N N 375 
# 
_pdbx_audit_support.funding_organization   'Other private' 
_pdbx_audit_support.country                'United States' 
_pdbx_audit_support.grant_number           
'Energy Research Fund administered by the Andlinger Center for Energy and the Environment at Princeton University' 
_pdbx_audit_support.ordinal                1 
# 
_pdbx_initial_refinement_model.id               1 
_pdbx_initial_refinement_model.entity_id_list   ? 
_pdbx_initial_refinement_model.type             'in silico model' 
_pdbx_initial_refinement_model.source_name      AlphaFold 
_pdbx_initial_refinement_model.accession_code   ? 
_pdbx_initial_refinement_model.details          ? 
# 
_space_group.name_H-M_alt     'P 21 21 2' 
_space_group.name_Hall        'P 2 2ab' 
_space_group.IT_number        18 
_space_group.crystal_system   orthorhombic 
_space_group.id               1 
# 
_atom_sites.entry_id                    9NXI 
_atom_sites.Cartn_transf_matrix[1][1]   ? 
_atom_sites.Cartn_transf_matrix[1][2]   ? 
_atom_sites.Cartn_transf_matrix[1][3]   ? 
_atom_sites.Cartn_transf_matrix[2][1]   ? 
_atom_sites.Cartn_transf_matrix[2][2]   ? 
_atom_sites.Cartn_transf_matrix[2][3]   ? 
_atom_sites.Cartn_transf_matrix[3][1]   ? 
_atom_sites.Cartn_transf_matrix[3][2]   ? 
_atom_sites.Cartn_transf_matrix[3][3]   ? 
_atom_sites.Cartn_transf_vector[1]      ? 
_atom_sites.Cartn_transf_vector[2]      ? 
_atom_sites.Cartn_transf_vector[3]      ? 
_atom_sites.Cartn_transform_axes        ? 
_atom_sites.fract_transf_matrix[1][1]   -0.00326294 
_atom_sites.fract_transf_matrix[1][2]   0.01704207 
_atom_sites.fract_transf_matrix[1][3]   -0.01138455 
_atom_sites.fract_transf_matrix[2][1]   0.00036548 
_atom_sites.fract_transf_matrix[2][2]   0.00571447 
_atom_sites.fract_transf_matrix[2][3]   0.00844951 
_atom_sites.fract_transf_matrix[3][1]   0.02605352 
_atom_sites.fract_transf_matrix[3][2]   0.00291743 
_atom_sites.fract_transf_matrix[3][3]   -0.00310000 
_atom_sites.fract_transf_vector[1]      0.162935 
_atom_sites.fract_transf_vector[2]      0.147784 
_atom_sites.fract_transf_vector[3]      0.163284 
_atom_sites.solution_primary            ? 
_atom_sites.solution_secondary          ? 
_atom_sites.solution_hydrogens          ? 
_atom_sites.special_details             ? 
# 
loop_
_atom_type.symbol 
_atom_type.scat_dispersion_real 
_atom_type.scat_dispersion_imag 
_atom_type.scat_Cromer_Mann_a1 
_atom_type.scat_Cromer_Mann_a2 
_atom_type.scat_Cromer_Mann_a3 
_atom_type.scat_Cromer_Mann_a4 
_atom_type.scat_Cromer_Mann_b1 
_atom_type.scat_Cromer_Mann_b2 
_atom_type.scat_Cromer_Mann_b3 
_atom_type.scat_Cromer_Mann_b4 
_atom_type.scat_Cromer_Mann_c 
_atom_type.scat_source 
_atom_type.scat_dispersion_source 
C ? ? 3.54356 2.42580 ? ? 25.62398 1.50364  ? ? 0.0 
;2-Gaussian fit: Grosse-Kunstleve RW, Sauter NK, Adams PD: Newsletter of the IUCr Commission on Crystallographic Computing 2004, 3, 22-31.
;
? 
N ? ? 4.01032 2.96436 ? ? 19.97189 1.75589  ? ? 0.0 
;2-Gaussian fit: Grosse-Kunstleve RW, Sauter NK, Adams PD: Newsletter of the IUCr Commission on Crystallographic Computing 2004, 3, 22-31.
;
? 
O ? ? 4.49882 3.47563 ? ? 15.80542 1.70748  ? ? 0.0 
;2-Gaussian fit: Grosse-Kunstleve RW, Sauter NK, Adams PD: Newsletter of the IUCr Commission on Crystallographic Computing 2004, 3, 22-31.
;
? 
S ? ? 9.55732 6.39887 ? ? 1.23737  29.19336 ? ? 0.0 
;2-Gaussian fit: Grosse-Kunstleve RW, Sauter NK, Adams PD: Newsletter of the IUCr Commission on Crystallographic Computing 2004, 3, 22-31.
;
? 
# 
loop_
_atom_site.group_PDB 
_atom_site.id 
_atom_site.type_symbol 
_atom_site.label_atom_id 
_atom_site.label_alt_id 
_atom_site.label_comp_id 
_atom_site.label_asym_id 
_atom_site.label_entity_id 
_atom_site.label_seq_id 
_atom_site.pdbx_PDB_ins_code 
_atom_site.Cartn_x 
_atom_site.Cartn_y 
_atom_site.Cartn_z 
_atom_site.occupancy 
_atom_site.B_iso_or_equiv 
_atom_site.pdbx_formal_charge 
_atom_site.auth_seq_id 
_atom_site.auth_comp_id 
_atom_site.auth_asym_id 
_atom_site.auth_atom_id 
_atom_site.pdbx_PDB_model_num 
ATOM   1    N N   . ALA A 1 7   ? 8.02981   5.11726   10.74221  1.000 38.30565 ? 7   ALA A N   1 
ATOM   2    C CA  . ALA A 1 7   ? 8.93774   3.97652   10.63441  1.000 38.67231 ? 7   ALA A CA  1 
ATOM   3    C C   . ALA A 1 7   ? 9.17638   3.59971   9.18274   1.000 34.78249 ? 7   ALA A C   1 
ATOM   4    O O   . ALA A 1 7   ? 8.24448   3.61878   8.36961   1.000 31.22445 ? 7   ALA A O   1 
ATOM   5    C CB  . ALA A 1 7   ? 8.38789   2.78505   11.39388  1.000 41.66104 ? 7   ALA A CB  1 
ATOM   6    N N   . ILE A 1 8   ? 10.42354  3.25410   8.86311   1.000 32.78912 ? 8   ILE A N   1 
ATOM   7    C CA  . ILE A 1 8   ? 10.76217  2.74300   7.53903   1.000 29.36712 ? 8   ILE A CA  1 
ATOM   8    C C   . ILE A 1 8   ? 10.46717  1.25200   7.50401   1.000 29.63479 ? 8   ILE A C   1 
ATOM   9    O O   . ILE A 1 8   ? 10.85598  0.50523   8.40975   1.000 29.57543 ? 8   ILE A O   1 
ATOM   10   C CB  . ILE A 1 8   ? 12.23451  3.02152   7.19734   1.000 32.89443 ? 8   ILE A CB  1 
ATOM   11   C CG1 . ILE A 1 8   ? 12.49291  4.52904   7.13001   1.000 37.04232 ? 8   ILE A CG1 1 
ATOM   12   C CG2 . ILE A 1 8   ? 12.60662  2.35932   5.87371   1.000 34.24235 ? 8   ILE A CG2 1 
ATOM   13   C CD1 . ILE A 1 8   ? 13.84961  4.88277   6.55123   1.000 44.38670 ? 8   ILE A CD1 1 
ATOM   14   N N   . ALA A 1 9   ? 9.77581   0.80965   6.46117   1.000 26.68583 ? 9   ALA A N   1 
ATOM   15   C CA  . ALA A 1 9   ? 9.33858   -0.57261  6.41148   1.000 20.54791 ? 9   ALA A CA  1 
ATOM   16   C C   . ALA A 1 9   ? 9.37550   -1.07472  4.98152   1.000 18.08178 ? 9   ALA A C   1 
ATOM   17   O O   . ALA A 1 9   ? 9.37394   -0.30651  4.01904   1.000 21.80323 ? 9   ALA A O   1 
ATOM   18   C CB  . ALA A 1 9   ? 7.92534   -0.74867  6.97686   1.000 23.84227 ? 9   ALA A CB  1 
ATOM   19   N N   . LYS A 1 10  ? 9.43773   -2.39096  4.86888   1.000 19.21917 ? 10  LYS A N   1 
ATOM   20   C CA  . LYS A 1 10  ? 9.16385   -3.08285  3.62527   1.000 18.76295 ? 10  LYS A CA  1 
ATOM   21   C C   . LYS A 1 10  ? 7.80469   -3.74993  3.75964   1.000 16.01609 ? 10  LYS A C   1 
ATOM   22   O O   . LYS A 1 10  ? 7.38718   -4.11544  4.86132   1.000 18.88127 ? 10  LYS A O   1 
ATOM   23   C CB  . LYS A 1 10  ? 10.24375  -4.12055  3.31595   1.000 22.70477 ? 10  LYS A CB  1 
ATOM   24   C CG  . LYS A 1 10  ? 11.58913  -3.50289  2.95334   1.000 24.60500 ? 10  LYS A CG  1 
ATOM   25   C CD  . LYS A 1 10  ? 12.63872  -4.57086  2.72064   1.000 33.82697 ? 10  LYS A CD  1 
ATOM   26   C CE  . LYS A 1 10  ? 13.94116  -3.95513  2.23099   1.000 41.80238 ? 10  LYS A CE  1 
ATOM   27   N NZ  . LYS A 1 10  ? 14.92891  -5.00392  1.85261   1.000 49.37064 ? 10  LYS A NZ  1 
ATOM   28   N N   . LEU A 1 11  ? 7.11194   -3.90329  2.63137   1.000 17.31144 ? 11  LEU A N   1 
ATOM   29   C CA  . LEU A 1 11  ? 5.75579   -4.45182  2.60908   1.000 12.99483 ? 11  LEU A CA  1 
ATOM   30   C C   . LEU A 1 11  ? 5.78729   -5.72144  1.76509   1.000 13.33783 ? 11  LEU A C   1 
ATOM   31   O O   . LEU A 1 11  ? 5.74357   -5.66058  0.53748   1.000 16.49559 ? 11  LEU A O   1 
ATOM   32   C CB  . LEU A 1 11  ? 4.75784   -3.43752  2.04380   1.000 12.40068 ? 11  LEU A CB  1 
ATOM   33   C CG  . LEU A 1 11  ? 4.76197   -2.10276  2.80256   1.000 16.90019 ? 11  LEU A CG  1 
ATOM   34   C CD1 . LEU A 1 11  ? 3.94328   -1.04749  2.02965   1.000 17.02666 ? 11  LEU A CD1 1 
ATOM   35   C CD2 . LEU A 1 11  ? 4.23576   -2.29476  4.22442   1.000 17.90787 ? 11  LEU A CD2 1 
ATOM   36   N N   . GLN A 1 12  ? 5.85454   -6.85555  2.43957   1.000 15.39890 ? 12  GLN A N   1 
ATOM   37   C CA  . GLN A 1 12  ? 6.02245   -8.14130  1.78149   1.000 13.71134 ? 12  GLN A CA  1 
ATOM   38   C C   . GLN A 1 12  ? 4.66409   -8.77995  1.52909   1.000 12.33232 ? 12  GLN A C   1 
ATOM   39   O O   . GLN A 1 12  ? 3.79919   -8.79202  2.40763   1.000 14.74274 ? 12  GLN A O   1 
ATOM   40   C CB  . GLN A 1 12  ? 6.88409   -9.04349  2.66982   1.000 14.19376 ? 12  GLN A CB  1 
ATOM   41   C CG  . GLN A 1 12  ? 7.29220   -10.37923 2.05719   1.000 16.57535 ? 12  GLN A CG  1 
ATOM   42   C CD  . GLN A 1 12  ? 7.97029   -11.24109 3.10671   1.000 23.28698 ? 12  GLN A CD  1 
ATOM   43   O OE1 . GLN A 1 12  ? 9.19509   -11.34961 3.13171   1.000 31.82840 ? 12  GLN A OE1 1 
ATOM   44   N NE2 . GLN A 1 12  ? 7.17994   -11.82835 3.99485   1.000 24.41287 ? 12  GLN A NE2 1 
ATOM   45   N N   . SER A 1 13  ? 4.48059   -9.32308  0.32670   1.000 12.62129 ? 13  SER A N   1 
ATOM   46   C CA  . SER A 1 13  ? 3.23939   -10.02500 0.02326   1.000 12.52426 ? 13  SER A CA  1 
ATOM   47   C C   . SER A 1 13  ? 3.08649   -11.25620 0.90210   1.000 15.23070 ? 13  SER A C   1 
ATOM   48   O O   . SER A 1 13  ? 4.02370   -12.04690 1.06402   1.000 15.06074 ? 13  SER A O   1 
ATOM   49   C CB  . SER A 1 13  ? 3.19718   -10.43938 -1.45373  1.000 11.86374 ? 13  SER A CB  1 
ATOM   50   O OG  . SER A 1 13  ? 2.10446   -11.32729 -1.70535  1.000 13.88472 ? 13  SER A OG  1 
ATOM   51   N N   . TYR A 1 14  ? 1.88057   -11.42922 1.44761   1.000 14.37244 ? 14  TYR A N   1 
ATOM   52   C CA  . TYR A 1 14  ? 1.58693   -12.61477 2.24516   1.000 13.14682 ? 14  TYR A CA  1 
ATOM   53   C C   . TYR A 1 14  ? 1.66983   -13.88352 1.40589   1.000 15.49822 ? 14  TYR A C   1 
ATOM   54   O O   . TYR A 1 14  ? 2.21150   -14.90489 1.86221   1.000 16.44755 ? 14  TYR A O   1 
ATOM   55   C CB  . TYR A 1 14  ? 0.19969   -12.47549 2.86015   1.000 14.49920 ? 14  TYR A CB  1 
ATOM   56   C CG  . TYR A 1 14  ? -0.37079  -13.73934 3.48295   1.000 14.34099 ? 14  TYR A CG  1 
ATOM   57   C CD1 . TYR A 1 14  ? -1.25609  -14.53930 2.77718   1.000 17.12069 ? 14  TYR A CD1 1 
ATOM   58   C CD2 . TYR A 1 14  ? -0.04678  -14.10785 4.77934   1.000 20.26695 ? 14  TYR A CD2 1 
ATOM   59   C CE1 . TYR A 1 14  ? -1.78324  -15.68503 3.33692   1.000 19.87126 ? 14  TYR A CE1 1 
ATOM   60   C CE2 . TYR A 1 14  ? -0.57960  -15.25224 5.35158   1.000 19.18665 ? 14  TYR A CE2 1 
ATOM   61   C CZ  . TYR A 1 14  ? -1.44870  -16.02967 4.62048   1.000 21.17302 ? 14  TYR A CZ  1 
ATOM   62   O OH  . TYR A 1 14  ? -1.98845  -17.17180 5.15522   1.000 22.30157 ? 14  TYR A OH  1 
ATOM   63   N N   . ASN A 1 15  ? 1.12566   -13.85424 0.18371   1.000 15.22942 ? 15  ASN A N   1 
ATOM   64   C CA  . ASN A 1 15  ? 1.02936   -15.10440 -0.55834  1.000 13.17804 ? 15  ASN A CA  1 
ATOM   65   C C   . ASN A 1 15  ? 2.17721   -15.31469 -1.53772  1.000 17.29844 ? 15  ASN A C   1 
ATOM   66   O O   . ASN A 1 15  ? 2.45440   -16.46464 -1.89768  1.000 13.32242 ? 15  ASN A O   1 
ATOM   67   C CB  . ASN A 1 15  ? -0.34197  -15.24930 -1.25788  1.000 14.16935 ? 15  ASN A CB  1 
ATOM   68   C CG  . ASN A 1 15  ? -0.73908  -14.07681 -2.14719  1.000 13.75064 ? 15  ASN A CG  1 
ATOM   69   O OD1 . ASN A 1 15  ? -0.21704  -12.96546 -2.05004  1.000 14.48716 ? 15  ASN A OD1 1 
ATOM   70   N ND2 . ASN A 1 15  ? -1.73676  -14.32305 -3.00029  1.000 12.36946 ? 15  ASN A ND2 1 
ATOM   71   N N   . TYR A 1 16  ? 2.89446   -14.26551 -1.92398  1.000 13.79471 ? 16  TYR A N   1 
ATOM   72   C CA  . TYR A 1 16  ? 4.10677   -14.41007 -2.73572  1.000 12.33159 ? 16  TYR A CA  1 
ATOM   73   C C   . TYR A 1 16  ? 5.23643   -13.79206 -1.92966  1.000 14.65115 ? 16  TYR A C   1 
ATOM   74   O O   . TYR A 1 16  ? 5.60991   -12.64214 -2.15985  1.000 15.61029 ? 16  TYR A O   1 
ATOM   75   C CB  . TYR A 1 16  ? 3.94084   -13.74730 -4.12850  1.000 12.88701 ? 16  TYR A CB  1 
ATOM   76   C CG  . TYR A 1 16  ? 2.97361   -14.50905 -5.00734  1.000 13.58767 ? 16  TYR A CG  1 
ATOM   77   C CD1 . TYR A 1 16  ? 3.42554   -15.50776 -5.86478  1.000 14.14414 ? 16  TYR A CD1 1 
ATOM   78   C CD2 . TYR A 1 16  ? 1.60511   -14.26026 -4.94432  1.000 11.50874 ? 16  TYR A CD2 1 
ATOM   79   C CE1 . TYR A 1 16  ? 2.53945   -16.21947 -6.66219  1.000 17.47604 ? 16  TYR A CE1 1 
ATOM   80   C CE2 . TYR A 1 16  ? 0.71095   -14.96088 -5.73356  1.000 12.72250 ? 16  TYR A CE2 1 
ATOM   81   C CZ  . TYR A 1 16  ? 1.18635   -15.94681 -6.58797  1.000 14.87532 ? 16  TYR A CZ  1 
ATOM   82   O OH  . TYR A 1 16  ? 0.31858   -16.65648 -7.37903  1.000 14.07840 ? 16  TYR A OH  1 
ATOM   83   N N   . SER A 1 17  ? 5.77763   -14.56579 -0.97975  1.000 15.07632 ? 17  SER A N   1 
ATOM   84   C CA  . SER A 1 17  ? 6.55729   -13.95517 0.09145   1.000 17.90014 ? 17  SER A CA  1 
ATOM   85   C C   . SER A 1 17  ? 7.93053   -13.47543 -0.34780  1.000 16.33749 ? 17  SER A C   1 
ATOM   86   O O   . SER A 1 17  ? 8.60648   -12.81091 0.44817   1.000 23.83884 ? 17  SER A O   1 
ATOM   87   C CB  . SER A 1 17  ? 6.70486   -14.92645 1.25448   1.000 19.70774 ? 17  SER A CB  1 
ATOM   88   O OG  . SER A 1 17  ? 7.36211   -16.10041 0.82681   1.000 28.43640 ? 17  SER A OG  1 
ATOM   89   N N   . HIS A 1 18  ? 8.36490   -13.77947 -1.56564  1.000 17.56212 ? 18  HIS A N   1 
ATOM   90   C CA  . HIS A 1 18  ? 9.57215   -13.15523 -2.09110  1.000 21.36383 ? 18  HIS A CA  1 
ATOM   91   C C   . HIS A 1 18  ? 9.29642   -11.81957 -2.75554  1.000 17.99500 ? 18  HIS A C   1 
ATOM   92   O O   . HIS A 1 18  ? 10.24254  -11.16215 -3.20636  1.000 20.42628 ? 18  HIS A O   1 
ATOM   93   C CB  . HIS A 1 18  ? 10.28118  -14.08633 -3.08060  1.000 24.40443 ? 18  HIS A CB  1 
ATOM   94   C CG  . HIS A 1 18  ? 10.69935  -15.38466 -2.47182  1.000 27.96438 ? 18  HIS A CG  1 
ATOM   95   N ND1 . HIS A 1 18  ? 11.53870  -15.45551 -1.38086  1.000 34.45320 ? 18  HIS A ND1 1 
ATOM   96   C CD2 . HIS A 1 18  ? 10.37357  -16.66183 -2.78058  1.000 36.81954 ? 18  HIS A CD2 1 
ATOM   97   C CE1 . HIS A 1 18  ? 11.72190  -16.72182 -1.05018  1.000 31.28374 ? 18  HIS A CE1 1 
ATOM   98   N NE2 . HIS A 1 18  ? 11.02801  -17.47429 -1.88575  1.000 39.21034 ? 18  HIS A NE2 1 
ATOM   99   N N   . MET A 1 19  ? 8.03798   -11.38439 -2.81365  1.000 16.06411 ? 19  MET A N   1 
ATOM   100  C CA  . MET A 1 19  ? 7.69255   -10.15190 -3.50758  1.000 15.35224 ? 19  MET A CA  1 
ATOM   101  C C   . MET A 1 19  ? 7.29778   -9.04331  -2.53358  1.000 12.15508 ? 19  MET A C   1 
ATOM   102  O O   . MET A 1 19  ? 6.72161   -9.29062  -1.46705  1.000 16.32501 ? 19  MET A O   1 
ATOM   103  C CB  . MET A 1 19  ? 6.56644   -10.38520 -4.52110  1.000 11.90339 ? 19  MET A CB  1 
ATOM   104  C CG  . MET A 1 19  ? 6.92012   -11.47760 -5.52650  1.000 17.53032 ? 19  MET A CG  1 
ATOM   105  S SD  . MET A 1 19  ? 5.75618   -11.51373 -6.88666  1.000 28.33061 ? 19  MET A SD  1 
ATOM   106  C CE  . MET A 1 19  ? 6.81939   -12.15421 -8.16619  1.000 47.08661 ? 19  MET A CE  1 
ATOM   107  N N   . TYR A 1 20  ? 7.62783   -7.81458  -2.93428  1.000 14.74456 ? 20  TYR A N   1 
ATOM   108  C CA  . TYR A 1 20  ? 7.47124   -6.61677  -2.11279  1.000 17.61618 ? 20  TYR A CA  1 
ATOM   109  C C   . TYR A 1 20  ? 6.82158   -5.50581  -2.92473  1.000 13.70550 ? 20  TYR A C   1 
ATOM   110  O O   . TYR A 1 20  ? 7.08664   -5.36290  -4.11948  1.000 14.24628 ? 20  TYR A O   1 
ATOM   111  C CB  . TYR A 1 20  ? 8.84739   -6.12491  -1.58531  1.000 17.08181 ? 20  TYR A CB  1 
ATOM   112  C CG  . TYR A 1 20  ? 9.51629   -7.11921  -0.67699  1.000 14.97687 ? 20  TYR A CG  1 
ATOM   113  C CD1 . TYR A 1 20  ? 9.42045   -7.00162  0.70649   1.000 17.65963 ? 20  TYR A CD1 1 
ATOM   114  C CD2 . TYR A 1 20  ? 10.21275  -8.20621  -1.20153  1.000 22.27367 ? 20  TYR A CD2 1 
ATOM   115  C CE1 . TYR A 1 20  ? 10.01296  -7.93224  1.54409   1.000 18.48798 ? 20  TYR A CE1 1 
ATOM   116  C CE2 . TYR A 1 20  ? 10.79815  -9.12638  -0.38242  1.000 20.14420 ? 20  TYR A CE2 1 
ATOM   117  C CZ  . TYR A 1 20  ? 10.69898  -8.99224  0.98145   1.000 24.08231 ? 20  TYR A CZ  1 
ATOM   118  O OH  . TYR A 1 20  ? 11.29264  -9.93147  1.77943   1.000 32.13402 ? 20  TYR A OH  1 
ATOM   119  N N   . ILE A 1 21  ? 5.98474   -4.69002  -2.26695  1.000 13.20023 ? 21  ILE A N   1 
ATOM   120  C CA  . ILE A 1 21  ? 5.47665   -3.49372  -2.92795  1.000 14.27154 ? 21  ILE A CA  1 
ATOM   121  C C   . ILE A 1 21  ? 6.65109   -2.58024  -3.24556  1.000 14.50806 ? 21  ILE A C   1 
ATOM   122  O O   . ILE A 1 21  ? 7.49371   -2.30146  -2.38183  1.000 17.11497 ? 21  ILE A O   1 
ATOM   123  C CB  . ILE A 1 21  ? 4.44368   -2.77876  -2.03875  1.000 14.57055 ? 21  ILE A CB  1 
ATOM   124  C CG1 . ILE A 1 21  ? 3.22708   -3.69017  -1.81075  1.000 14.63234 ? 21  ILE A CG1 1 
ATOM   125  C CG2 . ILE A 1 21  ? 3.98716   -1.44358  -2.69562  1.000 15.09979 ? 21  ILE A CG2 1 
ATOM   126  C CD1 . ILE A 1 21  ? 2.13114   -3.07644  -0.88324  1.000 11.75945 ? 21  ILE A CD1 1 
ATOM   127  N N   . ARG A 1 22  ? 6.72894   -2.12458  -4.48490  1.000 15.67850 ? 22  ARG A N   1 
ATOM   128  C CA  . ARG A 1 22  ? 7.83340   -1.25754  -4.86133  1.000 18.35574 ? 22  ARG A CA  1 
ATOM   129  C C   . ARG A 1 22  ? 7.36349   -0.19392  -5.83434  1.000 20.88816 ? 22  ARG A C   1 
ATOM   130  O O   . ARG A 1 22  ? 6.38301   -0.37217  -6.56006  1.000 18.63507 ? 22  ARG A O   1 
ATOM   131  C CB  . ARG A 1 22  ? 9.00946   -2.05296  -5.47656  1.000 19.18938 ? 22  ARG A CB  1 
ATOM   132  C CG  . ARG A 1 22  ? 8.66895   -2.91328  -6.70457  1.000 22.75486 ? 22  ARG A CG  1 
ATOM   133  C CD  . ARG A 1 22  ? 8.96521   -2.22948  -8.03931  1.000 30.48856 ? 22  ARG A CD  1 
ATOM   134  N NE  . ARG A 1 22  ? 10.32535  -1.68441  -8.15229  1.000 23.91552 ? 22  ARG A NE  1 
ATOM   135  C CZ  . ARG A 1 22  ? 11.37738  -2.34167  -8.64177  1.000 30.93261 ? 22  ARG A CZ  1 
ATOM   136  N NH1 . ARG A 1 22  ? 11.25563  -3.59513  -9.05979  1.000 33.05772 ? 22  ARG A NH1 1 
ATOM   137  N NH2 . ARG A 1 22  ? 12.56123  -1.74071  -8.70527  1.000 30.20614 ? 22  ARG A NH2 1 
ATOM   138  N N   . ASN A 1 23  ? 8.05660   0.93759   -5.80946  1.000 19.79876 ? 23  ASN A N   1 
ATOM   139  C CA  A ASN A 1 23  ? 7.89931   1.95382   -6.83649  0.723 25.66435 ? 23  ASN A CA  1 
ATOM   140  C CA  B ASN A 1 23  ? 7.86810   1.92786   -6.85293  0.277 25.64552 ? 23  ASN A CA  1 
ATOM   141  C C   . ASN A 1 23  ? 8.70319   1.54219   -8.06335  1.000 26.62176 ? 23  ASN A C   1 
ATOM   142  O O   . ASN A 1 23  ? 9.83561   1.06963   -7.94019  1.000 27.53734 ? 23  ASN A O   1 
ATOM   143  C CB  A ASN A 1 23  ? 8.35937   3.31053   -6.28442  0.723 27.30217 ? 23  ASN A CB  1 
ATOM   144  C CB  B ASN A 1 23  ? 8.21853   3.33997   -6.36490  0.277 27.27877 ? 23  ASN A CB  1 
ATOM   145  C CG  A ASN A 1 23  ? 8.85088   4.25699   -7.35836  0.723 31.78654 ? 23  ASN A CG  1 
ATOM   146  C CG  B ASN A 1 23  ? 9.65787   3.48239   -5.90740  0.277 26.01206 ? 23  ASN A CG  1 
ATOM   147  O OD1 A ASN A 1 23  ? 8.08790   4.68348   -8.21965  0.723 30.83138 ? 23  ASN A OD1 1 
ATOM   148  O OD1 B ASN A 1 23  ? 10.58669  3.31058   -6.68727  0.277 32.29868 ? 23  ASN A OD1 1 
ATOM   149  N ND2 A ASN A 1 23  ? 10.12862  4.62247   -7.28613  0.723 28.14530 ? 23  ASN A ND2 1 
ATOM   150  N ND2 B ASN A 1 23  ? 9.84384   3.86616   -4.64975  0.277 33.79134 ? 23  ASN A ND2 1 
ATOM   151  N N   . ALA A 1 24  ? 8.10270   1.68699   -9.24017  1.000 27.22298 ? 24  ALA A N   1 
ATOM   152  C CA  . ALA A 1 24  ? 8.74578   1.37907   -10.51584 1.000 31.63018 ? 24  ALA A CA  1 
ATOM   153  C C   . ALA A 1 24  ? 8.51766   2.59679   -11.40574 1.000 28.80299 ? 24  ALA A C   1 
ATOM   154  O O   . ALA A 1 24  ? 7.52192   2.66098   -12.13642 1.000 30.02186 ? 24  ALA A O   1 
ATOM   155  C CB  . ALA A 1 24  ? 8.17931   0.09819   -11.12908 1.000 29.92989 ? 24  ALA A CB  1 
ATOM   156  N N   . ASN A 1 25  ? 9.42666   3.56755   -11.31657 1.000 36.62117 ? 25  ASN A N   1 
ATOM   157  C CA  . ASN A 1 25  ? 9.31122   4.82795   -12.05111 1.000 39.25989 ? 25  ASN A CA  1 
ATOM   158  C C   . ASN A 1 25  ? 7.90609   5.41714   -11.88313 1.000 39.29854 ? 25  ASN A C   1 
ATOM   159  O O   . ASN A 1 25  ? 7.16264   5.63301   -12.84342 1.000 43.20311 ? 25  ASN A O   1 
ATOM   160  C CB  . ASN A 1 25  ? 9.66944   4.62211   -13.52765 1.000 42.15169 ? 25  ASN A CB  1 
ATOM   161  C CG  . ASN A 1 25  ? 9.76348   5.92198   -14.29829 1.000 53.20110 ? 25  ASN A CG  1 
ATOM   162  O OD1 . ASN A 1 25  ? 10.24130  6.93483   -13.78347 1.000 63.07649 ? 25  ASN A OD1 1 
ATOM   163  N ND2 . ASN A 1 25  ? 9.29999   5.90136   -15.54400 1.000 56.63390 ? 25  ASN A ND2 1 
ATOM   164  N N   . PHE A 1 26  ? 7.53907   5.61021   -10.61474 1.000 34.15263 ? 26  PHE A N   1 
ATOM   165  C CA  . PHE A 1 26  ? 6.28023   6.21570   -10.16985 1.000 37.53670 ? 26  PHE A CA  1 
ATOM   166  C C   . PHE A 1 26  ? 5.05545   5.34146   -10.41727 1.000 31.57240 ? 26  PHE A C   1 
ATOM   167  O O   . PHE A 1 26  ? 3.96045   5.66585   -9.94578  1.000 29.06500 ? 26  PHE A O   1 
ATOM   168  C CB  . PHE A 1 26  ? 6.11195   7.60725   -10.77767 1.000 33.69273 ? 26  PHE A CB  1 
ATOM   169  C CG  . PHE A 1 26  ? 7.21530   8.53595   -10.39173 1.000 34.85023 ? 26  PHE A CG  1 
ATOM   170  C CD1 . PHE A 1 26  ? 7.33407   8.97404   -9.08346  1.000 33.58178 ? 26  PHE A CD1 1 
ATOM   171  C CD2 . PHE A 1 26  ? 8.16553   8.93010   -11.31438 1.000 42.95622 ? 26  PHE A CD2 1 
ATOM   172  C CE1 . PHE A 1 26  ? 8.36185   9.79911   -8.70745  1.000 33.63028 ? 26  PHE A CE1 1 
ATOM   173  C CE2 . PHE A 1 26  ? 9.19879   9.76763   -10.94344 1.000 36.77557 ? 26  PHE A CE2 1 
ATOM   174  C CZ  . PHE A 1 26  ? 9.29512   10.20109  -9.63576  1.000 40.05721 ? 26  PHE A CZ  1 
ATOM   175  N N   . ASP A 1 27  ? 5.20404   4.22675   -11.12645 1.000 29.88492 ? 27  ASP A N   1 
ATOM   176  C CA  A ASP A 1 27  ? 4.13769   3.24849   -11.01905 0.466 30.86193 ? 27  ASP A CA  1 
ATOM   177  C CA  B ASP A 1 27  ? 4.19196   3.18635   -11.06868 0.534 30.88893 ? 27  ASP A CA  1 
ATOM   178  C C   . ASP A 1 27  ? 4.36602   2.38893   -9.77905  1.000 24.75072 ? 27  ASP A C   1 
ATOM   179  O O   . ASP A 1 27  ? 5.38831   2.48774   -9.09775  1.000 28.54770 ? 27  ASP A O   1 
ATOM   180  C CB  A ASP A 1 27  ? 4.03651   2.38069   -12.27192 0.466 34.16368 ? 27  ASP A CB  1 
ATOM   181  C CB  B ASP A 1 27  ? 4.28590   2.26689   -12.28786 0.534 33.73728 ? 27  ASP A CB  1 
ATOM   182  C CG  A ASP A 1 27  ? 2.61434   1.90449   -12.52689 0.466 34.41191 ? 27  ASP A CG  1 
ATOM   183  C CG  B ASP A 1 27  ? 3.78537   2.92973   -13.55584 0.534 36.44800 ? 27  ASP A CG  1 
ATOM   184  O OD1 A ASP A 1 27  ? 1.86823   1.69694   -11.54113 0.466 35.70920 ? 27  ASP A OD1 1 
ATOM   185  O OD1 B ASP A 1 27  ? 3.13288   3.98767   -13.45025 0.534 38.78842 ? 27  ASP A OD1 1 
ATOM   186  O OD2 A ASP A 1 27  ? 2.23441   1.75236   -13.70778 0.466 40.16254 ? 27  ASP A OD2 1 
ATOM   187  O OD2 B ASP A 1 27  ? 4.04154   2.39261   -14.65319 0.534 37.44193 ? 27  ASP A OD2 1 
ATOM   188  N N   . VAL A 1 28  ? 3.37320   1.56770   -9.45434  1.000 22.83594 ? 28  VAL A N   1 
ATOM   189  C CA  . VAL A 1 28  ? 3.41193   0.77380   -8.22831  1.000 19.88891 ? 28  VAL A CA  1 
ATOM   190  C C   . VAL A 1 28  ? 3.13863   -0.68010  -8.57431  1.000 20.78669 ? 28  VAL A C   1 
ATOM   191  O O   . VAL A 1 28  ? 2.18518   -0.98302  -9.29907  1.000 24.21908 ? 28  VAL A O   1 
ATOM   192  C CB  . VAL A 1 28  ? 2.40033   1.27170   -7.18021  1.000 24.14407 ? 28  VAL A CB  1 
ATOM   193  C CG1 . VAL A 1 28  ? 2.59826   0.51188   -5.88918  1.000 23.40340 ? 28  VAL A CG1 1 
ATOM   194  C CG2 . VAL A 1 28  ? 2.56218   2.76654   -6.95764  1.000 21.82534 ? 28  VAL A CG2 1 
ATOM   195  N N   . ARG A 1 29  ? 3.95322   -1.57702  -8.03012  1.000 15.28789 ? 29  ARG A N   1 
ATOM   196  C CA  A ARG A 1 29  ? 3.78070   -2.99372  -8.30590  0.563 18.04123 ? 29  ARG A CA  1 
ATOM   197  C CA  B ARG A 1 29  ? 3.91417   -2.99312  -8.36722  0.437 18.18743 ? 29  ARG A CA  1 
ATOM   198  C C   . ARG A 1 29  ? 4.41724   -3.79290  -7.17813  1.000 17.32803 ? 29  ARG A C   1 
ATOM   199  O O   . ARG A 1 29  ? 4.97584   -3.23798  -6.22596  1.000 20.92015 ? 29  ARG A O   1 
ATOM   200  C CB  A ARG A 1 29  ? 4.37689   -3.35906  -9.67045  0.563 22.82286 ? 29  ARG A CB  1 
ATOM   201  C CB  B ARG A 1 29  ? 4.79174   -3.31387  -9.58761  0.437 22.16429 ? 29  ARG A CB  1 
ATOM   202  C CG  A ARG A 1 29  ? 5.78631   -2.86047  -9.88969  0.563 23.96787 ? 29  ARG A CG  1 
ATOM   203  C CG  B ARG A 1 29  ? 4.10331   -3.23047  -10.93465 0.437 24.00722 ? 29  ARG A CG  1 
ATOM   204  C CD  A ARG A 1 29  ? 6.24468   -3.08643  -11.32814 0.563 25.82895 ? 29  ARG A CD  1 
ATOM   205  C CD  B ARG A 1 29  ? 4.50143   -1.98040  -11.67956 0.437 31.04785 ? 29  ARG A CD  1 
ATOM   206  N NE  A ARG A 1 29  ? 6.58991   -4.47987  -11.59945 0.563 30.99084 ? 29  ARG A NE  1 
ATOM   207  N NE  B ARG A 1 29  ? 3.36515   -1.08141  -11.85562 0.437 32.05229 ? 29  ARG A NE  1 
ATOM   208  C CZ  A ARG A 1 29  ? 5.92093   -5.26686  -12.43500 0.563 32.45107 ? 29  ARG A CZ  1 
ATOM   209  C CZ  B ARG A 1 29  ? 2.64412   -0.99403  -12.96732 0.437 30.15008 ? 29  ARG A CZ  1 
ATOM   210  N NH1 A ARG A 1 29  ? 4.86862   -4.79583  -13.08892 0.563 31.28037 ? 29  ARG A NH1 1 
ATOM   211  N NH1 B ARG A 1 29  ? 2.94645   -1.74327  -14.01806 0.437 31.21616 ? 29  ARG A NH1 1 
ATOM   212  N NH2 A ARG A 1 29  ? 6.30771   -6.52371  -12.62156 0.563 29.28627 ? 29  ARG A NH2 1 
ATOM   213  N NH2 B ARG A 1 29  ? 1.62416   -0.14962  -13.03065 0.437 36.31131 ? 29  ARG A NH2 1 
ATOM   214  N N   . ILE A 1 30  ? 4.25990   -5.11400  -7.25657  1.000 14.25302 ? 30  ILE A N   1 
ATOM   215  C CA  . ILE A 1 30  ? 5.02726   -6.00270  -6.39692  1.000 14.78179 ? 30  ILE A CA  1 
ATOM   216  C C   . ILE A 1 30  ? 6.06667   -6.66665  -7.28836  1.000 16.20172 ? 30  ILE A C   1 
ATOM   217  O O   . ILE A 1 30  ? 5.84977   -6.86836  -8.48823  1.000 18.65932 ? 30  ILE A O   1 
ATOM   218  C CB  . ILE A 1 30  ? 4.20823   -7.06792  -5.63999  1.000 15.78624 ? 30  ILE A CB  1 
ATOM   219  C CG1 . ILE A 1 30  ? 3.47855   -8.00102  -6.59470  1.000 14.64145 ? 30  ILE A CG1 1 
ATOM   220  C CG2 . ILE A 1 30  ? 3.24187   -6.41004  -4.63997  1.000 17.57650 ? 30  ILE A CG2 1 
ATOM   221  C CD1 . ILE A 1 30  ? 2.97493   -9.24476  -5.87138  1.000 16.38608 ? 30  ILE A CD1 1 
ATOM   222  N N   . ASP A 1 31  ? 7.21185   -6.98130  -6.69383  1.000 17.86401 ? 31  ASP A N   1 
ATOM   223  C CA  . ASP A 1 31  ? 8.31267   -7.58931  -7.43244  1.000 20.12140 ? 31  ASP A CA  1 
ATOM   224  C C   . ASP A 1 31  ? 9.22746   -8.28133  -6.43893  1.000 18.97194 ? 31  ASP A C   1 
ATOM   225  O O   . ASP A 1 31  ? 9.26400   -7.93612  -5.25804  1.000 18.28820 ? 31  ASP A O   1 
ATOM   226  C CB  . ASP A 1 31  ? 9.11164   -6.55580  -8.22943  1.000 20.56422 ? 31  ASP A CB  1 
ATOM   227  C CG  . ASP A 1 31  ? 8.50775   -6.25932  -9.58949  1.000 37.13513 ? 31  ASP A CG  1 
ATOM   228  O OD1 . ASP A 1 31  ? 8.07790   -7.20639  -10.29732 1.000 36.45046 ? 31  ASP A OD1 1 
ATOM   229  O OD2 . ASP A 1 31  ? 8.46206   -5.06757  -9.95825  1.000 36.17926 ? 31  ASP A OD2 1 
ATOM   230  N N   . ASP A 1 32  ? 9.97780   -9.25790  -6.93287  1.000 23.12672 ? 32  ASP A N   1 
ATOM   231  C CA  . ASP A 1 32  ? 11.10356  -9.77756  -6.17281  1.000 20.64262 ? 32  ASP A CA  1 
ATOM   232  C C   . ASP A 1 32  ? 12.39489  -9.19662  -6.73535  1.000 20.75610 ? 32  ASP A C   1 
ATOM   233  O O   . ASP A 1 32  ? 12.40034  -8.56808  -7.79254  1.000 25.62207 ? 32  ASP A O   1 
ATOM   234  C CB  . ASP A 1 32  ? 11.12507  -11.30854 -6.19627  1.000 24.64087 ? 32  ASP A CB  1 
ATOM   235  C CG  . ASP A 1 32  ? 10.90596  -11.87789 -7.56996  1.000 28.43814 ? 32  ASP A CG  1 
ATOM   236  O OD1 . ASP A 1 32  ? 11.30555  -11.24796 -8.57182  1.000 29.41242 ? 32  ASP A OD1 1 
ATOM   237  O OD2 . ASP A 1 32  ? 10.30972  -12.97036 -7.64279  1.000 33.92733 ? 32  ASP A OD2 1 
ATOM   238  N N   . ASN A 1 33  ? 13.49055  -9.39388  -6.00449  1.000 23.17981 ? 33  ASN A N   1 
ATOM   239  C CA  . ASN A 1 33  ? 14.81171  -8.91323  -6.42604  1.000 33.82523 ? 33  ASN A CA  1 
ATOM   240  C C   . ASN A 1 33  ? 14.75845  -7.43326  -6.80459  1.000 32.03038 ? 33  ASN A C   1 
ATOM   241  O O   . ASN A 1 33  ? 15.05747  -7.03420  -7.93112  1.000 28.75068 ? 33  ASN A O   1 
ATOM   242  C CB  . ASN A 1 33  ? 15.34810  -9.74985  -7.59120  1.000 31.93102 ? 33  ASN A CB  1 
ATOM   243  C CG  . ASN A 1 33  ? 15.34095  -11.22211 -7.28793  1.000 40.58531 ? 33  ASN A CG  1 
ATOM   244  O OD1 . ASN A 1 33  ? 15.65319  -11.64154 -6.16859  1.000 45.53631 ? 33  ASN A OD1 1 
ATOM   245  N ND2 . ASN A 1 33  ? 14.96004  -12.02104 -8.27316  1.000 38.98144 ? 33  ASN A ND2 1 
ATOM   246  N N   . VAL A 1 34  ? 14.34648  -6.62062  -5.83700  1.000 31.33023 ? 34  VAL A N   1 
ATOM   247  C CA  . VAL A 1 34  ? 14.04490  -5.21813  -6.09538  1.000 29.96096 ? 34  VAL A CA  1 
ATOM   248  C C   . VAL A 1 34  ? 15.33295  -4.40715  -6.03346  1.000 25.27298 ? 34  VAL A C   1 
ATOM   249  O O   . VAL A 1 34  ? 16.01879  -4.39161  -5.00596  1.000 25.89356 ? 34  VAL A O   1 
ATOM   250  C CB  . VAL A 1 34  ? 13.00687  -4.68975  -5.09564  1.000 26.60267 ? 34  VAL A CB  1 
ATOM   251  C CG1 . VAL A 1 34  ? 12.81611  -3.18815  -5.27599  1.000 25.92839 ? 34  VAL A CG1 1 
ATOM   252  C CG2 . VAL A 1 34  ? 11.68779  -5.43912  -5.28623  1.000 25.63859 ? 34  VAL A CG2 1 
ATOM   253  N N   . THR A 1 35  ? 15.65157  -3.73088  -7.13459  1.000 23.84634 ? 35  THR A N   1 
ATOM   254  C CA  . THR A 1 35  ? 16.80772  -2.84954  -7.25671  1.000 27.24987 ? 35  THR A CA  1 
ATOM   255  C C   . THR A 1 35  ? 16.35396  -1.54427  -7.90039  1.000 23.22468 ? 35  THR A C   1 
ATOM   256  O O   . THR A 1 35  ? 15.65027  -1.57508  -8.92464  1.000 31.35732 ? 35  THR A O   1 
ATOM   257  C CB  . THR A 1 35  ? 17.91402  -3.50998  -8.10277  1.000 31.92259 ? 35  THR A CB  1 
ATOM   258  O OG1 . THR A 1 35  ? 18.41382  -4.65839  -7.41388  1.000 31.14177 ? 35  THR A OG1 1 
ATOM   259  C CG2 . THR A 1 35  ? 19.06206  -2.54861  -8.35398  1.000 33.67139 ? 35  THR A CG2 1 
ATOM   260  N N   . PRO A 1 36  ? 16.71002  -0.37716  -7.33460  1.000 22.11832 ? 36  PRO A N   1 
ATOM   261  C CA  . PRO A 1 36  ? 17.44401  -0.24202  -6.07052  1.000 26.05470 ? 36  PRO A CA  1 
ATOM   262  C C   . PRO A 1 36  ? 16.60333  -0.66022  -4.86561  1.000 27.01369 ? 36  PRO A C   1 
ATOM   263  O O   . PRO A 1 36  ? 15.37907  -0.56609  -4.93167  1.000 27.36693 ? 36  PRO A O   1 
ATOM   264  C CB  . PRO A 1 36  ? 17.77172  1.25516   -6.01173  1.000 29.45353 ? 36  PRO A CB  1 
ATOM   265  C CG  . PRO A 1 36  ? 16.74571  1.89851   -6.86606  1.000 34.33493 ? 36  PRO A CG  1 
ATOM   266  C CD  . PRO A 1 36  ? 16.47488  0.92760   -7.97325  1.000 29.84076 ? 36  PRO A CD  1 
ATOM   267  N N   . GLU A 1 37  ? 17.25330  -1.11184  -3.79002  1.000 21.85802 ? 37  GLU A N   1 
ATOM   268  C CA  . GLU A 1 37  ? 16.51650  -1.62914  -2.63882  1.000 25.75517 ? 37  GLU A CA  1 
ATOM   269  C C   . GLU A 1 37  ? 15.57059  -0.58508  -2.05789  1.000 26.21545 ? 37  GLU A C   1 
ATOM   270  O O   . GLU A 1 37  ? 14.54833  -0.94278  -1.46257  1.000 26.77840 ? 37  GLU A O   1 
ATOM   271  C CB  . GLU A 1 37  ? 17.49035  -2.11441  -1.56401  1.000 31.42350 ? 37  GLU A CB  1 
ATOM   272  C CG  . GLU A 1 37  ? 16.85885  -2.68031  -0.31194  1.000 44.43049 ? 37  GLU A CG  1 
ATOM   273  C CD  . GLU A 1 37  ? 17.89540  -2.99149  0.74443   1.000 56.50773 ? 37  GLU A CD  1 
ATOM   274  O OE1 . GLU A 1 37  ? 17.71474  -3.97923  1.49250   1.000 58.41295 ? 37  GLU A OE1 1 
ATOM   275  O OE2 . GLU A 1 37  ? 18.89920  -2.24564  0.81251   1.000 56.91979 ? 37  GLU A OE2 1 
ATOM   276  N N   . THR A 1 38  ? 15.88811  0.70260   -2.22158  1.000 28.48603 ? 38  THR A N   1 
ATOM   277  C CA  . THR A 1 38  ? 15.02815  1.75314   -1.69243  1.000 25.41042 ? 38  THR A CA  1 
ATOM   278  C C   . THR A 1 38  ? 13.68372  1.82415   -2.40870  1.000 27.56536 ? 38  THR A C   1 
ATOM   279  O O   . THR A 1 38  ? 12.73335  2.39114   -1.85377  1.000 25.87498 ? 38  THR A O   1 
ATOM   280  C CB  . THR A 1 38  ? 15.72863  3.10971   -1.78243  1.000 28.76045 ? 38  THR A CB  1 
ATOM   281  O OG1 . THR A 1 38  ? 16.25709  3.28270   -3.10223  1.000 30.40919 ? 38  THR A OG1 1 
ATOM   282  C CG2 . THR A 1 38  ? 16.84829  3.20019   -0.74840  1.000 31.15692 ? 38  THR A CG2 1 
ATOM   283  N N   . ASP A 1 39  ? 13.58374  1.28951   -3.63027  1.000 27.89216 ? 39  ASP A N   1 
ATOM   284  C CA  . ASP A 1 39  ? 12.28112  1.18876   -4.28391  1.000 27.95184 ? 39  ASP A CA  1 
ATOM   285  C C   . ASP A 1 39  ? 11.29091  0.38005   -3.45921  1.000 21.10217 ? 39  ASP A C   1 
ATOM   286  O O   . ASP A 1 39  ? 10.07797  0.56243   -3.61217  1.000 23.18113 ? 39  ASP A O   1 
ATOM   287  C CB  . ASP A 1 39  ? 12.41901  0.55696   -5.66725  1.000 26.19472 ? 39  ASP A CB  1 
ATOM   288  C CG  . ASP A 1 39  ? 12.89626  1.54126   -6.71223  1.000 31.49686 ? 39  ASP A CG  1 
ATOM   289  O OD1 . ASP A 1 39  ? 13.25771  2.68028   -6.34467  1.000 39.37336 ? 39  ASP A OD1 1 
ATOM   290  O OD2 . ASP A 1 39  ? 12.87967  1.18833   -7.90577  1.000 32.32751 ? 39  ASP A OD2 1 
ATOM   291  N N   . ALA A 1 40  ? 11.77788  -0.48519  -2.58008  1.000 22.80238 ? 40  ALA A N   1 
ATOM   292  C CA  . ALA A 1 40  ? 10.93343  -1.34591  -1.76880  1.000 23.58052 ? 40  ALA A CA  1 
ATOM   293  C C   . ALA A 1 40  ? 10.80568  -0.85641  -0.33436  1.000 19.82888 ? 40  ALA A C   1 
ATOM   294  O O   . ALA A 1 40  ? 10.24755  -1.56478  0.50678   1.000 19.66800 ? 40  ALA A O   1 
ATOM   295  C CB  . ALA A 1 40  ? 11.47209  -2.77836  -1.79688  1.000 23.90372 ? 40  ALA A CB  1 
ATOM   296  N N   . GLN A 1 41  ? 11.30491  0.33941   -0.03391  1.000 23.33052 ? 41  GLN A N   1 
ATOM   297  C CA  . GLN A 1 41  ? 11.28649  0.86883   1.31807   1.000 24.96878 ? 41  GLN A CA  1 
ATOM   298  C C   . GLN A 1 41  ? 10.29349  2.01773   1.39611   1.000 18.06166 ? 41  GLN A C   1 
ATOM   299  O O   . GLN A 1 41  ? 10.22858  2.85710   0.49521   1.000 19.91974 ? 41  GLN A O   1 
ATOM   300  C CB  . GLN A 1 41  ? 12.68654  1.32057   1.75193   1.000 27.61376 ? 41  GLN A CB  1 
ATOM   301  C CG  . GLN A 1 41  ? 13.57391  0.15628   2.15021   1.000 27.71422 ? 41  GLN A CG  1 
ATOM   302  C CD  . GLN A 1 41  ? 15.04299  0.52242   2.23877   1.000 36.72473 ? 41  GLN A CD  1 
ATOM   303  O OE1 . GLN A 1 41  ? 15.43316  1.65098   1.95187   1.000 36.61979 ? 41  GLN A OE1 1 
ATOM   304  N NE2 . GLN A 1 41  ? 15.86645  -0.43990  2.63428   1.000 45.03400 ? 41  GLN A NE2 1 
ATOM   305  N N   . TRP A 1 42  ? 9.50998   2.02864   2.46830   1.000 21.80743 ? 42  TRP A N   1 
ATOM   306  C CA  . TRP A 1 42  ? 8.43131   2.98707   2.64780   1.000 18.27264 ? 42  TRP A CA  1 
ATOM   307  C C   . TRP A 1 42  ? 8.47922   3.53065   4.06750   1.000 20.94278 ? 42  TRP A C   1 
ATOM   308  O O   . TRP A 1 42  ? 8.88789   2.83209   5.00080   1.000 23.77429 ? 42  TRP A O   1 
ATOM   309  C CB  . TRP A 1 42  ? 7.06986   2.32175   2.37343   1.000 19.92900 ? 42  TRP A CB  1 
ATOM   310  C CG  . TRP A 1 42  ? 7.02642   1.70349   1.01652   1.000 20.99777 ? 42  TRP A CG  1 
ATOM   311  C CD1 . TRP A 1 42  ? 7.37018   0.42328   0.68807   1.000 20.35303 ? 42  TRP A CD1 1 
ATOM   312  C CD2 . TRP A 1 42  ? 6.64389   2.34539   -0.20072  1.000 18.19053 ? 42  TRP A CD2 1 
ATOM   313  N NE1 . TRP A 1 42  ? 7.21934   0.22746   -0.66448  1.000 17.89903 ? 42  TRP A NE1 1 
ATOM   314  C CE2 . TRP A 1 42  ? 6.77988   1.39439   -1.23585  1.000 19.23269 ? 42  TRP A CE2 1 
ATOM   315  C CE3 . TRP A 1 42  ? 6.20687   3.63717   -0.52204  1.000 17.38946 ? 42  TRP A CE3 1 
ATOM   316  C CZ2 . TRP A 1 42  ? 6.48170   1.68760   -2.56290  1.000 18.14579 ? 42  TRP A CZ2 1 
ATOM   317  C CZ3 . TRP A 1 42  ? 5.90892   3.93035   -1.84482  1.000 16.47616 ? 42  TRP A CZ3 1 
ATOM   318  C CH2 . TRP A 1 42  ? 6.05030   2.95594   -2.85224  1.000 20.88004 ? 42  TRP A CH2 1 
ATOM   319  N N   . VAL A 1 43  ? 8.07476   4.78726   4.22987   1.000 23.90439 ? 43  VAL A N   1 
ATOM   320  C CA  . VAL A 1 43  ? 7.86851   5.36199   5.55656   1.000 22.00147 ? 43  VAL A CA  1 
ATOM   321  C C   . VAL A 1 43  ? 6.38011   5.30094   5.85278   1.000 21.41102 ? 43  VAL A C   1 
ATOM   322  O O   . VAL A 1 43  ? 5.57235   5.89729   5.12879   1.000 21.00164 ? 43  VAL A O   1 
ATOM   323  C CB  . VAL A 1 43  ? 8.38072   6.80953   5.64967   1.000 26.21758 ? 43  VAL A CB  1 
ATOM   324  C CG1 . VAL A 1 43  ? 8.49944   7.21401   7.11454   1.000 26.69385 ? 43  VAL A CG1 1 
ATOM   325  C CG2 . VAL A 1 43  ? 9.70268   6.97355   4.92606   1.000 28.40965 ? 43  VAL A CG2 1 
ATOM   326  N N   . LEU A 1 44  ? 6.01054   4.56339   6.89112   1.000 20.69552 ? 44  LEU A N   1 
ATOM   327  C CA  . LEU A 1 44  ? 4.63136   4.55303   7.36095   1.000 22.94364 ? 44  LEU A CA  1 
ATOM   328  C C   . LEU A 1 44  ? 4.45904   5.74066   8.29624   1.000 22.59674 ? 44  LEU A C   1 
ATOM   329  O O   . LEU A 1 44  ? 5.02377   5.75687   9.39623   1.000 25.30859 ? 44  LEU A O   1 
ATOM   330  C CB  . LEU A 1 44  ? 4.30439   3.24074   8.06166   1.000 20.73753 ? 44  LEU A CB  1 
ATOM   331  C CG  . LEU A 1 44  ? 4.50817   1.99542   7.19598   1.000 26.33815 ? 44  LEU A CG  1 
ATOM   332  C CD1 . LEU A 1 44  ? 3.98279   0.76223   7.90524   1.000 24.60781 ? 44  LEU A CD1 1 
ATOM   333  C CD2 . LEU A 1 44  ? 3.83059   2.16695   5.84476   1.000 26.75791 ? 44  LEU A CD2 1 
ATOM   334  N N   . VAL A 1 45  ? 3.71149   6.74320   7.84953   1.000 19.00305 ? 45  VAL A N   1 
ATOM   335  C CA  . VAL A 1 45  ? 3.55706   7.98181   8.60891   1.000 18.60059 ? 45  VAL A CA  1 
ATOM   336  C C   . VAL A 1 45  ? 2.10962   8.08266   9.06512   1.000 19.37750 ? 45  VAL A C   1 
ATOM   337  O O   . VAL A 1 45  ? 1.24102   7.37705   8.52469   1.000 18.16044 ? 45  VAL A O   1 
ATOM   338  C CB  . VAL A 1 45  ? 3.96842   9.21337   7.78150   1.000 23.74410 ? 45  VAL A CB  1 
ATOM   339  C CG1 . VAL A 1 45  ? 5.43453   9.13510   7.38413   1.000 23.00429 ? 45  VAL A CG1 1 
ATOM   340  C CG2 . VAL A 1 45  ? 3.06334   9.38285   6.56170   1.000 20.49697 ? 45  VAL A CG2 1 
ATOM   341  N N   . PRO A 1 46  ? 1.80088   8.93174   10.04605  1.000 18.85152 ? 46  PRO A N   1 
ATOM   342  C CA  . PRO A 1 46  ? 0.40052   9.12676   10.43542  1.000 19.05856 ? 46  PRO A CA  1 
ATOM   343  C C   . PRO A 1 46  ? -0.43645  9.53826   9.23555   1.000 15.79711 ? 46  PRO A C   1 
ATOM   344  O O   . PRO A 1 46  ? 0.03913   10.22539  8.32575   1.000 17.36581 ? 46  PRO A O   1 
ATOM   345  C CB  . PRO A 1 46  ? 0.47435   10.24378  11.48541  1.000 20.98272 ? 46  PRO A CB  1 
ATOM   346  C CG  . PRO A 1 46  ? 1.83426   10.09807  12.06960  1.000 24.16454 ? 46  PRO A CG  1 
ATOM   347  C CD  . PRO A 1 46  ? 2.71992   9.69219   10.91250  1.000 25.55627 ? 46  PRO A CD  1 
ATOM   348  N N   . GLY A 1 47  ? -1.68950  9.08749   9.22800   1.000 16.20534 ? 47  GLY A N   1 
ATOM   349  C CA  . GLY A 1 47  ? -2.55031  9.30797   8.07749   1.000 13.07646 ? 47  GLY A CA  1 
ATOM   350  C C   . GLY A 1 47  ? -2.67014  10.77641  7.70168   1.000 20.33099 ? 47  GLY A C   1 
ATOM   351  O O   . GLY A 1 47  ? -2.90196  11.63224  8.56684   1.000 16.49983 ? 47  GLY A O   1 
ATOM   352  N N   . LEU A 1 48  ? -2.49275  11.07987  6.40849   1.000 15.13320 ? 48  LEU A N   1 
ATOM   353  C CA  . LEU A 1 48  ? -2.63566  12.45866  5.95049   1.000 15.03927 ? 48  LEU A CA  1 
ATOM   354  C C   . LEU A 1 48  ? -4.04150  12.98402  6.19225   1.000 15.98115 ? 48  LEU A C   1 
ATOM   355  O O   . LEU A 1 48  ? -4.22426  14.19488  6.37560   1.000 15.70468 ? 48  LEU A O   1 
ATOM   356  C CB  . LEU A 1 48  ? -2.29544  12.57367  4.46201   1.000 14.01399 ? 48  LEU A CB  1 
ATOM   357  C CG  . LEU A 1 48  ? -0.86599  12.26720  4.03969   1.000 19.18881 ? 48  LEU A CG  1 
ATOM   358  C CD1 . LEU A 1 48  ? -0.77994  12.21006  2.49834   1.000 15.84894 ? 48  LEU A CD1 1 
ATOM   359  C CD2 . LEU A 1 48  ? 0.08192   13.30219  4.61066   1.000 20.08944 ? 48  LEU A CD2 1 
ATOM   360  N N   . ALA A 1 49  ? -5.04433  12.10085  6.16939   1.000 14.46415 ? 49  ALA A N   1 
ATOM   361  C CA  . ALA A 1 49  ? -6.44632  12.49600  6.29162   1.000 12.71694 ? 49  ALA A CA  1 
ATOM   362  C C   . ALA A 1 49  ? -7.03115  12.26420  7.67441   1.000 16.78487 ? 49  ALA A C   1 
ATOM   363  O O   . ALA A 1 49  ? -8.20899  12.57575  7.89034   1.000 16.67153 ? 49  ALA A O   1 
ATOM   364  C CB  . ALA A 1 49  ? -7.30413  11.73976  5.28369   1.000 15.56778 ? 49  ALA A CB  1 
ATOM   365  N N   . ASN A 1 50  ? -6.26804  11.68074  8.58797   1.000 15.69088 ? 50  ASN A N   1 
ATOM   366  C CA  . ASN A 1 50  ? -6.79156  11.36527  9.91135   1.000 19.61754 ? 50  ASN A CA  1 
ATOM   367  C C   . ASN A 1 50  ? -5.63728  10.95932  10.81028  1.000 23.14210 ? 50  ASN A C   1 
ATOM   368  O O   . ASN A 1 50  ? -4.83096  10.09824  10.45462  1.000 21.96107 ? 50  ASN A O   1 
ATOM   369  C CB  . ASN A 1 50  ? -7.86312  10.26408  9.84622   1.000 18.77334 ? 50  ASN A CB  1 
ATOM   370  C CG  . ASN A 1 50  ? -8.60196  10.06988  11.18955  1.000 21.59226 ? 50  ASN A CG  1 
ATOM   371  O OD1 . ASN A 1 50  ? -7.98204  9.85982   12.22175  1.000 28.74709 ? 50  ASN A OD1 1 
ATOM   372  N ND2 . ASN A 1 50  ? -9.92133  10.15027  11.15896  1.000 26.04359 ? 50  ASN A ND2 1 
ATOM   373  N N   . SER A 1 51  ? -5.54111  11.60386  11.97149  1.000 29.44935 ? 51  SER A N   1 
ATOM   374  C CA  . SER A 1 51  ? -4.46537  11.35564  12.91386  1.000 28.16525 ? 51  SER A CA  1 
ATOM   375  C C   . SER A 1 51  ? -4.77694  10.22597  13.88572  1.000 32.67632 ? 51  SER A C   1 
ATOM   376  O O   . SER A 1 51  ? -3.89333  9.83618   14.65717  1.000 38.77394 ? 51  SER A O   1 
ATOM   377  C CB  . SER A 1 51  ? -4.17870  12.63909  13.70483  1.000 32.89280 ? 51  SER A CB  1 
ATOM   378  O OG  . SER A 1 51  ? -5.38563  13.12301  14.28598  1.000 35.46539 ? 51  SER A OG  1 
ATOM   379  N N   . GLY A 1 52  ? -6.00360  9.70664   13.87167  1.000 28.84454 ? 52  GLY A N   1 
ATOM   380  C CA  . GLY A 1 52  ? -6.42782  8.72738   14.85144  1.000 34.84416 ? 52  GLY A CA  1 
ATOM   381  C C   . GLY A 1 52  ? -5.65552  7.42700   14.75315  1.000 31.21427 ? 52  GLY A C   1 
ATOM   382  O O   . GLY A 1 52  ? -4.90584  7.16459   13.80618  1.000 24.30597 ? 52  GLY A O   1 
ATOM   383  N N   . GLU A 1 53  ? -5.85966  6.58175   15.76111  1.000 23.87726 ? 53  GLU A N   1 
ATOM   384  C CA  . GLU A 1 53  ? -5.05673  5.37634   15.85379  1.000 21.19914 ? 53  GLU A CA  1 
ATOM   385  C C   . GLU A 1 53  ? -5.33810  4.47067   14.66372  1.000 16.94394 ? 53  GLU A C   1 
ATOM   386  O O   . GLU A 1 53  ? -6.48722  4.29929   14.23711  1.000 26.61532 ? 53  GLU A O   1 
ATOM   387  C CB  . GLU A 1 53  ? -5.31790  4.63366   17.18045  1.000 23.24144 ? 53  GLU A CB  1 
ATOM   388  C CG  . GLU A 1 53  ? -6.58850  3.78057   17.25054  1.000 22.52673 ? 53  GLU A CG  1 
ATOM   389  C CD  . GLU A 1 53  ? -6.63277  2.91533   18.51738  1.000 22.75807 ? 53  GLU A CD  1 
ATOM   390  O OE1 . GLU A 1 53  ? -5.72300  3.06712   19.35436  1.000 24.14848 ? 53  GLU A OE1 1 
ATOM   391  O OE2 . GLU A 1 53  ? -7.55828  2.07836   18.65852  1.000 22.38664 ? 53  GLU A OE2 1 
ATOM   392  N N   . GLY A 1 54  ? -4.27412  3.92299   14.10351  1.000 17.12333 ? 54  GLY A N   1 
ATOM   393  C CA  . GLY A 1 54  ? -4.40285  2.92525   13.07104  1.000 16.27524 ? 54  GLY A CA  1 
ATOM   394  C C   . GLY A 1 54  ? -4.38837  3.46706   11.66286  1.000 19.64188 ? 54  GLY A C   1 
ATOM   395  O O   . GLY A 1 54  ? -4.27529  2.68459   10.71631  1.000 17.82524 ? 54  GLY A O   1 
ATOM   396  N N   . TYR A 1 55  ? -4.48769  4.77842   11.48139  1.000 17.38990 ? 55  TYR A N   1 
ATOM   397  C CA  . TYR A 1 55  ? -4.46807  5.33490   10.13118  1.000 15.36807 ? 55  TYR A CA  1 
ATOM   398  C C   . TYR A 1 55  ? -3.04365  5.68044   9.72554   1.000 20.66139 ? 55  TYR A C   1 
ATOM   399  O O   . TYR A 1 55  ? -2.27381  6.22195   10.52057  1.000 20.85670 ? 55  TYR A O   1 
ATOM   400  C CB  . TYR A 1 55  ? -5.35591  6.57695   10.04326  1.000 14.34877 ? 55  TYR A CB  1 
ATOM   401  C CG  . TYR A 1 55  ? -6.81976  6.26512   10.17562  1.000 13.32740 ? 55  TYR A CG  1 
ATOM   402  C CD1 . TYR A 1 55  ? -7.49813  5.61361   9.16139   1.000 16.04892 ? 55  TYR A CD1 1 
ATOM   403  C CD2 . TYR A 1 55  ? -7.52813  6.60966   11.32229  1.000 24.70970 ? 55  TYR A CD2 1 
ATOM   404  C CE1 . TYR A 1 55  ? -8.83559  5.31705   9.27412   1.000 18.03497 ? 55  TYR A CE1 1 
ATOM   405  C CE2 . TYR A 1 55  ? -8.88148  6.31803   11.43708  1.000 24.19344 ? 55  TYR A CE2 1 
ATOM   406  C CZ  . TYR A 1 55  ? -9.52262  5.67615   10.40914  1.000 24.61866 ? 55  TYR A CZ  1 
ATOM   407  O OH  . TYR A 1 55  ? -10.86304 5.38425   10.49940  1.000 25.16339 ? 55  TYR A OH  1 
ATOM   408  N N   . VAL A 1 56  ? -2.68930  5.35517   8.47887   1.000 15.89549 ? 56  VAL A N   1 
ATOM   409  C CA  . VAL A 1 56  ? -1.33622  5.57093   7.98828   1.000 14.65587 ? 56  VAL A CA  1 
ATOM   410  C C   . VAL A 1 56  ? -1.38541  6.10819   6.57023   1.000 14.97156 ? 56  VAL A C   1 
ATOM   411  O O   . VAL A 1 56  ? -2.35841  5.91809   5.83702   1.000 14.93445 ? 56  VAL A O   1 
ATOM   412  C CB  . VAL A 1 56  ? -0.48710  4.27875   8.00705   1.000 18.70812 ? 56  VAL A CB  1 
ATOM   413  C CG1 . VAL A 1 56  ? -0.46951  3.67130   9.40592   1.000 28.40443 ? 56  VAL A CG1 1 
ATOM   414  C CG2 . VAL A 1 56  ? -1.01060  3.30179   6.95617   1.000 17.76485 ? 56  VAL A CG2 1 
ATOM   415  N N   . SER A 1 57  ? -0.30162  6.77173   6.18519   1.000 14.93285 ? 57  SER A N   1 
ATOM   416  C CA  . SER A 1 57  ? -0.01891  7.05669   4.78996   1.000 14.65176 ? 57  SER A CA  1 
ATOM   417  C C   . SER A 1 57  ? 1.34531   6.46825   4.47147   1.000 16.32069 ? 57  SER A C   1 
ATOM   418  O O   . SER A 1 57  ? 2.20161   6.33895   5.35240   1.000 18.23208 ? 57  SER A O   1 
ATOM   419  C CB  . SER A 1 57  ? -0.06633  8.55948   4.51178   1.000 14.47593 ? 57  SER A CB  1 
ATOM   420  O OG  . SER A 1 57  ? -1.40159  8.97725   4.64491   1.000 15.30799 ? 57  SER A OG  1 
ATOM   421  N N   . ILE A 1 58  ? 1.52922   6.07186   3.22222   1.000 16.19149 ? 58  ILE A N   1 
ATOM   422  C CA  . ILE A 1 58  ? 2.65523   5.23337   2.83077   1.000 16.51683 ? 58  ILE A CA  1 
ATOM   423  C C   . ILE A 1 58  ? 3.53786   6.06693   1.91121   1.000 15.69944 ? 58  ILE A C   1 
ATOM   424  O O   . ILE A 1 58  ? 3.18998   6.31136   0.75312   1.000 16.49205 ? 58  ILE A O   1 
ATOM   425  C CB  . ILE A 1 58  ? 2.18043   3.94447   2.15374   1.000 14.26773 ? 58  ILE A CB  1 
ATOM   426  C CG1 . ILE A 1 58  ? 1.16231   3.24261   3.06456   1.000 16.92268 ? 58  ILE A CG1 1 
ATOM   427  C CG2 . ILE A 1 58  ? 3.38664   3.06287   1.79325   1.000 18.74491 ? 58  ILE A CG2 1 
ATOM   428  C CD1 . ILE A 1 58  ? 0.51262   2.00627   2.44055   1.000 15.20420 ? 58  ILE A CD1 1 
ATOM   429  N N   . GLN A 1 59  ? 4.67032   6.52907   2.43299   1.000 17.32792 ? 59  GLN A N   1 
ATOM   430  C CA  . GLN A 1 59  ? 5.52710   7.47622   1.73404   1.000 19.24668 ? 59  GLN A CA  1 
ATOM   431  C C   . GLN A 1 59  ? 6.74679   6.76298   1.16310   1.000 17.81598 ? 59  GLN A C   1 
ATOM   432  O O   . GLN A 1 59  ? 7.37502   5.95008   1.84804   1.000 19.74584 ? 59  GLN A O   1 
ATOM   433  C CB  . GLN A 1 59  ? 5.98505   8.59326   2.67751   1.000 21.01518 ? 59  GLN A CB  1 
ATOM   434  C CG  . GLN A 1 59  ? 6.73130   9.71104   1.96981   1.000 23.64870 ? 59  GLN A CG  1 
ATOM   435  C CD  . GLN A 1 59  ? 7.07404   10.86478  2.88801   1.000 31.56491 ? 59  GLN A CD  1 
ATOM   436  O OE1 . GLN A 1 59  ? 7.52762   11.90741  2.43005   1.000 35.89339 ? 59  GLN A OE1 1 
ATOM   437  N NE2 . GLN A 1 59  ? 6.85312   10.68683  4.18662   1.000 24.99977 ? 59  GLN A NE2 1 
ATOM   438  N N   . SER A 1 60  ? 7.08453   7.08872   -0.08143  1.000 25.01629 ? 60  SER A N   1 
ATOM   439  C CA  . SER A 1 60  ? 8.25850   6.50494   -0.71798  1.000 26.13719 ? 60  SER A CA  1 
ATOM   440  C C   . SER A 1 60  ? 9.54221   7.02346   -0.07516  1.000 31.05998 ? 60  SER A C   1 
ATOM   441  O O   . SER A 1 60  ? 9.68279   8.21906   0.19410   1.000 35.07550 ? 60  SER A O   1 
ATOM   442  C CB  . SER A 1 60  ? 8.26425   6.81884   -2.20908  1.000 31.00853 ? 60  SER A CB  1 
ATOM   443  O OG  . SER A 1 60  ? 9.46046   6.35746   -2.80249  1.000 33.63085 ? 60  SER A OG  1 
ATOM   444  N N   . VAL A 1 61  ? 10.49042  6.11126   0.15537   1.000 30.68791 ? 61  VAL A N   1 
ATOM   445  C CA  . VAL A 1 61  ? 11.76279  6.48570   0.76758   1.000 36.74241 ? 61  VAL A CA  1 
ATOM   446  C C   . VAL A 1 61  ? 12.65424  7.24543   -0.21725  1.000 43.15529 ? 61  VAL A C   1 
ATOM   447  O O   . VAL A 1 61  ? 13.26965  8.25352   0.14684   1.000 47.61847 ? 61  VAL A O   1 
ATOM   448  C CB  . VAL A 1 61  ? 12.46005  5.23535   1.33428   1.000 31.85412 ? 61  VAL A CB  1 
ATOM   449  C CG1 . VAL A 1 61  ? 13.96643  5.41245   1.34737   1.000 38.34242 ? 61  VAL A CG1 1 
ATOM   450  C CG2 . VAL A 1 61  ? 11.95220  4.95042   2.74569   1.000 24.27576 ? 61  VAL A CG2 1 
ATOM   451  N N   . ASP A 1 62  ? 12.74151  6.79815   -1.47295  1.000 45.84234 ? 62  ASP A N   1 
ATOM   452  C CA  . ASP A 1 62  ? 13.60598  7.48049   -2.43357  1.000 49.47367 ? 62  ASP A CA  1 
ATOM   453  C C   . ASP A 1 62  ? 12.92624  8.64532   -3.14009  1.000 53.96302 ? 62  ASP A C   1 
ATOM   454  O O   . ASP A 1 62  ? 13.57479  9.32250   -3.94480  1.000 56.92679 ? 62  ASP A O   1 
ATOM   455  C CB  . ASP A 1 62  ? 14.15404  6.50145   -3.48300  1.000 45.96492 ? 62  ASP A CB  1 
ATOM   456  C CG  . ASP A 1 62  ? 13.07310  5.67259   -4.14419  1.000 49.05321 ? 62  ASP A CG  1 
ATOM   457  O OD1 . ASP A 1 62  ? 12.07832  5.35093   -3.46484  1.000 49.41110 ? 62  ASP A OD1 1 
ATOM   458  O OD2 . ASP A 1 62  ? 13.23071  5.32987   -5.33958  1.000 46.01588 ? 62  ASP A OD2 1 
ATOM   459  N N   . HIS A 1 63  ? 11.64741  8.90325   -2.85935  1.000 47.93192 ? 63  HIS A N   1 
ATOM   460  C CA  . HIS A 1 63  ? 10.93397  10.06096  -3.39818  1.000 40.26390 ? 63  HIS A CA  1 
ATOM   461  C C   . HIS A 1 63  ? 10.10617  10.64056  -2.25954  1.000 45.29389 ? 63  HIS A C   1 
ATOM   462  O O   . HIS A 1 63  ? 8.89635   10.42185  -2.19154  1.000 39.34608 ? 63  HIS A O   1 
ATOM   463  C CB  . HIS A 1 63  ? 10.06278  9.68067   -4.59128  1.000 38.54601 ? 63  HIS A CB  1 
ATOM   464  C CG  . HIS A 1 63  ? 10.82718  9.14295   -5.75968  1.000 40.21198 ? 63  HIS A CG  1 
ATOM   465  N ND1 . HIS A 1 63  ? 11.53758  9.95070   -6.62094  1.000 45.44366 ? 63  HIS A ND1 1 
ATOM   466  C CD2 . HIS A 1 63  ? 10.97209  7.87886   -6.22394  1.000 41.46702 ? 63  HIS A CD2 1 
ATOM   467  C CE1 . HIS A 1 63  ? 12.09387  9.20662   -7.56097  1.000 41.21155 ? 63  HIS A CE1 1 
ATOM   468  N NE2 . HIS A 1 63  ? 11.76843  7.94552   -7.34131  1.000 43.83076 ? 63  HIS A NE2 1 
ATOM   469  N N   . LEU A 1 64  ? 10.75812  11.37918  -1.36481  1.000 43.26069 ? 64  LEU A N   1 
ATOM   470  C CA  . LEU A 1 64  ? 10.04165  11.95412  -0.23830  1.000 40.46293 ? 64  LEU A CA  1 
ATOM   471  C C   . LEU A 1 64  ? 8.96010   12.90826  -0.72914  1.000 39.01539 ? 64  LEU A C   1 
ATOM   472  O O   . LEU A 1 64  ? 9.04461   13.46908  -1.82327  1.000 44.83533 ? 64  LEU A O   1 
ATOM   473  C CB  . LEU A 1 64  ? 11.00877  12.66972  0.69905   1.000 48.83610 ? 64  LEU A CB  1 
ATOM   474  C CG  . LEU A 1 64  ? 12.01433  11.73294  1.37161   1.000 49.36770 ? 64  LEU A CG  1 
ATOM   475  C CD1 . LEU A 1 64  ? 12.75377  12.45608  2.48581   1.000 52.99502 ? 64  LEU A CD1 1 
ATOM   476  C CD2 . LEU A 1 64  ? 11.31816  10.48742  1.90161   1.000 44.78492 ? 64  LEU A CD2 1 
ATOM   477  N N   . GLY A 1 65  ? 7.92125   13.07084  0.08566   1.000 37.04395 ? 65  GLY A N   1 
ATOM   478  C CA  . GLY A 1 65  ? 6.74721   13.81001  -0.32770  1.000 29.91771 ? 65  GLY A CA  1 
ATOM   479  C C   . GLY A 1 65  ? 5.86583   13.10277  -1.33059  1.000 29.55950 ? 65  GLY A C   1 
ATOM   480  O O   . GLY A 1 65  ? 4.82977   13.65755  -1.71852  1.000 26.77328 ? 65  GLY A O   1 
ATOM   481  N N   . TYR A 1 66  ? 6.24434   11.90357  -1.77566  1.000 28.65218 ? 66  TYR A N   1 
ATOM   482  C CA  . TYR A 1 66  ? 5.43401   11.10220  -2.68320  1.000 25.33037 ? 66  TYR A CA  1 
ATOM   483  C C   . TYR A 1 66  ? 4.79269   9.96765   -1.89721  1.000 21.26284 ? 66  TYR A C   1 
ATOM   484  O O   . TYR A 1 66  ? 5.44989   9.32038   -1.07887  1.000 20.18413 ? 66  TYR A O   1 
ATOM   485  C CB  . TYR A 1 66  ? 6.27288   10.52610  -3.82843  1.000 24.11040 ? 66  TYR A CB  1 
ATOM   486  C CG  . TYR A 1 66  ? 6.63438   11.51491  -4.91712  1.000 27.55235 ? 66  TYR A CG  1 
ATOM   487  C CD1 . TYR A 1 66  ? 6.08065   11.41293  -6.18711  1.000 26.83919 ? 66  TYR A CD1 1 
ATOM   488  C CD2 . TYR A 1 66  ? 7.53495   12.54256  -4.67587  1.000 36.83751 ? 66  TYR A CD2 1 
ATOM   489  C CE1 . TYR A 1 66  ? 6.41310   12.31007  -7.19124  1.000 28.09875 ? 66  TYR A CE1 1 
ATOM   490  C CE2 . TYR A 1 66  ? 7.87206   13.44546  -5.67250  1.000 35.18524 ? 66  TYR A CE2 1 
ATOM   491  C CZ  . TYR A 1 66  ? 7.31240   13.32325  -6.92070  1.000 36.08020 ? 66  TYR A CZ  1 
ATOM   492  O OH  . TYR A 1 66  ? 7.64937   14.22370  -7.90396  1.000 41.26338 ? 66  TYR A OH  1 
ATOM   493  N N   . TYR A 1 67  ? 3.50942   9.73403   -2.14551  1.000 17.20938 ? 67  TYR A N   1 
ATOM   494  C CA  . TYR A 1 67  ? 2.74190   8.76509   -1.37809  1.000 18.92185 ? 67  TYR A CA  1 
ATOM   495  C C   . TYR A 1 67  ? 2.01340   7.82721   -2.32081  1.000 15.44889 ? 67  TYR A C   1 
ATOM   496  O O   . TYR A 1 67  ? 1.67214   8.20350   -3.44057  1.000 17.14356 ? 67  TYR A O   1 
ATOM   497  C CB  . TYR A 1 67  ? 1.70043   9.43938   -0.48162  1.000 16.78250 ? 67  TYR A CB  1 
ATOM   498  C CG  . TYR A 1 67  ? 2.29349   10.34495  0.56754   1.000 16.93694 ? 67  TYR A CG  1 
ATOM   499  C CD1 . TYR A 1 67  ? 2.41676   9.92673   1.88040   1.000 17.20349 ? 67  TYR A CD1 1 
ATOM   500  C CD2 . TYR A 1 67  ? 2.72254   11.62568  0.23711   1.000 20.27555 ? 67  TYR A CD2 1 
ATOM   501  C CE1 . TYR A 1 67  ? 2.95861   10.76482  2.84973   1.000 20.26120 ? 67  TYR A CE1 1 
ATOM   502  C CE2 . TYR A 1 67  ? 3.27364   12.46342  1.18759   1.000 21.82115 ? 67  TYR A CE2 1 
ATOM   503  C CZ  . TYR A 1 67  ? 3.37791   12.03706  2.48777   1.000 23.79636 ? 67  TYR A CZ  1 
ATOM   504  O OH  . TYR A 1 67  ? 3.91821   12.88663  3.42390   1.000 24.72779 ? 67  TYR A OH  1 
ATOM   505  N N   . LEU A 1 68  ? 1.73992   6.61212   -1.83811  1.000 15.51509 ? 68  LEU A N   1 
ATOM   506  C CA  . LEU A 1 68  ? 0.83753   5.72750   -2.56057  1.000 12.84156 ? 68  LEU A CA  1 
ATOM   507  C C   . LEU A 1 68  ? -0.56097  6.32579   -2.51357  1.000 18.10667 ? 68  LEU A C   1 
ATOM   508  O O   . LEU A 1 68  ? -1.12482  6.51314   -1.42989  1.000 18.79668 ? 68  LEU A O   1 
ATOM   509  C CB  . LEU A 1 68  ? 0.82882   4.33634   -1.93927  1.000 14.98223 ? 68  LEU A CB  1 
ATOM   510  C CG  . LEU A 1 68  ? 2.09098   3.50319   -2.04592  1.000 20.04298 ? 68  LEU A CG  1 
ATOM   511  C CD1 . LEU A 1 68  ? 1.82259   2.12099   -1.45311  1.000 15.50862 ? 68  LEU A CD1 1 
ATOM   512  C CD2 . LEU A 1 68  ? 2.49687   3.41366   -3.51598  1.000 21.99652 ? 68  LEU A CD2 1 
ATOM   513  N N   . ARG A 1 69  ? -1.12065  6.62007   -3.68088  1.000 15.50844 ? 69  ARG A N   1 
ATOM   514  C CA  . ARG A 1 69  ? -2.39973  7.30180   -3.78563  1.000 17.25624 ? 69  ARG A CA  1 
ATOM   515  C C   . ARG A 1 69  ? -3.27687  6.52099   -4.74490  1.000 14.61531 ? 69  ARG A C   1 
ATOM   516  O O   . ARG A 1 69  ? -2.85785  6.23299   -5.86936  1.000 15.80821 ? 69  ARG A O   1 
ATOM   517  C CB  . ARG A 1 69  ? -2.18938  8.74416   -4.28057  1.000 18.87205 ? 69  ARG A CB  1 
ATOM   518  C CG  . ARG A 1 69  ? -3.44096  9.59664   -4.35744  1.000 19.81963 ? 69  ARG A CG  1 
ATOM   519  C CD  . ARG A 1 69  ? -4.07755  9.63686   -5.74635  1.000 17.48318 ? 69  ARG A CD  1 
ATOM   520  N NE  . ARG A 1 69  ? -5.35845  10.32448  -5.64435  1.000 21.52434 ? 69  ARG A NE  1 
ATOM   521  C CZ  . ARG A 1 69  ? -5.51462  11.63011  -5.82466  1.000 22.32446 ? 69  ARG A CZ  1 
ATOM   522  N NH1 . ARG A 1 69  ? -4.47454  12.37463  -6.18318  1.000 18.44794 ? 69  ARG A NH1 1 
ATOM   523  N NH2 . ARG A 1 69  ? -6.71471  12.17782  -5.66075  1.000 21.30191 ? 69  ARG A NH2 1 
ATOM   524  N N   . HIS A 1 70  ? -4.48777  6.17733   -4.32706  1.000 14.24405 ? 70  HIS A N   1 
ATOM   525  C CA  . HIS A 1 70  ? -5.36049  5.48902   -5.26400  1.000 16.45375 ? 70  HIS A CA  1 
ATOM   526  C C   . HIS A 1 70  ? -6.16482  6.51290   -6.06024  1.000 23.63347 ? 70  HIS A C   1 
ATOM   527  O O   . HIS A 1 70  ? -6.61065  7.53650   -5.53386  1.000 17.20083 ? 70  HIS A O   1 
ATOM   528  C CB  . HIS A 1 70  ? -6.25793  4.45992   -4.55692  1.000 18.20731 ? 70  HIS A CB  1 
ATOM   529  C CG  . HIS A 1 70  ? -7.43920  5.02902   -3.83231  1.000 20.92831 ? 70  HIS A CG  1 
ATOM   530  N ND1 . HIS A 1 70  ? -8.65974  5.20685   -4.44385  1.000 19.52412 ? 70  HIS A ND1 1 
ATOM   531  C CD2 . HIS A 1 70  ? -7.60877  5.39782   -2.53598  1.000 15.18771 ? 70  HIS A CD2 1 
ATOM   532  C CE1 . HIS A 1 70  ? -9.52438  5.68965   -3.56595  1.000 22.95678 ? 70  HIS A CE1 1 
ATOM   533  N NE2 . HIS A 1 70  ? -8.91208  5.81142   -2.40112  1.000 20.40170 ? 70  HIS A NE2 1 
ATOM   534  N N   . TRP A 1 71  ? -6.26660  6.27608   -7.35558  1.000 21.59261 ? 71  TRP A N   1 
ATOM   535  C CA  . TRP A 1 71  ? -7.08119  7.11922   -8.22602  1.000 31.53210 ? 71  TRP A CA  1 
ATOM   536  C C   . TRP A 1 71  ? -8.15287  6.19042   -8.76001  1.000 32.75009 ? 71  TRP A C   1 
ATOM   537  O O   . TRP A 1 71  ? -7.88485  5.35582   -9.62944  1.000 29.38709 ? 71  TRP A O   1 
ATOM   538  C CB  . TRP A 1 71  ? -6.27005  7.78229   -9.33578  1.000 37.97090 ? 71  TRP A CB  1 
ATOM   539  C CG  . TRP A 1 71  ? -7.12352  8.66516   -10.20184 1.000 48.67844 ? 71  TRP A CG  1 
ATOM   540  C CD1 . TRP A 1 71  ? -7.29408  8.56923   -11.55625 1.000 51.91526 ? 71  TRP A CD1 1 
ATOM   541  C CD2 . TRP A 1 71  ? -7.95539  9.75856   -9.77023  1.000 46.29864 ? 71  TRP A CD2 1 
ATOM   542  N NE1 . TRP A 1 71  ? -8.16614  9.53962   -11.99342 1.000 52.91466 ? 71  TRP A NE1 1 
ATOM   543  C CE2 . TRP A 1 71  ? -8.58749  10.28012  -10.91899 1.000 55.25770 ? 71  TRP A CE2 1 
ATOM   544  C CE3 . TRP A 1 71  ? -8.22487  10.34657  -8.52788  1.000 44.58474 ? 71  TRP A CE3 1 
ATOM   545  C CZ2 . TRP A 1 71  ? -9.46847  11.36169  -10.86108 1.000 60.24148 ? 71  TRP A CZ2 1 
ATOM   546  C CZ3 . TRP A 1 71  ? -9.10079  11.42107  -8.47327  1.000 44.30971 ? 71  TRP A CZ3 1 
ATOM   547  C CH2 . TRP A 1 71  ? -9.71025  11.91667  -9.63241  1.000 54.13114 ? 71  TRP A CH2 1 
ATOM   548  N N   . ASN A 1 72  ? -9.34956  6.32448   -8.20219  1.000 36.17863 ? 72  ASN A N   1 
ATOM   549  C CA  . ASN A 1 72  ? -10.35845 5.28399   -8.28497  1.000 38.30942 ? 72  ASN A CA  1 
ATOM   550  C C   . ASN A 1 72  ? -9.73627  3.98873   -7.78284  1.000 42.01178 ? 72  ASN A C   1 
ATOM   551  O O   . ASN A 1 72  ? -9.35948  3.89013   -6.61150  1.000 37.95763 ? 72  ASN A O   1 
ATOM   552  C CB  . ASN A 1 72  ? -10.89846 5.14040   -9.71145  1.000 39.40823 ? 72  ASN A CB  1 
ATOM   553  C CG  . ASN A 1 72  ? -12.21717 4.39604   -9.75843  1.000 51.93261 ? 72  ASN A CG  1 
ATOM   554  O OD1 . ASN A 1 72  ? -12.95668 4.36534   -8.77489  1.000 58.53209 ? 72  ASN A OD1 1 
ATOM   555  N ND2 . ASN A 1 72  ? -12.52356 3.79637   -10.90656 1.000 59.64285 ? 72  ASN A ND2 1 
ATOM   556  N N   . TYR A 1 73  ? -9.58793  2.99356   -8.64811  1.000 33.30521 ? 73  TYR A N   1 
ATOM   557  C CA  . TYR A 1 73  ? -9.11033  1.70185   -8.18560  1.000 27.25334 ? 73  TYR A CA  1 
ATOM   558  C C   . TYR A 1 73  ? -7.66392  1.44241   -8.56936  1.000 22.88658 ? 73  TYR A C   1 
ATOM   559  O O   . TYR A 1 73  ? -7.11815  0.40461   -8.19895  1.000 20.66065 ? 73  TYR A O   1 
ATOM   560  C CB  . TYR A 1 73  ? -10.05355 0.60789   -8.68546  1.000 35.48838 ? 73  TYR A CB  1 
ATOM   561  C CG  . TYR A 1 73  ? -11.47937 1.01000   -8.37533  1.000 44.62843 ? 73  TYR A CG  1 
ATOM   562  C CD1 . TYR A 1 73  ? -11.79023 1.62753   -7.15877  1.000 47.86929 ? 73  TYR A CD1 1 
ATOM   563  C CD2 . TYR A 1 73  ? -12.50336 0.82642   -9.29851  1.000 49.48634 ? 73  TYR A CD2 1 
ATOM   564  C CE1 . TYR A 1 73  ? -13.06814 2.03751   -6.86453  1.000 49.29568 ? 73  TYR A CE1 1 
ATOM   565  C CE2 . TYR A 1 73  ? -13.80128 1.22863   -9.00605  1.000 49.80882 ? 73  TYR A CE2 1 
ATOM   566  C CZ  . TYR A 1 73  ? -14.07381 1.83208   -7.78539  1.000 51.50452 ? 73  TYR A CZ  1 
ATOM   567  O OH  . TYR A 1 73  ? -15.35063 2.24085   -7.47444  1.000 54.83628 ? 73  TYR A OH  1 
ATOM   568  N N   . ASP A 1 74  ? -7.01527  2.37878   -9.25539  1.000 19.24604 ? 74  ASP A N   1 
ATOM   569  C CA  . ASP A 1 74  ? -5.60846  2.23713   -9.58954  1.000 23.54109 ? 74  ASP A CA  1 
ATOM   570  C C   . ASP A 1 74  ? -4.75673  2.92732   -8.54664  1.000 21.65071 ? 74  ASP A C   1 
ATOM   571  O O   . ASP A 1 74  ? -5.24189  3.72783   -7.74488  1.000 24.63955 ? 74  ASP A O   1 
ATOM   572  C CB  . ASP A 1 74  ? -5.30656  2.81575   -10.97086 1.000 28.96334 ? 74  ASP A CB  1 
ATOM   573  C CG  . ASP A 1 74  ? -5.93634  2.00627   -12.08263 1.000 40.56961 ? 74  ASP A CG  1 
ATOM   574  O OD1 . ASP A 1 74  ? -5.88253  0.75850   -12.00686 1.000 43.24061 ? 74  ASP A OD1 1 
ATOM   575  O OD2 . ASP A 1 74  ? -6.49405  2.61404   -13.01774 1.000 42.37856 ? 74  ASP A OD2 1 
ATOM   576  N N   . PHE A 1 75  ? -3.47456  2.59126   -8.54663  1.000 19.10803 ? 75  PHE A N   1 
ATOM   577  C CA  . PHE A 1 75  ? -2.52277  3.18725   -7.62441  1.000 19.25194 ? 75  PHE A CA  1 
ATOM   578  C C   . PHE A 1 75  ? -1.45010  3.91855   -8.40653  1.000 25.58430 ? 75  PHE A C   1 
ATOM   579  O O   . PHE A 1 75  ? -1.04004  3.47427   -9.48240  1.000 21.78672 ? 75  PHE A O   1 
ATOM   580  C CB  . PHE A 1 75  ? -1.88137  2.14238   -6.71146  1.000 16.13768 ? 75  PHE A CB  1 
ATOM   581  C CG  . PHE A 1 75  ? -2.55425  2.03499   -5.36682  1.000 15.47511 ? 75  PHE A CG  1 
ATOM   582  C CD1 . PHE A 1 75  ? -2.30549  2.98148   -4.38535  1.000 16.94685 ? 75  PHE A CD1 1 
ATOM   583  C CD2 . PHE A 1 75  ? -3.44883  1.01100   -5.09858  1.000 16.60295 ? 75  PHE A CD2 1 
ATOM   584  C CE1 . PHE A 1 75  ? -2.92826  2.91827   -3.15432  1.000 16.25347 ? 75  PHE A CE1 1 
ATOM   585  C CE2 . PHE A 1 75  ? -4.08691  0.93609   -3.85657  1.000 15.21578 ? 75  PHE A CE2 1 
ATOM   586  C CZ  . PHE A 1 75  ? -3.81979  1.88594   -2.88791  1.000 14.31498 ? 75  PHE A CZ  1 
ATOM   587  N N   . ARG A 1 76  ? -1.00430  5.04095   -7.85485  1.000 21.63260 ? 76  ARG A N   1 
ATOM   588  C CA  . ARG A 1 76  ? 0.12700   5.78422   -8.37864  1.000 26.73427 ? 76  ARG A CA  1 
ATOM   589  C C   . ARG A 1 76  ? 0.96669   6.22345   -7.19961  1.000 22.87830 ? 76  ARG A C   1 
ATOM   590  O O   . ARG A 1 76  ? 0.48189   6.28751   -6.06660  1.000 22.09255 ? 76  ARG A O   1 
ATOM   591  C CB  . ARG A 1 76  ? -0.30893  7.01418   -9.19606  1.000 31.80519 ? 76  ARG A CB  1 
ATOM   592  C CG  . ARG A 1 76  ? -1.09810  6.68842   -10.45525 1.000 39.98177 ? 76  ARG A CG  1 
ATOM   593  C CD  . ARG A 1 76  ? -0.20995  6.08567   -11.54541 1.000 53.26920 ? 76  ARG A CD  1 
ATOM   594  N NE  . ARG A 1 76  ? 0.80399   7.03058   -12.01174 1.000 59.96365 ? 76  ARG A NE  1 
ATOM   595  C CZ  . ARG A 1 76  ? 1.62649   6.80578   -13.03226 1.000 57.08343 ? 76  ARG A CZ  1 
ATOM   596  N NH1 . ARG A 1 76  ? 1.55776   5.66339   -13.70262 1.000 56.25304 ? 76  ARG A NH1 1 
ATOM   597  N NH2 . ARG A 1 76  ? 2.51762   7.72503   -13.38395 1.000 61.13103 ? 76  ARG A NH2 1 
ATOM   598  N N   . LEU A 1 77  ? 2.23793   6.49916   -7.46331  1.000 21.20814 ? 77  LEU A N   1 
ATOM   599  C CA  . LEU A 1 77  ? 3.08812   7.18501   -6.49922  1.000 19.10173 ? 77  LEU A CA  1 
ATOM   600  C C   . LEU A 1 77  ? 3.06130   8.65460   -6.89413  1.000 21.52784 ? 77  LEU A C   1 
ATOM   601  O O   . LEU A 1 77  ? 3.55645   9.02135   -7.96160  1.000 21.38244 ? 77  LEU A O   1 
ATOM   602  C CB  . LEU A 1 77  ? 4.50816   6.61839   -6.49199  1.000 19.29137 ? 77  LEU A CB  1 
ATOM   603  C CG  . LEU A 1 77  ? 5.49471   7.27696   -5.53523  1.000 25.33596 ? 77  LEU A CG  1 
ATOM   604  C CD1 . LEU A 1 77  ? 5.01256   7.18370   -4.09783  1.000 24.55341 ? 77  LEU A CD1 1 
ATOM   605  C CD2 . LEU A 1 77  ? 6.88575   6.67941   -5.68219  1.000 26.58652 ? 77  LEU A CD2 1 
ATOM   606  N N   . GLU A 1 78  ? 2.43664   9.48863   -6.06143  1.000 21.49587 ? 78  GLU A N   1 
ATOM   607  C CA  . GLU A 1 78  ? 2.13499   10.86197  -6.44201  1.000 23.15488 ? 78  GLU A CA  1 
ATOM   608  C C   . GLU A 1 78  ? 2.58056   11.82683  -5.35983  1.000 20.74956 ? 78  GLU A C   1 
ATOM   609  O O   . GLU A 1 78  ? 2.52599   11.52464  -4.16466  1.000 21.55497 ? 78  GLU A O   1 
ATOM   610  C CB  . GLU A 1 78  ? 0.65114   11.08359  -6.67735  1.000 23.46824 ? 78  GLU A CB  1 
ATOM   611  C CG  . GLU A 1 78  ? 0.09247   10.46899  -7.91304  1.000 30.80475 ? 78  GLU A CG  1 
ATOM   612  C CD  . GLU A 1 78  ? -1.32343  10.93729  -8.15699  1.000 37.65959 ? 78  GLU A CD  1 
ATOM   613  O OE1 . GLU A 1 78  ? -1.95467  10.45205  -9.12547  1.000 50.82489 ? 78  GLU A OE1 1 
ATOM   614  O OE2 . GLU A 1 78  ? -1.79768  11.79763  -7.37785  1.000 33.16522 ? 78  GLU A OE2 1 
ATOM   615  N N   . LYS A 1 79  ? 3.00442   13.00581  -5.79976  1.000 25.87861 ? 79  LYS A N   1 
ATOM   616  C CA  . LYS A 1 79  ? 3.36484   14.05977  -4.87170  1.000 24.15292 ? 79  LYS A CA  1 
ATOM   617  C C   . LYS A 1 79  ? 2.11275   14.61396  -4.21086  1.000 19.77581 ? 79  LYS A C   1 
ATOM   618  O O   . LYS A 1 79  ? 1.08605   14.83529  -4.86287  1.000 23.25140 ? 79  LYS A O   1 
ATOM   619  C CB  . LYS A 1 79  ? 4.11814   15.17095  -5.60244  1.000 32.53868 ? 79  LYS A CB  1 
ATOM   620  C CG  . LYS A 1 79  ? 4.72349   16.23207  -4.70212  1.000 30.31978 ? 79  LYS A CG  1 
ATOM   621  C CD  . LYS A 1 79  ? 5.54738   17.20708  -5.54635  1.000 40.89773 ? 79  LYS A CD  1 
ATOM   622  C CE  . LYS A 1 79  ? 6.30435   18.21507  -4.69728  1.000 48.81292 ? 79  LYS A CE  1 
ATOM   623  N NZ  . LYS A 1 79  ? 7.14143   19.11532  -5.54975  1.000 61.53503 ? 79  LYS A NZ  1 
ATOM   624  N N   . ASN A 1 80  ? 2.20617   14.82127  -2.90829  1.000 22.23385 ? 80  ASN A N   1 
ATOM   625  C CA  . ASN A 1 80  ? 1.10790   15.38294  -2.14465  1.000 21.58173 ? 80  ASN A CA  1 
ATOM   626  C C   . ASN A 1 80  ? 0.81789   16.80046  -2.62807  1.000 21.40339 ? 80  ASN A C   1 
ATOM   627  O O   . ASN A 1 80  ? 1.69890   17.66183  -2.58805  1.000 26.45781 ? 80  ASN A O   1 
ATOM   628  C CB  . ASN A 1 80  ? 1.50070   15.37066  -0.66881  1.000 19.92531 ? 80  ASN A CB  1 
ATOM   629  C CG  . ASN A 1 80  ? 0.40610   15.85122  0.24316   1.000 20.39252 ? 80  ASN A CG  1 
ATOM   630  O OD1 . ASN A 1 80  ? -0.72916  16.06220  -0.18268  1.000 20.14377 ? 80  ASN A OD1 1 
ATOM   631  N ND2 . ASN A 1 80  ? 0.74255   16.00957  1.52799   1.000 21.87341 ? 80  ASN A ND2 1 
ATOM   632  N N   . ASP A 1 81  ? -0.40186  17.03948  -3.11114  1.000 20.31805 ? 81  ASP A N   1 
ATOM   633  C CA  . ASP A 1 81  ? -0.78967  18.38834  -3.51167  1.000 20.07237 ? 81  ASP A CA  1 
ATOM   634  C C   . ASP A 1 81  ? -1.43379  19.18173  -2.37097  1.000 22.24460 ? 81  ASP A C   1 
ATOM   635  O O   . ASP A 1 81  ? -1.88902  20.31470  -2.58916  1.000 20.62104 ? 81  ASP A O   1 
ATOM   636  C CB  . ASP A 1 81  ? -1.70554  18.34282  -4.74097  1.000 23.18438 ? 81  ASP A CB  1 
ATOM   637  C CG  . ASP A 1 81  ? -3.04051  17.64553  -4.49312  1.000 20.43310 ? 81  ASP A CG  1 
ATOM   638  O OD1 . ASP A 1 81  ? -3.38468  17.30879  -3.33894  1.000 18.26826 ? 81  ASP A OD1 1 
ATOM   639  O OD2 . ASP A 1 81  ? -3.76020  17.43862  -5.48735  1.000 25.25078 ? 81  ASP A OD2 1 
ATOM   640  N N   . GLY A 1 82  ? -1.47300  18.61531  -1.16431  1.000 18.47231 ? 82  GLY A N   1 
ATOM   641  C CA  . GLY A 1 82  ? -1.99619  19.30204  0.00444   1.000 19.81681 ? 82  GLY A CA  1 
ATOM   642  C C   . GLY A 1 82  ? -3.49818  19.25491  0.17588   1.000 15.45872 ? 82  GLY A C   1 
ATOM   643  O O   . GLY A 1 82  ? -4.00521  19.76555  1.18841   1.000 17.35595 ? 82  GLY A O   1 
ATOM   644  N N   . THR A 1 83  ? -4.23089  18.67311  -0.76683  1.000 15.12289 ? 83  THR A N   1 
ATOM   645  C CA  . THR A 1 83  ? -5.68374  18.66989  -0.69621  1.000 14.86725 ? 83  THR A CA  1 
ATOM   646  C C   . THR A 1 83  ? -6.18772  17.57276  0.22897   1.000 17.60181 ? 83  THR A C   1 
ATOM   647  O O   . THR A 1 83  ? -5.53102  16.54375  0.43514   1.000 15.73192 ? 83  THR A O   1 
ATOM   648  C CB  . THR A 1 83  ? -6.30638  18.47127  -2.07999  1.000 17.92512 ? 83  THR A CB  1 
ATOM   649  O OG1 . THR A 1 83  ? -5.90690  17.18791  -2.60768  1.000 16.34978 ? 83  THR A OG1 1 
ATOM   650  C CG2 . THR A 1 83  ? -5.86646  19.58290  -3.03094  1.000 16.41011 ? 83  THR A CG2 1 
ATOM   651  N N   . ARG A 1 84  ? -7.38838  17.79262  0.76619   1.000 12.61567 ? 84  ARG A N   1 
ATOM   652  C CA  . ARG A 1 84  ? -8.04798  16.74271  1.53272   1.000 16.42215 ? 84  ARG A CA  1 
ATOM   653  C C   . ARG A 1 84  ? -8.36030  15.52909  0.66586   1.000 18.05558 ? 84  ARG A C   1 
ATOM   654  O O   . ARG A 1 84  ? -8.29292  14.39297  1.14413   1.000 16.68877 ? 84  ARG A O   1 
ATOM   655  C CB  . ARG A 1 84  ? -9.32210  17.27242  2.19739   1.000 21.72055 ? 84  ARG A CB  1 
ATOM   656  C CG  . ARG A 1 84  ? -9.13712  17.51924  3.68624   1.000 26.80925 ? 84  ARG A CG  1 
ATOM   657  C CD  . ARG A 1 84  ? -10.39604 17.30288  4.52623   1.000 25.02997 ? 84  ARG A CD  1 
ATOM   658  N NE  . ARG A 1 84  ? -10.75760 15.89793  4.68965   1.000 25.09799 ? 84  ARG A NE  1 
ATOM   659  C CZ  . ARG A 1 84  ? -10.25478 15.06752  5.60279   1.000 25.45982 ? 84  ARG A CZ  1 
ATOM   660  N NH1 . ARG A 1 84  ? -9.33542  15.48006  6.46558   1.000 20.96621 ? 84  ARG A NH1 1 
ATOM   661  N NH2 . ARG A 1 84  ? -10.66568 13.80310  5.63810   1.000 28.54640 ? 84  ARG A NH2 1 
ATOM   662  N N   . ILE A 1 85  ? -8.70549  15.73588  -0.61060  1.000 13.06965 ? 85  ILE A N   1 
ATOM   663  C CA  . ILE A 1 85  ? -9.02469  14.57745  -1.44027  1.000 15.93646 ? 85  ILE A CA  1 
ATOM   664  C C   . ILE A 1 85  ? -7.78083  13.72632  -1.67749  1.000 16.62266 ? 85  ILE A C   1 
ATOM   665  O O   . ILE A 1 85  ? -7.85187  12.49297  -1.63038  1.000 15.49819 ? 85  ILE A O   1 
ATOM   666  C CB  . ILE A 1 85  ? -9.69814  14.99799  -2.76416  1.000 17.35035 ? 85  ILE A CB  1 
ATOM   667  C CG1 . ILE A 1 85  ? -9.97618  13.77023  -3.64610  1.000 20.30580 ? 85  ILE A CG1 1 
ATOM   668  C CG2 . ILE A 1 85  ? -8.85558  16.00492  -3.52423  1.000 18.57276 ? 85  ILE A CG2 1 
ATOM   669  C CD1 . ILE A 1 85  ? -10.69435 12.64358  -2.90929  1.000 27.52032 ? 85  ILE A CD1 1 
ATOM   670  N N   . PHE A 1 86  ? -6.62263  14.35204  -1.91873  1.000 14.31769 ? 86  PHE A N   1 
ATOM   671  C CA  . PHE A 1 86  ? -5.39286  13.56249  -2.00633  1.000 15.88287 ? 86  PHE A CA  1 
ATOM   672  C C   . PHE A 1 86  ? -5.17365  12.78321  -0.71936  1.000 16.58468 ? 86  PHE A C   1 
ATOM   673  O O   . PHE A 1 86  ? -4.89200  11.58069  -0.74480  1.000 16.28683 ? 86  PHE A O   1 
ATOM   674  C CB  . PHE A 1 86  ? -4.18072  14.45458  -2.26971  1.000 18.92009 ? 86  PHE A CB  1 
ATOM   675  C CG  . PHE A 1 86  ? -2.86114  13.68967  -2.37092  1.000 17.63465 ? 86  PHE A CG  1 
ATOM   676  C CD1 . PHE A 1 86  ? -2.16285  13.30353  -1.23552  1.000 18.66697 ? 86  PHE A CD1 1 
ATOM   677  C CD2 . PHE A 1 86  ? -2.32566  13.37544  -3.61758  1.000 17.97949 ? 86  PHE A CD2 1 
ATOM   678  C CE1 . PHE A 1 86  ? -0.96480  12.60671  -1.33895  1.000 22.07377 ? 86  PHE A CE1 1 
ATOM   679  C CE2 . PHE A 1 86  ? -1.12590  12.69187  -3.72712  1.000 20.36968 ? 86  PHE A CE2 1 
ATOM   680  C CZ  . PHE A 1 86  ? -0.45296  12.29317  -2.60571  1.000 17.41927 ? 86  PHE A CZ  1 
ATOM   681  N N   . ALA A 1 87  ? -5.27187  13.47395  0.41644   1.000 15.79926 ? 87  ALA A N   1 
ATOM   682  C CA  . ALA A 1 87  ? -5.04490  12.83672  1.71079   1.000 14.30371 ? 87  ALA A CA  1 
ATOM   683  C C   . ALA A 1 87  ? -5.96667  11.64324  1.90567   1.000 15.43232 ? 87  ALA A C   1 
ATOM   684  O O   . ALA A 1 87  ? -5.53474  10.58190  2.37518   1.000 14.58105 ? 87  ALA A O   1 
ATOM   685  C CB  . ALA A 1 87  ? -5.24734  13.86870  2.82308   1.000 12.39583 ? 87  ALA A CB  1 
ATOM   686  N N   . GLU A 1 88  ? -7.23602  11.78473  1.52716   1.000 12.20096 ? 88  GLU A N   1 
ATOM   687  C CA  . GLU A 1 88  ? -8.17308  10.68220  1.70294   1.000 13.83065 ? 88  GLU A CA  1 
ATOM   688  C C   . GLU A 1 88  ? -7.84530  9.52232   0.77110   1.000 16.68057 ? 88  GLU A C   1 
ATOM   689  O O   . GLU A 1 88  ? -7.98193  8.35639   1.15415   1.000 16.69678 ? 88  GLU A O   1 
ATOM   690  C CB  . GLU A 1 88  ? -9.60449  11.16191  1.48131   1.000 17.13549 ? 88  GLU A CB  1 
ATOM   691  C CG  . GLU A 1 88  ? -10.06211 12.12289  2.58401   1.000 16.83754 ? 88  GLU A CG  1 
ATOM   692  C CD  . GLU A 1 88  ? -11.43871 12.69212  2.34414   1.000 35.81644 ? 88  GLU A CD  1 
ATOM   693  O OE1 . GLU A 1 88  ? -12.08701 13.09414  3.33555   1.000 39.68146 ? 88  GLU A OE1 1 
ATOM   694  O OE2 . GLU A 1 88  ? -11.86845 12.75071  1.17005   1.000 41.42551 ? 88  GLU A OE2 1 
ATOM   695  N N   . ASP A 1 89  ? -7.41627  9.82690   -0.45041  1.000 13.88277 ? 89  ASP A N   1 
ATOM   696  C CA  . ASP A 1 89  ? -6.98613  8.80222   -1.39392  1.000 14.25883 ? 89  ASP A CA  1 
ATOM   697  C C   . ASP A 1 89  ? -5.64768  8.18907   -1.00308  1.000 13.79743 ? 89  ASP A C   1 
ATOM   698  O O   . ASP A 1 89  ? -5.25029  7.17816   -1.59808  1.000 13.46851 ? 89  ASP A O   1 
ATOM   699  C CB  . ASP A 1 89  ? -6.88165  9.40250   -2.79644  1.000 13.41865 ? 89  ASP A CB  1 
ATOM   700  C CG  . ASP A 1 89  ? -8.21943  9.47868   -3.52354  1.000 18.84477 ? 89  ASP A CG  1 
ATOM   701  O OD1 . ASP A 1 89  ? -9.18969  8.84926   -3.06668  1.000 17.91980 ? 89  ASP A OD1 1 
ATOM   702  O OD2 . ASP A 1 89  ? -8.29056  10.17520  -4.57567  1.000 20.64848 ? 89  ASP A OD2 1 
ATOM   703  N N   . ALA A 1 90  ? -4.93726  8.78471   -0.03985  1.000 13.18389 ? 90  ALA A N   1 
ATOM   704  C CA  . ALA A 1 90  ? -3.61501  8.32085   0.36665   1.000 14.95163 ? 90  ALA A CA  1 
ATOM   705  C C   . ALA A 1 90  ? -3.55950  7.92856   1.84353   1.000 11.79002 ? 90  ALA A C   1 
ATOM   706  O O   . ALA A 1 90  ? -2.47116  7.84518   2.41580   1.000 14.15320 ? 90  ALA A O   1 
ATOM   707  C CB  . ALA A 1 90  ? -2.55864  9.38527   0.07199   1.000 15.30322 ? 90  ALA A CB  1 
ATOM   708  N N   . THR A 1 91  ? -4.70313  7.68569   2.46841   1.000 10.57593 ? 91  THR A N   1 
ATOM   709  C CA  . THR A 1 91  ? -4.76565  7.28325   3.86630   1.000 12.35539 ? 91  THR A CA  1 
ATOM   710  C C   . THR A 1 91  ? -5.46397  5.93790   3.96280   1.000 13.78925 ? 91  THR A C   1 
ATOM   711  O O   . THR A 1 91  ? -6.45062  5.68695   3.26721   1.000 13.15754 ? 91  THR A O   1 
ATOM   712  C CB  . THR A 1 91  ? -5.49222  8.34091   4.71043   1.000 15.07600 ? 91  THR A CB  1 
ATOM   713  O OG1 . THR A 1 91  ? -4.74427  9.55326   4.64157   1.000 12.02591 ? 91  THR A OG1 1 
ATOM   714  C CG2 . THR A 1 91  ? -5.58654  7.90972   6.19117   1.000 12.72680 ? 91  THR A CG2 1 
ATOM   715  N N   . PHE A 1 92  ? -4.92684  5.06352   4.81332   1.000 12.07207 ? 92  PHE A N   1 
ATOM   716  C CA  . PHE A 1 92  ? -5.45373  3.72004   4.96973   1.000 12.50966 ? 92  PHE A CA  1 
ATOM   717  C C   . PHE A 1 92  ? -5.50362  3.36876   6.44621   1.000 13.37393 ? 92  PHE A C   1 
ATOM   718  O O   . PHE A 1 92  ? -4.64605  3.79368   7.22669   1.000 15.03533 ? 92  PHE A O   1 
ATOM   719  C CB  . PHE A 1 92  ? -4.60280  2.70133   4.19298   1.000 11.81142 ? 92  PHE A CB  1 
ATOM   720  C CG  . PHE A 1 92  ? -4.44750  3.08591   2.76057   1.000 12.89979 ? 92  PHE A CG  1 
ATOM   721  C CD1 . PHE A 1 92  ? -5.39323  2.69985   1.82941   1.000 11.89134 ? 92  PHE A CD1 1 
ATOM   722  C CD2 . PHE A 1 92  ? -3.41519  3.93867   2.36850   1.000 10.62170 ? 92  PHE A CD2 1 
ATOM   723  C CE1 . PHE A 1 92  ? -5.29832  3.12698   0.51813   1.000 14.33750 ? 92  PHE A CE1 1 
ATOM   724  C CE2 . PHE A 1 92  ? -3.31194  4.36277   1.04773   1.000 12.98502 ? 92  PHE A CE2 1 
ATOM   725  C CZ  . PHE A 1 92  ? -4.25588  3.95051   0.12801   1.000 15.07429 ? 92  PHE A CZ  1 
ATOM   726  N N   . LYS A 1 93  ? -6.52746  2.60386   6.82317   1.000 14.36981 ? 93  LYS A N   1 
ATOM   727  C CA  . LYS A 1 93  ? -6.56469  2.01581   8.16002   1.000 11.94199 ? 93  LYS A CA  1 
ATOM   728  C C   . LYS A 1 93  ? -5.73860  0.73601   8.13984   1.000 14.84083 ? 93  LYS A C   1 
ATOM   729  O O   . LYS A 1 93  ? -5.98483  -0.14539  7.31097   1.000 14.71460 ? 93  LYS A O   1 
ATOM   730  C CB  . LYS A 1 93  ? -8.00383  1.73081   8.59057   1.000 16.60383 ? 93  LYS A CB  1 
ATOM   731  C CG  . LYS A 1 93  ? -8.11119  1.28536   10.06052  1.000 18.92994 ? 93  LYS A CG  1 
ATOM   732  C CD  . LYS A 1 93  ? -9.53660  0.90805   10.44014  1.000 21.74965 ? 93  LYS A CD  1 
ATOM   733  C CE  . LYS A 1 93  ? -10.29507 2.10045   10.98996  1.000 28.02978 ? 93  LYS A CE  1 
ATOM   734  N NZ  . LYS A 1 93  ? -11.62922 1.66128   11.48214  1.000 31.26920 ? 93  LYS A NZ  1 
ATOM   735  N N   . MET A 1 94  ? -4.72865  0.64179   9.00545   1.000 13.33734 ? 94  MET A N   1 
ATOM   736  C CA  . MET A 1 94  ? -3.97310  -0.60121  9.09964   1.000 16.14191 ? 94  MET A CA  1 
ATOM   737  C C   . MET A 1 94  ? -4.75857  -1.55599  9.98480   1.000 15.76667 ? 94  MET A C   1 
ATOM   738  O O   . MET A 1 94  ? -4.99907  -1.25382  11.16285  1.000 18.02139 ? 94  MET A O   1 
ATOM   739  C CB  . MET A 1 94  ? -2.57348  -0.37850  9.66515   1.000 16.50145 ? 94  MET A CB  1 
ATOM   740  C CG  . MET A 1 94  ? -1.60874  0.32518   8.76267   1.000 25.69252 ? 94  MET A CG  1 
ATOM   741  S SD  . MET A 1 94  ? 0.09714   0.09498   9.34699   1.000 34.30785 ? 94  MET A SD  1 
ATOM   742  C CE  . MET A 1 94  ? -0.07294  0.54640   11.07237  1.000 36.44192 ? 94  MET A CE  1 
ATOM   743  N N   . VAL A 1 95  ? -5.16749  -2.68576  9.41987   1.000 12.96772 ? 95  VAL A N   1 
ATOM   744  C CA  . VAL A 1 95  ? -6.05244  -3.63495  10.09397  1.000 12.71672 ? 95  VAL A CA  1 
ATOM   745  C C   . VAL A 1 95  ? -5.33886  -4.97621  10.14564  1.000 11.59608 ? 95  VAL A C   1 
ATOM   746  O O   . VAL A 1 95  ? -4.35888  -5.20572  9.41404   1.000 13.93043 ? 95  VAL A O   1 
ATOM   747  C CB  . VAL A 1 95  ? -7.42171  -3.75096  9.38355   1.000 14.12708 ? 95  VAL A CB  1 
ATOM   748  C CG1 . VAL A 1 95  ? -8.08599  -2.36860  9.25506   1.000 12.50576 ? 95  VAL A CG1 1 
ATOM   749  C CG2 . VAL A 1 95  ? -7.27834  -4.44511  7.99547   1.000 14.54589 ? 95  VAL A CG2 1 
ATOM   750  N N   . PRO A 1 96  ? -5.76096  -5.87030  11.03818  1.000 15.00481 ? 96  PRO A N   1 
ATOM   751  C CA  . PRO A 1 96  ? -5.20458  -7.22847  11.01944  1.000 12.50749 ? 96  PRO A CA  1 
ATOM   752  C C   . PRO A 1 96  ? -5.41009  -7.86235  9.65145   1.000 12.48665 ? 96  PRO A C   1 
ATOM   753  O O   . PRO A 1 96  ? -6.44017  -7.65952  9.00073   1.000 15.70848 ? 96  PRO A O   1 
ATOM   754  C CB  . PRO A 1 96  ? -6.00190  -7.95772  12.10842  1.000 14.59981 ? 96  PRO A CB  1 
ATOM   755  C CG  . PRO A 1 96  ? -6.36626  -6.84447  13.08430  1.000 15.26018 ? 96  PRO A CG  1 
ATOM   756  C CD  . PRO A 1 96  ? -6.66731  -5.66079  12.18203  1.000 14.99392 ? 96  PRO A CD  1 
ATOM   757  N N   . GLY A 1 97  ? -4.42432  -8.65678  9.23640   1.000 14.39528 ? 97  GLY A N   1 
ATOM   758  C CA  . GLY A 1 97  ? -4.42872  -9.23591  7.90677   1.000 13.76942 ? 97  GLY A CA  1 
ATOM   759  C C   . GLY A 1 97  ? -5.70480  -9.98205  7.57324   1.000 20.26739 ? 97  GLY A C   1 
ATOM   760  O O   . GLY A 1 97  ? -6.18028  -10.80352 8.36200   1.000 15.53822 ? 97  GLY A O   1 
ATOM   761  N N   . LEU A 1 98  ? -6.28350  -9.68611  6.41100   1.000 13.25986 ? 98  LEU A N   1 
ATOM   762  C CA  . LEU A 1 98  ? -7.53119  -10.33425 6.02107   1.000 13.68960 ? 98  LEU A CA  1 
ATOM   763  C C   . LEU A 1 98  ? -7.36613  -11.84144 5.86742   1.000 17.65666 ? 98  LEU A C   1 
ATOM   764  O O   . LEU A 1 98  ? -8.30606  -12.59606 6.14302   1.000 16.57070 ? 98  LEU A O   1 
ATOM   765  C CB  . LEU A 1 98  ? -8.05278  -9.73097  4.71997   1.000 13.54020 ? 98  LEU A CB  1 
ATOM   766  C CG  . LEU A 1 98  ? -8.38625  -8.24333  4.78259   1.000 14.45218 ? 98  LEU A CG  1 
ATOM   767  C CD1 . LEU A 1 98  ? -9.00454  -7.79231  3.46987   1.000 16.89427 ? 98  LEU A CD1 1 
ATOM   768  C CD2 . LEU A 1 98  ? -9.32100  -7.94563  5.93762   1.000 17.69610 ? 98  LEU A CD2 1 
ATOM   769  N N   . ALA A 1 99  ? -6.19159  -12.29797 5.43284   1.000 12.70440 ? 99  ALA A N   1 
ATOM   770  C CA  . ALA A 1 99  ? -5.94951  -13.73085 5.25974   1.000 16.51051 ? 99  ALA A CA  1 
ATOM   771  C C   . ALA A 1 99  ? -5.36087  -14.39370 6.49434   1.000 20.45166 ? 99  ALA A C   1 
ATOM   772  O O   . ALA A 1 99  ? -5.37491  -15.62701 6.58931   1.000 19.40516 ? 99  ALA A O   1 
ATOM   773  C CB  . ALA A 1 99  ? -4.99703  -13.96843 4.08528   1.000 16.29568 ? 99  ALA A CB  1 
ATOM   774  N N   . ASP A 1 100 ? -4.83232  -13.60659 7.41523   1.000 14.81714 ? 100 ASP A N   1 
ATOM   775  C CA  . ASP A 1 100 ? -4.13018  -14.06435 8.60643   1.000 14.08678 ? 100 ASP A CA  1 
ATOM   776  C C   . ASP A 1 100 ? -3.94637  -12.83864 9.48727   1.000 16.14676 ? 100 ASP A C   1 
ATOM   777  O O   . ASP A 1 100 ? -3.12401  -11.96765 9.17812   1.000 17.52011 ? 100 ASP A O   1 
ATOM   778  C CB  . ASP A 1 100 ? -2.77611  -14.69207 8.24778   1.000 18.49002 ? 100 ASP A CB  1 
ATOM   779  C CG  . ASP A 1 100 ? -2.02596  -15.24154 9.45563   1.000 29.05466 ? 100 ASP A CG  1 
ATOM   780  O OD1 . ASP A 1 100 ? -2.23770  -14.76004 10.58506  1.000 21.23022 ? 100 ASP A OD1 1 
ATOM   781  O OD2 . ASP A 1 100 ? -1.18890  -16.15032 9.26889   1.000 23.37564 ? 100 ASP A OD2 1 
ATOM   782  N N   . PRO A 1 101 ? -4.66210  -12.75895 10.61079  1.000 16.95809 ? 101 PRO A N   1 
ATOM   783  C CA  . PRO A 1 101 ? -4.64544  -11.52330 11.42111  1.000 13.82453 ? 101 PRO A CA  1 
ATOM   784  C C   . PRO A 1 101 ? -3.29365  -11.19989 12.02012  1.000 15.87469 ? 101 PRO A C   1 
ATOM   785  O O   . PRO A 1 101 ? -3.12225  -10.09983 12.56038  1.000 16.80226 ? 101 PRO A O   1 
ATOM   786  C CB  . PRO A 1 101 ? -5.68458  -11.80687 12.51284  1.000 17.23240 ? 101 PRO A CB  1 
ATOM   787  C CG  . PRO A 1 101 ? -5.69686  -13.30578 12.63708  1.000 20.56685 ? 101 PRO A CG  1 
ATOM   788  C CD  . PRO A 1 101 ? -5.45178  -13.83467 11.23361  1.000 15.42818 ? 101 PRO A CD  1 
ATOM   789  N N   . SER A 1 102 ? -2.32787  -12.11824 11.97166  1.000 15.12050 ? 102 SER A N   1 
ATOM   790  C CA  . SER A 1 102 ? -1.00315  -11.76169 12.45647  1.000 18.21989 ? 102 SER A CA  1 
ATOM   791  C C   . SER A 1 102 ? -0.27982  -10.82349 11.50412  1.000 16.23334 ? 102 SER A C   1 
ATOM   792  O O   . SER A 1 102 ? 0.72541   -10.22100 11.89737  1.000 17.16775 ? 102 SER A O   1 
ATOM   793  C CB  . SER A 1 102 ? -0.17609  -13.02660 12.69973  1.000 21.49246 ? 102 SER A CB  1 
ATOM   794  O OG  . SER A 1 102 ? 0.41453   -13.47794 11.51267  1.000 30.11282 ? 102 SER A OG  1 
ATOM   795  N N   . TYR A 1 103 ? -0.77343  -10.67844 10.27592  1.000 18.21731 ? 103 TYR A N   1 
ATOM   796  C CA  . TYR A 1 103 ? -0.19821  -9.80383  9.26904   1.000 12.77073 ? 103 TYR A CA  1 
ATOM   797  C C   . TYR A 1 103 ? -1.00810  -8.50492  9.20588   1.000 12.55957 ? 103 TYR A C   1 
ATOM   798  O O   . TYR A 1 103 ? -1.75662  -8.17787  10.13809  1.000 15.63594 ? 103 TYR A O   1 
ATOM   799  C CB  . TYR A 1 103 ? -0.17689  -10.52782 7.92077   1.000 17.74528 ? 103 TYR A CB  1 
ATOM   800  C CG  . TYR A 1 103 ? 0.75718   -11.72619 7.79789   1.000 19.98294 ? 103 TYR A CG  1 
ATOM   801  C CD1 . TYR A 1 103 ? 1.87709   -11.66010 6.97247   1.000 23.61904 ? 103 TYR A CD1 1 
ATOM   802  C CD2 . TYR A 1 103 ? 0.48503   -12.93201 8.43653   1.000 20.74069 ? 103 TYR A CD2 1 
ATOM   803  C CE1 . TYR A 1 103 ? 2.72902   -12.74649 6.81376   1.000 27.07884 ? 103 TYR A CE1 1 
ATOM   804  C CE2 . TYR A 1 103 ? 1.34580   -14.02702 8.29269   1.000 20.32658 ? 103 TYR A CE2 1 
ATOM   805  C CZ  . TYR A 1 103 ? 2.45989   -13.92122 7.47560   1.000 31.02540 ? 103 TYR A CZ  1 
ATOM   806  O OH  . TYR A 1 103 ? 3.31675   -14.98968 7.30264   1.000 38.73807 ? 103 TYR A OH  1 
ATOM   807  N N   . THR A 1 104 ? -0.89573  -7.77494  8.09475   1.000 15.26171 ? 104 THR A N   1 
ATOM   808  C CA  . THR A 1 104 ? -1.47954  -6.44157  7.97686   1.000 14.28177 ? 104 THR A CA  1 
ATOM   809  C C   . THR A 1 104 ? -2.23303  -6.29669  6.66210   1.000 13.66337 ? 104 THR A C   1 
ATOM   810  O O   . THR A 1 104 ? -1.77882  -6.77882  5.61839   1.000 11.95173 ? 104 THR A O   1 
ATOM   811  C CB  . THR A 1 104 ? -0.39324  -5.35810  8.05051   1.000 14.99786 ? 104 THR A CB  1 
ATOM   812  O OG1 . THR A 1 104 ? 0.31962   -5.47602  9.29469   1.000 18.65088 ? 104 THR A OG1 1 
ATOM   813  C CG2 . THR A 1 104 ? -1.02616  -3.95882  7.96063   1.000 15.37261 ? 104 THR A CG2 1 
ATOM   814  N N   . SER A 1 105 ? -3.39469  -5.65382  6.71910   1.000 12.49234 ? 105 SER A N   1 
ATOM   815  C CA  . SER A 1 105 ? -4.08323  -5.21454  5.51661   1.000 10.27248 ? 105 SER A CA  1 
ATOM   816  C C   . SER A 1 105 ? -4.33512  -3.71325  5.62440   1.000 12.83174 ? 105 SER A C   1 
ATOM   817  O O   . SER A 1 105 ? -4.24550  -3.12940  6.70278   1.000 14.42448 ? 105 SER A O   1 
ATOM   818  C CB  . SER A 1 105 ? -5.37993  -5.98921  5.30678   1.000 13.03092 ? 105 SER A CB  1 
ATOM   819  O OG  . SER A 1 105 ? -5.07258  -7.36905  5.06985   1.000 12.20601 ? 105 SER A OG  1 
ATOM   820  N N   . PHE A 1 106 ? -4.60174  -3.08928  4.48201   1.000 12.05331 ? 106 PHE A N   1 
ATOM   821  C CA  . PHE A 1 106 ? -4.70367  -1.63434  4.37644   1.000 12.04568 ? 106 PHE A CA  1 
ATOM   822  C C   . PHE A 1 106 ? -6.06812  -1.28298  3.80576   1.000 12.69870 ? 106 PHE A C   1 
ATOM   823  O O   . PHE A 1 106 ? -6.31051  -1.43875  2.60515   1.000 12.18832 ? 106 PHE A O   1 
ATOM   824  C CB  . PHE A 1 106 ? -3.59049  -1.07550  3.50350   1.000 11.39775 ? 106 PHE A CB  1 
ATOM   825  C CG  . PHE A 1 106 ? -2.22532  -1.29908  4.06311   1.000 12.54697 ? 106 PHE A CG  1 
ATOM   826  C CD1 . PHE A 1 106 ? -1.69877  -0.40522  4.98773   1.000 15.61843 ? 106 PHE A CD1 1 
ATOM   827  C CD2 . PHE A 1 106 ? -1.47589  -2.40523  3.69087   1.000 16.00235 ? 106 PHE A CD2 1 
ATOM   828  C CE1 . PHE A 1 106 ? -0.44085  -0.58815  5.51348   1.000 16.33074 ? 106 PHE A CE1 1 
ATOM   829  C CE2 . PHE A 1 106 ? -0.20846  -2.60559  4.22778   1.000 17.34064 ? 106 PHE A CE2 1 
ATOM   830  C CZ  . PHE A 1 106 ? 0.30561   -1.68570  5.14563   1.000 13.39034 ? 106 PHE A CZ  1 
ATOM   831  N N   . GLN A 1 107 ? -6.95368  -0.80685  4.66995   1.000 13.51929 ? 107 GLN A N   1 
ATOM   832  C CA  . GLN A 1 107 ? -8.32131  -0.47061  4.30024   1.000 12.92467 ? 107 GLN A CA  1 
ATOM   833  C C   . GLN A 1 107 ? -8.38195  0.98766   3.86726   1.000 13.59943 ? 107 GLN A C   1 
ATOM   834  O O   . GLN A 1 107 ? -7.85696  1.85224   4.55905   1.000 12.96573 ? 107 GLN A O   1 
ATOM   835  C CB  . GLN A 1 107 ? -9.24452  -0.70243  5.49614   1.000 16.79988 ? 107 GLN A CB  1 
ATOM   836  C CG  . GLN A 1 107 ? -10.73906 -0.51513  5.23901   1.000 15.93198 ? 107 GLN A CG  1 
ATOM   837  C CD  . GLN A 1 107 ? -11.52237 -0.61696  6.54351   1.000 19.48477 ? 107 GLN A CD  1 
ATOM   838  O OE1 . GLN A 1 107 ? -11.73782 0.38038   7.21783   1.000 29.35206 ? 107 GLN A OE1 1 
ATOM   839  N NE2 . GLN A 1 107 ? -11.89055 -1.83497  6.93135   1.000 25.54912 ? 107 GLN A NE2 1 
ATOM   840  N N   . SER A 1 108 ? -9.02223  1.25988   2.72879   1.000 12.50880 ? 108 SER A N   1 
ATOM   841  C CA  . SER A 1 108 ? -9.07204  2.63457   2.24503   1.000 11.72908 ? 108 SER A CA  1 
ATOM   842  C C   . SER A 1 108 ? -9.85322  3.52296   3.20815   1.000 16.08903 ? 108 SER A C   1 
ATOM   843  O O   . SER A 1 108 ? -10.89845 3.13364   3.73438   1.000 13.75385 ? 108 SER A O   1 
ATOM   844  C CB  . SER A 1 108 ? -9.70330  2.68948   0.85332   1.000 13.32312 ? 108 SER A CB  1 
ATOM   845  O OG  . SER A 1 108 ? -10.01846 4.04806   0.52331   1.000 15.66158 ? 108 SER A OG  1 
ATOM   846  N N   . TYR A 1 109 ? -9.34082  4.73740   3.42356   1.000 15.21947 ? 109 TYR A N   1 
ATOM   847  C CA  . TYR A 1 109 ? -10.01331 5.67923   4.31189   1.000 16.26803 ? 109 TYR A CA  1 
ATOM   848  C C   . TYR A 1 109 ? -11.35517 6.12425   3.74237   1.000 17.60549 ? 109 TYR A C   1 
ATOM   849  O O   . TYR A 1 109 ? -12.35289 6.18165   4.47223   1.000 19.65891 ? 109 TYR A O   1 
ATOM   850  C CB  . TYR A 1 109 ? -9.11527  6.88624   4.55289   1.000 11.66075 ? 109 TYR A CB  1 
ATOM   851  C CG  . TYR A 1 109 ? -9.68401  7.87566   5.53385   1.000 15.01023 ? 109 TYR A CG  1 
ATOM   852  C CD1 . TYR A 1 109 ? -10.25920 9.06507   5.10283   1.000 18.18412 ? 109 TYR A CD1 1 
ATOM   853  C CD2 . TYR A 1 109 ? -9.64276  7.61628   6.89082   1.000 21.61320 ? 109 TYR A CD2 1 
ATOM   854  C CE1 . TYR A 1 109 ? -10.78511 9.97764   6.03121   1.000 20.76786 ? 109 TYR A CE1 1 
ATOM   855  C CE2 . TYR A 1 109 ? -10.15716 8.50750   7.81556   1.000 26.56154 ? 109 TYR A CE2 1 
ATOM   856  C CZ  . TYR A 1 109 ? -10.72227 9.68448   7.37974   1.000 25.87851 ? 109 TYR A CZ  1 
ATOM   857  O OH  . TYR A 1 109 ? -11.22409 10.55485  8.32056   1.000 23.40389 ? 109 TYR A OH  1 
ATOM   858  N N   . ASN A 1 110 ? -11.40865 6.43603   2.44750   1.000 15.49703 ? 110 ASN A N   1 
ATOM   859  C CA  . ASN A 1 110 ? -12.64359 6.94717   1.86848   1.000 20.08870 ? 110 ASN A CA  1 
ATOM   860  C C   . ASN A 1 110 ? -13.46968 5.89430   1.14571   1.000 23.45906 ? 110 ASN A C   1 
ATOM   861  O O   . ASN A 1 110 ? -14.62328 6.17373   0.80683   1.000 21.58273 ? 110 ASN A O   1 
ATOM   862  C CB  . ASN A 1 110 ? -12.36493 8.14486   0.93351   1.000 19.98134 ? 110 ASN A CB  1 
ATOM   863  C CG  . ASN A 1 110 ? -11.27320 7.88992   -0.10492  1.000 22.76915 ? 110 ASN A CG  1 
ATOM   864  O OD1 . ASN A 1 110 ? -10.59905 6.86089   -0.10516  1.000 20.46506 ? 110 ASN A OD1 1 
ATOM   865  N ND2 . ASN A 1 110 ? -11.07723 8.87292   -0.98513  1.000 18.56842 ? 110 ASN A ND2 1 
ATOM   866  N N   . TYR A 1 111 ? -12.93151 4.69195   0.92546   1.000 19.43821 ? 111 TYR A N   1 
ATOM   867  C CA  . TYR A 1 111 ? -13.68554 3.56227   0.38269   1.000 23.29189 ? 111 TYR A CA  1 
ATOM   868  C C   . TYR A 1 111 ? -13.48909 2.39491   1.33860   1.000 17.35059 ? 111 TYR A C   1 
ATOM   869  O O   . TYR A 1 111 ? -12.67751 1.49743   1.07843   1.000 18.59191 ? 111 TYR A O   1 
ATOM   870  C CB  . TYR A 1 111 ? -13.21599 3.19773   -1.02480  1.000 21.51700 ? 111 TYR A CB  1 
ATOM   871  C CG  . TYR A 1 111 ? -13.52066 4.22744   -2.09298  1.000 27.70228 ? 111 TYR A CG  1 
ATOM   872  C CD1 . TYR A 1 111 ? -14.48567 3.98635   -3.06193  1.000 40.58834 ? 111 TYR A CD1 1 
ATOM   873  C CD2 . TYR A 1 111 ? -12.83095 5.42803   -2.14363  1.000 25.06234 ? 111 TYR A CD2 1 
ATOM   874  C CE1 . TYR A 1 111 ? -14.75764 4.92057   -4.04418  1.000 39.51600 ? 111 TYR A CE1 1 
ATOM   875  C CE2 . TYR A 1 111 ? -13.09994 6.36678   -3.11754  1.000 27.73149 ? 111 TYR A CE2 1 
ATOM   876  C CZ  . TYR A 1 111 ? -14.06061 6.10740   -4.06563  1.000 46.02620 ? 111 TYR A CZ  1 
ATOM   877  O OH  . TYR A 1 111 ? -14.32470 7.04465   -5.03833  1.000 56.33171 ? 111 TYR A OH  1 
ATOM   878  N N   . PRO A 1 112 ? -14.21136 2.38007   2.46425   1.000 18.81624 ? 112 PRO A N   1 
ATOM   879  C CA  . PRO A 1 112 ? -13.86452 1.45342   3.55046   1.000 19.67813 ? 112 PRO A CA  1 
ATOM   880  C C   . PRO A 1 112 ? -14.14896 -0.01012  3.25617   1.000 19.10903 ? 112 PRO A C   1 
ATOM   881  O O   . PRO A 1 112 ? -13.71901 -0.86352  4.04452   1.000 20.60928 ? 112 PRO A O   1 
ATOM   882  C CB  . PRO A 1 112 ? -14.71748 1.95520   4.72997   1.000 23.83796 ? 112 PRO A CB  1 
ATOM   883  C CG  . PRO A 1 112 ? -15.06146 3.35158   4.38556   1.000 29.14820 ? 112 PRO A CG  1 
ATOM   884  C CD  . PRO A 1 112 ? -15.19144 3.39610   2.89773   1.000 22.00487 ? 112 PRO A CD  1 
ATOM   885  N N   . THR A 1 113 ? -14.85447 -0.33357  2.18170   1.000 18.47549 ? 113 THR A N   1 
ATOM   886  C CA  . THR A 1 113 ? -14.97471 -1.72645  1.77792   1.000 20.35128 ? 113 THR A CA  1 
ATOM   887  C C   . THR A 1 113 ? -13.87724 -2.15577  0.81524   1.000 24.17325 ? 113 THR A C   1 
ATOM   888  O O   . THR A 1 113 ? -13.87587 -3.31691  0.39162   1.000 20.10923 ? 113 THR A O   1 
ATOM   889  C CB  . THR A 1 113 ? -16.34435 -2.00270  1.13787   1.000 23.71009 ? 113 THR A CB  1 
ATOM   890  O OG1 . THR A 1 113 ? -16.48833 -1.24646  -0.07067  1.000 24.08219 ? 113 THR A OG1 1 
ATOM   891  C CG2 . THR A 1 113 ? -17.45948 -1.63934  2.10622   1.000 31.21043 ? 113 THR A CG2 1 
ATOM   892  N N   . ARG A 1 114 ? -12.93842 -1.27114  0.47477   1.000 16.79503 ? 114 ARG A N   1 
ATOM   893  C CA  . ARG A 1 114 ? -11.85907 -1.61178  -0.44572  1.000 15.25712 ? 114 ARG A CA  1 
ATOM   894  C C   . ARG A 1 114 ? -10.52095 -1.64151  0.28547   1.000 16.46706 ? 114 ARG A C   1 
ATOM   895  O O   . ARG A 1 114 ? -10.30578 -0.91089  1.25479   1.000 15.56545 ? 114 ARG A O   1 
ATOM   896  C CB  . ARG A 1 114 ? -11.78086 -0.62717  -1.61064  1.000 16.60362 ? 114 ARG A CB  1 
ATOM   897  C CG  . ARG A 1 114 ? -13.04402 -0.59165  -2.45421  1.000 20.44247 ? 114 ARG A CG  1 
ATOM   898  C CD  . ARG A 1 114 ? -12.83698 0.16929   -3.74676  1.000 25.49267 ? 114 ARG A CD  1 
ATOM   899  N NE  . ARG A 1 114 ? -14.01294 0.03316   -4.60109  1.000 30.14660 ? 114 ARG A NE  1 
ATOM   900  C CZ  . ARG A 1 114 ? -14.05487 -0.70049  -5.70700  1.000 36.50996 ? 114 ARG A CZ  1 
ATOM   901  N NH1 . ARG A 1 114 ? -12.97173 -1.33865  -6.12511  1.000 33.69975 ? 114 ARG A NH1 1 
ATOM   902  N NH2 . ARG A 1 114 ? -15.17553 -0.77317  -6.41377  1.000 42.82358 ? 114 ARG A NH2 1 
ATOM   903  N N   . TYR A 1 115 ? -9.61554  -2.48425  -0.21026  1.000 14.45470 ? 115 TYR A N   1 
ATOM   904  C CA  . TYR A 1 115 ? -8.32535  -2.71624  0.42377   1.000 14.39979 ? 115 TYR A CA  1 
ATOM   905  C C   . TYR A 1 115 ? -7.23675  -2.67131  -0.62833  1.000 15.07330 ? 115 TYR A C   1 
ATOM   906  O O   . TYR A 1 115 ? -7.48479  -2.93761  -1.80115  1.000 13.30113 ? 115 TYR A O   1 
ATOM   907  C CB  . TYR A 1 115 ? -8.25500  -4.08802  1.12023   1.000 10.50918 ? 115 TYR A CB  1 
ATOM   908  C CG  . TYR A 1 115 ? -9.18867  -4.20533  2.30681   1.000 13.36607 ? 115 TYR A CG  1 
ATOM   909  C CD1 . TYR A 1 115 ? -8.72742  -4.01128  3.59734   1.000 14.31173 ? 115 TYR A CD1 1 
ATOM   910  C CD2 . TYR A 1 115 ? -10.54001 -4.46459  2.12184   1.000 17.10966 ? 115 TYR A CD2 1 
ATOM   911  C CE1 . TYR A 1 115 ? -9.58873  -4.10931  4.68942   1.000 14.88958 ? 115 TYR A CE1 1 
ATOM   912  C CE2 . TYR A 1 115 ? -11.40664 -4.56024  3.20311   1.000 15.12159 ? 115 TYR A CE2 1 
ATOM   913  C CZ  . TYR A 1 115 ? -10.92809 -4.38422  4.47357   1.000 17.20699 ? 115 TYR A CZ  1 
ATOM   914  O OH  . TYR A 1 115 ? -11.79256 -4.47449  5.54286   1.000 19.70220 ? 115 TYR A OH  1 
ATOM   915  N N   . ILE A 1 116 ? -6.02406  -2.33470  -0.19761  1.000 12.07788 ? 116 ILE A N   1 
ATOM   916  C CA  . ILE A 1 116 ? -4.87313  -2.46627  -1.08342  1.000 11.49865 ? 116 ILE A CA  1 
ATOM   917  C C   . ILE A 1 116 ? -4.65943  -3.94394  -1.38766  1.000 11.19236 ? 116 ILE A C   1 
ATOM   918  O O   . ILE A 1 116 ? -4.60750  -4.77420  -0.47408  1.000 11.61178 ? 116 ILE A O   1 
ATOM   919  C CB  . ILE A 1 116 ? -3.61943  -1.86915  -0.43262  1.000 10.18348 ? 116 ILE A CB  1 
ATOM   920  C CG1 . ILE A 1 116 ? -3.85377  -0.39535  -0.08547  1.000 11.95463 ? 116 ILE A CG1 1 
ATOM   921  C CG2 . ILE A 1 116 ? -2.41184  -2.03825  -1.39553  1.000 11.02813 ? 116 ILE A CG2 1 
ATOM   922  C CD1 . ILE A 1 116 ? -2.60088  0.33996   0.37825   1.000 9.19334  ? 116 ILE A CD1 1 
ATOM   923  N N   . ARG A 1 117 ? -4.53593  -4.28235  -2.66483  1.000 13.38159 ? 117 ARG A N   1 
ATOM   924  C CA  . ARG A 1 117 ? -4.23914  -5.66956  -3.00919  1.000 11.20628 ? 117 ARG A CA  1 
ATOM   925  C C   . ARG A 1 117 ? -3.34835  -5.68654  -4.23975  1.000 10.59424 ? 117 ARG A C   1 
ATOM   926  O O   . ARG A 1 117 ? -3.40444  -4.77690  -5.07017  1.000 11.81906 ? 117 ARG A O   1 
ATOM   927  C CB  . ARG A 1 117 ? -5.51676  -6.49792  -3.26203  1.000 15.89738 ? 117 ARG A CB  1 
ATOM   928  C CG  . ARG A 1 117 ? -6.39672  -6.06333  -4.44800  1.000 17.89662 ? 117 ARG A CG  1 
ATOM   929  C CD  . ARG A 1 117 ? -6.04654  -6.75040  -5.81090  1.000 12.61007 ? 117 ARG A CD  1 
ATOM   930  N NE  . ARG A 1 117 ? -6.14506  -8.21559  -5.78275  1.000 14.54989 ? 117 ARG A NE  1 
ATOM   931  C CZ  . ARG A 1 117 ? -7.28907  -8.89651  -5.82365  1.000 15.46178 ? 117 ARG A CZ  1 
ATOM   932  N NH1 . ARG A 1 117 ? -8.44873  -8.24409  -5.87088  1.000 15.69138 ? 117 ARG A NH1 1 
ATOM   933  N NH2 . ARG A 1 117 ? -7.27979  -10.22717 -5.77825  1.000 16.98778 ? 117 ARG A NH2 1 
ATOM   934  N N   . HIS A 1 118 ? -2.50958  -6.71082  -4.35890  1.000 12.02941 ? 118 HIS A N   1 
ATOM   935  C CA  . HIS A 1 118 ? -1.85852  -6.90876  -5.64709  1.000 12.97694 ? 118 HIS A CA  1 
ATOM   936  C C   . HIS A 1 118 ? -2.76752  -7.76141  -6.52294  1.000 13.45161 ? 118 HIS A C   1 
ATOM   937  O O   . HIS A 1 118 ? -3.32554  -8.76292  -6.06455  1.000 14.51749 ? 118 HIS A O   1 
ATOM   938  C CB  . HIS A 1 118 ? -0.45037  -7.51854  -5.50507  1.000 12.42348 ? 118 HIS A CB  1 
ATOM   939  C CG  . HIS A 1 118 ? -0.42045  -8.94555  -5.03839  1.000 12.69391 ? 118 HIS A CG  1 
ATOM   940  N ND1 . HIS A 1 118 ? -0.33465  -10.00945 -5.90880  1.000 12.74296 ? 118 HIS A ND1 1 
ATOM   941  C CD2 . HIS A 1 118 ? -0.38402  -9.47670  -3.79395  1.000 13.97399 ? 118 HIS A CD2 1 
ATOM   942  C CE1 . HIS A 1 118 ? -0.28546  -11.13925 -5.22318  1.000 15.70764 ? 118 HIS A CE1 1 
ATOM   943  N NE2 . HIS A 1 118 ? -0.32135  -10.84432 -3.93698  1.000 12.14687 ? 118 HIS A NE2 1 
ATOM   944  N N   . TYR A 1 119 ? -2.97768  -7.31280  -7.76352  1.000 11.54378 ? 119 TYR A N   1 
ATOM   945  C CA  . TYR A 1 119 ? -3.65469  -8.10114  -8.79279  1.000 12.92051 ? 119 TYR A CA  1 
ATOM   946  C C   . TYR A 1 119 ? -2.53101  -8.52618  -9.72173  1.000 12.98508 ? 119 TYR A C   1 
ATOM   947  O O   . TYR A 1 119 ? -2.04670  -7.71500  -10.51165 1.000 14.24400 ? 119 TYR A O   1 
ATOM   948  C CB  . TYR A 1 119 ? -4.72315  -7.28709  -9.51309  1.000 16.35394 ? 119 TYR A CB  1 
ATOM   949  C CG  . TYR A 1 119 ? -5.25280  -7.96734  -10.76156 1.000 20.30022 ? 119 TYR A CG  1 
ATOM   950  C CD1 . TYR A 1 119 ? -5.15227  -7.35241  -12.00754 1.000 23.11272 ? 119 TYR A CD1 1 
ATOM   951  C CD2 . TYR A 1 119 ? -5.84200  -9.22065  -10.69290 1.000 29.43775 ? 119 TYR A CD2 1 
ATOM   952  C CE1 . TYR A 1 119 ? -5.63864  -7.97142  -13.15145 1.000 29.64691 ? 119 TYR A CE1 1 
ATOM   953  C CE2 . TYR A 1 119 ? -6.32455  -9.85122  -11.83055 1.000 19.54821 ? 119 TYR A CE2 1 
ATOM   954  C CZ  . TYR A 1 119 ? -6.22038  -9.22348  -13.05218 1.000 29.15416 ? 119 TYR A CZ  1 
ATOM   955  O OH  . TYR A 1 119 ? -6.70607  -9.85203  -14.18239 1.000 31.16021 ? 119 TYR A OH  1 
ATOM   956  N N   . ASN A 1 120 ? -2.12257  -9.79560  -9.61240  1.000 14.71544 ? 120 ASN A N   1 
ATOM   957  C CA  A ASN A 1 120 ? -0.85841  -10.25282 -10.16380 0.602 14.71590 ? 120 ASN A CA  1 
ATOM   958  C CA  B ASN A 1 120 ? -0.84462  -10.26905 -10.15102 0.398 14.76847 ? 120 ASN A CA  1 
ATOM   959  C C   . ASN A 1 120 ? 0.23177   -9.27956  -9.71727  1.000 13.11364 ? 120 ASN A C   1 
ATOM   960  O O   . ASN A 1 120 ? 0.41040   -9.06656  -8.51265  1.000 13.32948 ? 120 ASN A O   1 
ATOM   961  C CB  A ASN A 1 120 ? -0.99823  -10.40344 -11.67820 0.602 15.60920 ? 120 ASN A CB  1 
ATOM   962  C CB  B ASN A 1 120 ? -0.86825  -10.53673 -11.68662 0.398 15.63305 ? 120 ASN A CB  1 
ATOM   963  C CG  A ASN A 1 120 ? -2.25423  -11.19087 -12.04855 0.602 16.20931 ? 120 ASN A CG  1 
ATOM   964  C CG  B ASN A 1 120 ? -1.06126  -9.28585  -12.56957 0.398 20.56719 ? 120 ASN A CG  1 
ATOM   965  O OD1 A ASN A 1 120 ? -2.62557  -12.15688 -11.35263 0.602 16.10200 ? 120 ASN A OD1 1 
ATOM   966  O OD1 B ASN A 1 120 ? -0.09025  -8.63198  -12.99708 0.398 15.91663 ? 120 ASN A OD1 1 
ATOM   967  N ND2 A ASN A 1 120 ? -2.93399  -10.76849 -13.10678 0.602 18.01414 ? 120 ASN A ND2 1 
ATOM   968  N ND2 B ASN A 1 120 ? -2.31502  -8.98945  -12.89673 0.398 24.28450 ? 120 ASN A ND2 1 
ATOM   969  N N   . TYR A 1 121 ? 0.94768   -8.65539  -10.64981 1.000 15.40076 ? 121 TYR A N   1 
ATOM   970  C CA  . TYR A 1 121 ? 2.01299   -7.75865  -10.22031 1.000 14.65138 ? 121 TYR A CA  1 
ATOM   971  C C   . TYR A 1 121 ? 1.53048   -6.34653  -9.91109  1.000 15.14650 ? 121 TYR A C   1 
ATOM   972  O O   . TYR A 1 121 ? 2.30641   -5.56623  -9.35955  1.000 16.61039 ? 121 TYR A O   1 
ATOM   973  C CB  . TYR A 1 121 ? 3.10802   -7.65001  -11.28848 1.000 17.39490 ? 121 TYR A CB  1 
ATOM   974  C CG  . TYR A 1 121 ? 3.86649   -8.92601  -11.59283 1.000 15.41153 ? 121 TYR A CG  1 
ATOM   975  C CD1 . TYR A 1 121 ? 4.81669   -9.42735  -10.70951 1.000 17.88904 ? 121 TYR A CD1 1 
ATOM   976  C CD2 . TYR A 1 121 ? 3.65340   -9.61609  -12.78825 1.000 14.54072 ? 121 TYR A CD2 1 
ATOM   977  C CE1 . TYR A 1 121 ? 5.52241   -10.59209 -11.00016 1.000 18.87774 ? 121 TYR A CE1 1 
ATOM   978  C CE2 . TYR A 1 121 ? 4.36548   -10.77363 -13.08163 1.000 15.30540 ? 121 TYR A CE2 1 
ATOM   979  C CZ  . TYR A 1 121 ? 5.29396   -11.24986 -12.19171 1.000 18.37142 ? 121 TYR A CZ  1 
ATOM   980  O OH  . TYR A 1 121 ? 5.99904   -12.40260 -12.50336 1.000 20.08860 ? 121 TYR A OH  1 
ATOM   981  N N   . LEU A 1 122 ? 0.29989   -5.98874  -10.27218 1.000 15.63353 ? 122 LEU A N   1 
ATOM   982  C CA  . LEU A 1 122 ? -0.15752  -4.61131  -10.14008 1.000 15.92147 ? 122 LEU A CA  1 
ATOM   983  C C   . LEU A 1 122 ? -0.75312  -4.38498  -8.76113  1.000 14.96402 ? 122 LEU A C   1 
ATOM   984  O O   . LEU A 1 122 ? -1.19598  -5.31802  -8.09717  1.000 16.93793 ? 122 LEU A O   1 
ATOM   985  C CB  . LEU A 1 122 ? -1.20642  -4.28732  -11.20570 1.000 15.16367 ? 122 LEU A CB  1 
ATOM   986  C CG  . LEU A 1 122 ? -0.75487  -4.55312  -12.63970 1.000 20.93427 ? 122 LEU A CG  1 
ATOM   987  C CD1 . LEU A 1 122 ? -1.88501  -4.24488  -13.58876 1.000 28.67377 ? 122 LEU A CD1 1 
ATOM   988  C CD2 . LEU A 1 122 ? 0.47559   -3.71775  -12.95453 1.000 25.96756 ? 122 LEU A CD2 1 
ATOM   989  N N   . LEU A 1 123 ? -0.76088  -3.12685  -8.32737  1.000 15.23084 ? 123 LEU A N   1 
ATOM   990  C CA  . LEU A 1 123 ? -1.38620  -2.76021  -7.06258  1.000 13.48130 ? 123 LEU A CA  1 
ATOM   991  C C   . LEU A 1 123 ? -2.69514  -2.05519  -7.37205  1.000 17.48472 ? 123 LEU A C   1 
ATOM   992  O O   . LEU A 1 123 ? -2.72517  -1.11903  -8.18160  1.000 16.98790 ? 123 LEU A O   1 
ATOM   993  C CB  . LEU A 1 123 ? -0.47209  -1.86461  -6.21629  1.000 16.74761 ? 123 LEU A CB  1 
ATOM   994  C CG  . LEU A 1 123 ? -0.67368  -1.97849  -4.70761  1.000 19.82655 ? 123 LEU A CG  1 
ATOM   995  C CD1 . LEU A 1 123 ? -0.16263  -3.32395  -4.17334  1.000 13.27370 ? 123 LEU A CD1 1 
ATOM   996  C CD2 . LEU A 1 123 ? 0.00386   -0.82644  -3.97978  1.000 17.38668 ? 123 LEU A CD2 1 
ATOM   997  N N   . ARG A 1 124 ? -3.77363  -2.52954  -6.75213  1.000 15.55244 ? 124 ARG A N   1 
ATOM   998  C CA  A ARG A 1 124 ? -5.09190  -1.96155  -6.98065  0.473 15.47244 ? 124 ARG A CA  1 
ATOM   999  C CA  B ARG A 1 124 ? -5.12953  -2.05217  -6.98414  0.527 15.54165 ? 124 ARG A CA  1 
ATOM   1000 C C   . ARG A 1 124 ? -5.79038  -1.78001  -5.64443  1.000 15.52323 ? 124 ARG A C   1 
ATOM   1001 O O   . ARG A 1 124 ? -5.32781  -2.25389  -4.60236  1.000 15.18372 ? 124 ARG A O   1 
ATOM   1002 C CB  A ARG A 1 124 ? -5.93624  -2.83930  -7.91892  0.473 17.47903 ? 124 ARG A CB  1 
ATOM   1003 C CB  B ARG A 1 124 ? -5.99026  -3.08220  -7.74251  0.527 16.98564 ? 124 ARG A CB  1 
ATOM   1004 C CG  A ARG A 1 124 ? -5.35568  -2.95902  -9.32286  0.473 21.14203 ? 124 ARG A CG  1 
ATOM   1005 C CG  B ARG A 1 124 ? -5.48994  -3.47760  -9.11449  0.527 20.58921 ? 124 ARG A CG  1 
ATOM   1006 C CD  A ARG A 1 124 ? -6.23405  -3.79799  -10.22560 0.473 26.51963 ? 124 ARG A CD  1 
ATOM   1007 C CD  B ARG A 1 124 ? -6.30067  -2.78084  -10.17758 0.527 27.15365 ? 124 ARG A CD  1 
ATOM   1008 N NE  A ARG A 1 124 ? -7.59154  -3.26941  -10.31141 0.473 32.95895 ? 124 ARG A NE  1 
ATOM   1009 N NE  B ARG A 1 124 ? -5.48215  -1.84313  -10.92432 0.527 27.42879 ? 124 ARG A NE  1 
ATOM   1010 C CZ  A ARG A 1 124 ? -8.67948  -3.97345  -10.02587 0.473 26.43834 ? 124 ARG A CZ  1 
ATOM   1011 C CZ  B ARG A 1 124 ? -5.05474  -2.04980  -12.16340 0.527 26.30168 ? 124 ARG A CZ  1 
ATOM   1012 N NH1 A ARG A 1 124 ? -8.56756  -5.24093  -9.64759  0.473 30.19235 ? 124 ARG A NH1 1 
ATOM   1013 N NH1 B ARG A 1 124 ? -5.38397  -3.16190  -12.81002 0.527 32.99781 ? 124 ARG A NH1 1 
ATOM   1014 N NH2 A ARG A 1 124 ? -9.87801  -3.41809  -10.13320 0.473 28.46416 ? 124 ARG A NH2 1 
ATOM   1015 N NH2 B ARG A 1 124 ? -4.31084  -1.13127  -12.75869 0.527 34.21621 ? 124 ARG A NH2 1 
ATOM   1016 N N   . LEU A 1 125 ? -6.90204  -1.03938  -5.68160  1.000 15.04675 ? 125 LEU A N   1 
ATOM   1017 C CA  . LEU A 1 125 ? -7.75472  -0.85532  -4.50576  1.000 12.95887 ? 125 LEU A CA  1 
ATOM   1018 C C   . LEU A 1 125 ? -9.08369  -1.52825  -4.82756  1.000 18.08841 ? 125 LEU A C   1 
ATOM   1019 O O   . LEU A 1 125 ? -9.91151  -0.96177  -5.54511  1.000 18.28685 ? 125 LEU A O   1 
ATOM   1020 C CB  . LEU A 1 125 ? -7.96623  0.61732   -4.17192  1.000 14.65256 ? 125 LEU A CB  1 
ATOM   1021 C CG  . LEU A 1 125 ? -8.67941  0.84071   -2.83530  1.000 14.71559 ? 125 LEU A CG  1 
ATOM   1022 C CD1 . LEU A 1 125 ? -7.66071  0.77309   -1.69926  1.000 15.05656 ? 125 LEU A CD1 1 
ATOM   1023 C CD2 . LEU A 1 125 ? -9.42234  2.19396   -2.81007  1.000 13.32605 ? 125 LEU A CD2 1 
ATOM   1024 N N   . ASP A 1 126 ? -9.29862  -2.72392  -4.28565  1.000 18.02737 ? 126 ASP A N   1 
ATOM   1025 C CA  . ASP A 1 126 ? -10.39240 -3.58118  -4.71180  1.000 16.65535 ? 126 ASP A CA  1 
ATOM   1026 C C   . ASP A 1 126 ? -11.31128 -3.95736  -3.56325  1.000 17.11025 ? 126 ASP A C   1 
ATOM   1027 O O   . ASP A 1 126 ? -10.92832 -3.93689  -2.39415  1.000 16.47246 ? 126 ASP A O   1 
ATOM   1028 C CB  . ASP A 1 126 ? -9.87878  -4.89441  -5.31069  1.000 16.34551 ? 126 ASP A CB  1 
ATOM   1029 C CG  . ASP A 1 126 ? -9.49208  -4.76620  -6.74771  1.000 24.07976 ? 126 ASP A CG  1 
ATOM   1030 O OD1 . ASP A 1 126 ? -9.92928  -3.79567  -7.39542  1.000 25.22591 ? 126 ASP A OD1 1 
ATOM   1031 O OD2 . ASP A 1 126 ? -8.75686  -5.64856  -7.23090  1.000 20.45774 ? 126 ASP A OD2 1 
ATOM   1032 N N   . GLU A 1 127 ? -12.52448 -4.35543  -3.93735  1.000 18.35151 ? 127 GLU A N   1 
ATOM   1033 C CA  . GLU A 1 127 ? -13.35421 -5.17138  -3.06431  1.000 19.90046 ? 127 GLU A CA  1 
ATOM   1034 C C   . GLU A 1 127 ? -12.69969 -6.53303  -2.87555  1.000 18.17740 ? 127 GLU A C   1 
ATOM   1035 O O   . GLU A 1 127 ? -12.13340 -7.09316  -3.81871  1.000 19.46819 ? 127 GLU A O   1 
ATOM   1036 C CB  . GLU A 1 127 ? -14.74543 -5.34027  -3.67789  1.000 25.35538 ? 127 GLU A CB  1 
ATOM   1037 C CG  . GLU A 1 127 ? -15.43618 -4.02180  -3.94295  1.000 24.36024 ? 127 GLU A CG  1 
ATOM   1038 C CD  . GLU A 1 127 ? -15.97090 -3.41634  -2.66720  1.000 27.59215 ? 127 GLU A CD  1 
ATOM   1039 O OE1 . GLU A 1 127 ? -16.38853 -4.18802  -1.77961  1.000 28.28291 ? 127 GLU A OE1 1 
ATOM   1040 O OE2 . GLU A 1 127 ? -15.96362 -2.17886  -2.53972  1.000 33.28764 ? 127 GLU A OE2 1 
ATOM   1041 N N   . ILE A 1 128 ? -12.78783 -7.06967  -1.66291  1.000 16.18716 ? 128 ILE A N   1 
ATOM   1042 C CA  . ILE A 1 128 ? -12.09674 -8.30904  -1.29209  1.000 15.39634 ? 128 ILE A CA  1 
ATOM   1043 C C   . ILE A 1 128 ? -13.17285 -9.34022  -0.98443  1.000 22.15261 ? 128 ILE A C   1 
ATOM   1044 O O   . ILE A 1 128 ? -13.78335 -9.31699  0.09116   1.000 25.73273 ? 128 ILE A O   1 
ATOM   1045 C CB  . ILE A 1 128 ? -11.14999 -8.10353  -0.10481  1.000 17.52651 ? 128 ILE A CB  1 
ATOM   1046 C CG1 . ILE A 1 128 ? -10.12990 -7.00971  -0.44029  1.000 15.67412 ? 128 ILE A CG1 1 
ATOM   1047 C CG2 . ILE A 1 128 ? -10.48802 -9.43011  0.29438   1.000 18.52014 ? 128 ILE A CG2 1 
ATOM   1048 C CD1 . ILE A 1 128 ? -9.29955  -7.28508  -1.67426  1.000 18.69533 ? 128 ILE A CD1 1 
ATOM   1049 N N   . VAL A 1 129 ? -13.39910 -10.25889 -1.92388  1.000 20.66307 ? 129 VAL A N   1 
ATOM   1050 C CA  . VAL A 1 129 ? -14.53504 -11.17143 -1.88557  1.000 24.42540 ? 129 VAL A CA  1 
ATOM   1051 C C   . VAL A 1 129 ? -14.10842 -12.59884 -1.54715  1.000 25.33652 ? 129 VAL A C   1 
ATOM   1052 O O   . VAL A 1 129 ? -14.70442 -13.24000 -0.68204  1.000 26.32071 ? 129 VAL A O   1 
ATOM   1053 C CB  . VAL A 1 129 ? -15.31580 -11.12630 -3.21529  1.000 21.28876 ? 129 VAL A CB  1 
ATOM   1054 C CG1 . VAL A 1 129 ? -16.48947 -12.10976 -3.16678  1.000 24.11038 ? 129 VAL A CG1 1 
ATOM   1055 C CG2 . VAL A 1 129 ? -15.77666 -9.69903  -3.50318  1.000 27.48729 ? 129 VAL A CG2 1 
ATOM   1056 N N   . THR A 1 130 ? -13.06476 -13.10534 -2.20238  1.000 18.85338 ? 130 THR A N   1 
ATOM   1057 C CA  . THR A 1 130 ? -12.66788 -14.50224 -2.08144  1.000 20.38349 ? 130 THR A CA  1 
ATOM   1058 C C   . THR A 1 130 ? -11.46946 -14.67794 -1.15249  1.000 21.69090 ? 130 THR A C   1 
ATOM   1059 O O   . THR A 1 130 ? -10.80576 -13.72220 -0.74202  1.000 20.21356 ? 130 THR A O   1 
ATOM   1060 C CB  . THR A 1 130 ? -12.32532 -15.06314 -3.46020  1.000 21.80625 ? 130 THR A CB  1 
ATOM   1061 O OG1 . THR A 1 130 ? -11.13579 -14.41197 -3.92610  1.000 20.18999 ? 130 THR A OG1 1 
ATOM   1062 C CG2 . THR A 1 130 ? -13.45525 -14.78922 -4.42759  1.000 21.52099 ? 130 THR A CG2 1 
ATOM   1063 N N   . ALA A 1 131 ? -11.17121 -15.94020 -0.84079  1.000 20.04944 ? 131 ALA A N   1 
ATOM   1064 C CA  . ALA A 1 131 ? -10.00442 -16.21009 -0.01045  1.000 22.51876 ? 131 ALA A CA  1 
ATOM   1065 C C   . ALA A 1 131 ? -8.72177  -15.79117 -0.71897  1.000 20.21724 ? 131 ALA A C   1 
ATOM   1066 O O   . ALA A 1 131 ? -7.77610  -15.31535 -0.07525  1.000 18.19500 ? 131 ALA A O   1 
ATOM   1067 C CB  . ALA A 1 131 ? -9.95523  -17.68923 0.37106   1.000 24.46531 ? 131 ALA A CB  1 
ATOM   1068 N N   . LEU A 1 132 ? -8.66227  -15.96782 -2.04661  1.000 18.42276 ? 132 LEU A N   1 
ATOM   1069 C CA  . LEU A 1 132 ? -7.48745  -15.50084 -2.77200  1.000 19.91940 ? 132 LEU A CA  1 
ATOM   1070 C C   . LEU A 1 132 ? -7.39813  -13.98459 -2.75345  1.000 15.50994 ? 132 LEU A C   1 
ATOM   1071 O O   . LEU A 1 132 ? -6.29599  -13.43301 -2.67728  1.000 15.58406 ? 132 LEU A O   1 
ATOM   1072 C CB  . LEU A 1 132 ? -7.47992  -16.01008 -4.21464  1.000 18.59965 ? 132 LEU A CB  1 
ATOM   1073 C CG  . LEU A 1 132 ? -7.15483  -17.48992 -4.39751  1.000 27.18580 ? 132 LEU A CG  1 
ATOM   1074 C CD1 . LEU A 1 132 ? -6.96328  -17.77052 -5.88063  1.000 29.28898 ? 132 LEU A CD1 1 
ATOM   1075 C CD2 . LEU A 1 132 ? -5.91634  -17.86926 -3.58315  1.000 28.18083 ? 132 LEU A CD2 1 
ATOM   1076 N N   . ASP A 1 133 ? -8.53550  -13.28963 -2.87983  1.000 15.87837 ? 133 ASP A N   1 
ATOM   1077 C CA  . ASP A 1 133 ? -8.52176  -11.83438 -2.71397  1.000 17.90819 ? 133 ASP A CA  1 
ATOM   1078 C C   . ASP A 1 133 ? -7.92841  -11.45050 -1.36222  1.000 15.19454 ? 133 ASP A C   1 
ATOM   1079 O O   . ASP A 1 133 ? -7.12805  -10.51235 -1.26115  1.000 14.41878 ? 133 ASP A O   1 
ATOM   1080 C CB  . ASP A 1 133 ? -9.93369  -11.25327 -2.82176  1.000 16.22919 ? 133 ASP A CB  1 
ATOM   1081 C CG  . ASP A 1 133 ? -10.52280 -11.33429 -4.21915  1.000 23.58632 ? 133 ASP A CG  1 
ATOM   1082 O OD1 . ASP A 1 133 ? -9.77874  -11.48350 -5.21454  1.000 18.71736 ? 133 ASP A OD1 1 
ATOM   1083 O OD2 . ASP A 1 133 ? -11.76482 -11.20499 -4.31367  1.000 20.84998 ? 133 ASP A OD2 1 
ATOM   1084 N N   . ARG A 1 134 ? -8.33223  -12.14939 -0.29973  1.000 15.27864 ? 134 ARG A N   1 
ATOM   1085 C CA  . ARG A 1 134 ? -7.80479  -11.82657 1.02143   1.000 15.00337 ? 134 ARG A CA  1 
ATOM   1086 C C   . ARG A 1 134 ? -6.29609  -12.01956 1.07551   1.000 13.33092 ? 134 ARG A C   1 
ATOM   1087 O O   . ARG A 1 134 ? -5.58142  -11.18112 1.63507   1.000 12.34797 ? 134 ARG A O   1 
ATOM   1088 C CB  . ARG A 1 134 ? -8.50989  -12.66542 2.09353   1.000 15.79922 ? 134 ARG A CB  1 
ATOM   1089 C CG  . ARG A 1 134 ? -9.99272  -12.31005 2.19304   1.000 17.72525 ? 134 ARG A CG  1 
ATOM   1090 C CD  . ARG A 1 134 ? -10.70265 -12.94995 3.37921   1.000 21.10405 ? 134 ARG A CD  1 
ATOM   1091 N NE  . ARG A 1 134 ? -10.96863 -14.37242 3.19815   1.000 28.73062 ? 134 ARG A NE  1 
ATOM   1092 C CZ  . ARG A 1 134 ? -12.01570 -14.87988 2.54645   1.000 31.39355 ? 134 ARG A CZ  1 
ATOM   1093 N NH1 . ARG A 1 134 ? -12.90749 -14.08914 1.95821   1.000 26.00552 ? 134 ARG A NH1 1 
ATOM   1094 N NH2 . ARG A 1 134 ? -12.15990 -16.19683 2.46861   1.000 33.72107 ? 134 ARG A NH2 1 
ATOM   1095 N N   . GLU A 1 135 ? -5.79362  -13.10852 0.47836   1.000 13.33657 ? 135 GLU A N   1 
ATOM   1096 C CA  . GLU A 1 135 ? -4.34835  -13.32760 0.42799   1.000 13.18699 ? 135 GLU A CA  1 
ATOM   1097 C C   . GLU A 1 135 ? -3.64620  -12.22924 -0.36902  1.000 11.96209 ? 135 GLU A C   1 
ATOM   1098 O O   . GLU A 1 135 ? -2.56770  -11.76513 0.02269   1.000 13.17161 ? 135 GLU A O   1 
ATOM   1099 C CB  . GLU A 1 135 ? -4.04512  -14.70886 -0.16694  1.000 14.16875 ? 135 GLU A CB  1 
ATOM   1100 C CG  . GLU A 1 135 ? -4.62799  -15.83900 0.67191   1.000 14.85881 ? 135 GLU A CG  1 
ATOM   1101 C CD  . GLU A 1 135 ? -4.16517  -17.20536 0.23123   1.000 28.88993 ? 135 GLU A CD  1 
ATOM   1102 O OE1 . GLU A 1 135 ? -4.91264  -18.18036 0.46708   1.000 26.09057 ? 135 GLU A OE1 1 
ATOM   1103 O OE2 . GLU A 1 135 ? -3.06355  -17.30058 -0.34627  1.000 24.45037 ? 135 GLU A OE2 1 
ATOM   1104 N N   . ASP A 1 136 ? -4.24196  -11.79732 -1.49200  1.000 13.14735 ? 136 ASP A N   1 
ATOM   1105 C CA  . ASP A 1 136 ? -3.65526  -10.71376 -2.28104  1.000 12.37489 ? 136 ASP A CA  1 
ATOM   1106 C C   . ASP A 1 136 ? -3.67505  -9.38669  -1.53847  1.000 13.29485 ? 136 ASP A C   1 
ATOM   1107 O O   . ASP A 1 136 ? -2.96668  -8.45112  -1.93766  1.000 11.81359 ? 136 ASP A O   1 
ATOM   1108 C CB  . ASP A 1 136 ? -4.40003  -10.50509 -3.59929  1.000 11.78852 ? 136 ASP A CB  1 
ATOM   1109 C CG  . ASP A 1 136 ? -4.09015  -11.55887 -4.64512  1.000 16.98142 ? 136 ASP A CG  1 
ATOM   1110 O OD1 . ASP A 1 136 ? -3.07793  -12.28166 -4.52137  1.000 15.48478 ? 136 ASP A OD1 1 
ATOM   1111 O OD2 . ASP A 1 136 ? -4.84802  -11.60797 -5.64280  1.000 16.95238 ? 136 ASP A OD2 1 
ATOM   1112 N N   . ALA A 1 137 ? -4.49421  -9.27464  -0.49574  1.000 12.27895 ? 137 ALA A N   1 
ATOM   1113 C CA  . ALA A 1 137 ? -4.64607  -8.04617  0.26911   1.000 12.33705 ? 137 ALA A CA  1 
ATOM   1114 C C   . ALA A 1 137 ? -3.93903  -8.10735  1.62279   1.000 12.11579 ? 137 ALA A C   1 
ATOM   1115 O O   . ALA A 1 137 ? -4.15176  -7.22805  2.47749   1.000 12.86349 ? 137 ALA A O   1 
ATOM   1116 C CB  . ALA A 1 137 ? -6.13604  -7.72893  0.46391   1.000 12.34449 ? 137 ALA A CB  1 
ATOM   1117 N N   . THR A 1 138 ? -3.07613  -9.09707  1.82991   1.000 12.65564 ? 138 THR A N   1 
ATOM   1118 C CA  . THR A 1 138 ? -2.39559  -9.26770  3.10469   1.000 12.63442 ? 138 THR A CA  1 
ATOM   1119 C C   . THR A 1 138 ? -0.89421  -9.11466  2.90585   1.000 13.50321 ? 138 THR A C   1 
ATOM   1120 O O   . THR A 1 138 ? -0.32838  -9.59820  1.91997   1.000 11.81593 ? 138 THR A O   1 
ATOM   1121 C CB  . THR A 1 138 ? -2.75016  -10.62508 3.73203   1.000 14.15910 ? 138 THR A CB  1 
ATOM   1122 O OG1 . THR A 1 138 ? -4.17417  -10.68410 3.89882   1.000 13.44362 ? 138 THR A OG1 1 
ATOM   1123 C CG2 . THR A 1 138 ? -2.10881  -10.76315 5.08286   1.000 14.60717 ? 138 THR A CG2 1 
ATOM   1124 N N   . PHE A 1 139 ? -0.26244  -8.40374  3.82888   1.000 13.77457 ? 139 PHE A N   1 
ATOM   1125 C CA  . PHE A 1 139 ? 1.14275   -8.04910  3.70161   1.000 12.46106 ? 139 PHE A CA  1 
ATOM   1126 C C   . PHE A 1 139 ? 1.80565   -8.19310  5.06086   1.000 13.76114 ? 139 PHE A C   1 
ATOM   1127 O O   . PHE A 1 139 ? 1.17259   -8.00267  6.09911   1.000 17.03175 ? 139 PHE A O   1 
ATOM   1128 C CB  . PHE A 1 139 ? 1.31600   -6.61317  3.17240   1.000 13.14958 ? 139 PHE A CB  1 
ATOM   1129 C CG  . PHE A 1 139 ? 0.68070   -6.41685  1.83079   1.000 11.12519 ? 139 PHE A CG  1 
ATOM   1130 C CD1 . PHE A 1 139 ? 1.39452   -6.67477  0.66759   1.000 11.15215 ? 139 PHE A CD1 1 
ATOM   1131 C CD2 . PHE A 1 139 ? -0.64556  -6.04559  1.73253   1.000 10.98891 ? 139 PHE A CD2 1 
ATOM   1132 C CE1 . PHE A 1 139 ? 0.78642   -6.54349  -0.57790  1.000 12.85652 ? 139 PHE A CE1 1 
ATOM   1133 C CE2 . PHE A 1 139 ? -1.25480  -5.91393  0.49237   1.000 11.92589 ? 139 PHE A CE2 1 
ATOM   1134 C CZ  . PHE A 1 139 ? -0.54396  -6.16233  -0.65392  1.000 13.66520 ? 139 PHE A CZ  1 
ATOM   1135 N N   . ARG A 1 140 ? 3.08282   -8.53315  5.03887   1.000 17.31871 ? 140 ARG A N   1 
ATOM   1136 C CA  . ARG A 1 140 ? 3.89874   -8.53632  6.24244   1.000 15.82096 ? 140 ARG A CA  1 
ATOM   1137 C C   . ARG A 1 140 ? 4.66033   -7.22361  6.27502   1.000 17.64720 ? 140 ARG A C   1 
ATOM   1138 O O   . ARG A 1 140 ? 5.41572   -6.91458  5.34885   1.000 18.63238 ? 140 ARG A O   1 
ATOM   1139 C CB  . ARG A 1 140 ? 4.85687   -9.72570  6.26531   1.000 19.53393 ? 140 ARG A CB  1 
ATOM   1140 C CG  . ARG A 1 140 ? 5.53084   -9.92695  7.60733   1.000 24.02395 ? 140 ARG A CG  1 
ATOM   1141 C CD  . ARG A 1 140 ? 6.56436   -11.05049 7.54243   1.000 33.83155 ? 140 ARG A CD  1 
ATOM   1142 N NE  . ARG A 1 140 ? 7.20192   -11.25446 8.84120   1.000 47.60503 ? 140 ARG A NE  1 
ATOM   1143 C CZ  . ARG A 1 140 ? 8.34844   -11.90230 9.02307   1.000 52.10470 ? 140 ARG A CZ  1 
ATOM   1144 N NH1 . ARG A 1 140 ? 8.99865   -12.41486 7.98620   1.000 55.47655 ? 140 ARG A NH1 1 
ATOM   1145 N NH2 . ARG A 1 140 ? 8.84816   -12.03089 10.24522  1.000 60.68858 ? 140 ARG A NH2 1 
ATOM   1146 N N   . VAL A 1 141 ? 4.43388   -6.43422  7.31462   1.000 18.51686 ? 141 VAL A N   1 
ATOM   1147 C CA  . VAL A 1 141 ? 5.14110   -5.17593  7.47408   1.000 19.55714 ? 141 VAL A CA  1 
ATOM   1148 C C   . VAL A 1 141 ? 6.44564   -5.47277  8.20566   1.000 22.41459 ? 141 VAL A C   1 
ATOM   1149 O O   . VAL A 1 141 ? 6.43151   -5.95549  9.34016   1.000 24.47962 ? 141 VAL A O   1 
ATOM   1150 C CB  . VAL A 1 141 ? 4.28524   -4.15362  8.23584   1.000 22.92497 ? 141 VAL A CB  1 
ATOM   1151 C CG1 . VAL A 1 141 ? 5.08145   -2.87915  8.47970   1.000 26.89720 ? 141 VAL A CG1 1 
ATOM   1152 C CG2 . VAL A 1 141 ? 3.00352   -3.84601  7.44332   1.000 19.36034 ? 141 VAL A CG2 1 
ATOM   1153 N N   . ILE A 1 142 ? 7.56661   -5.23510  7.53870   1.000 22.40066 ? 142 ILE A N   1 
ATOM   1154 C CA  . ILE A 1 142 ? 8.89095   -5.54668  8.06813   1.000 25.73019 ? 142 ILE A CA  1 
ATOM   1155 C C   . ILE A 1 142 ? 9.60700   -4.23081  8.34238   1.000 32.09131 ? 142 ILE A C   1 
ATOM   1156 O O   . ILE A 1 142 ? 10.06642  -3.56159  7.40971   1.000 25.41621 ? 142 ILE A O   1 
ATOM   1157 C CB  . ILE A 1 142 ? 9.69988   -6.40778  7.09235   1.000 30.41841 ? 142 ILE A CB  1 
ATOM   1158 C CG1 . ILE A 1 142 ? 8.91466   -7.66631  6.71810   1.000 27.24544 ? 142 ILE A CG1 1 
ATOM   1159 C CG2 . ILE A 1 142 ? 11.05237  -6.74904  7.69768   1.000 29.88014 ? 142 ILE A CG2 1 
ATOM   1160 C CD1 . ILE A 1 142 ? 9.48550   -8.41944  5.53310   1.000 27.98472 ? 142 ILE A CD1 1 
ATOM   1161 N N   . ASP A 1 143 ? 9.72218   -3.85982  9.61342   1.000 40.05785 ? 143 ASP A N   1 
ATOM   1162 C CA  . ASP A 1 143 ? 10.45139  -2.64531  9.96821   1.000 39.93634 ? 143 ASP A CA  1 
ATOM   1163 C C   . ASP A 1 143 ? 11.42723  -2.90527  11.10785  1.000 50.32678 ? 143 ASP A C   1 
ATOM   1164 O O   . ASP A 1 143 ? 12.29279  -3.77585  11.00123  1.000 53.38178 ? 143 ASP A O   1 
ATOM   1165 C CB  . ASP A 1 143 ? 9.47950   -1.51813  10.33680  1.000 43.30502 ? 143 ASP A CB  1 
ATOM   1166 C CG  . ASP A 1 143 ? 8.41982   -1.95580  11.32164  1.000 50.72412 ? 143 ASP A CG  1 
ATOM   1167 O OD1 . ASP A 1 143 ? 8.66187   -2.92828  12.06891  1.000 54.07287 ? 143 ASP A OD1 1 
ATOM   1168 O OD2 . ASP A 1 143 ? 7.33532   -1.32886  11.33857  1.000 57.01134 ? 143 ASP A OD2 1 
HETATM 1169 C C1  . GOL B 2 .   ? -14.87855 -6.55664  1.05748   1.000 23.44601 ? 201 GOL A C1  1 
HETATM 1170 O O1  . GOL B 2 .   ? -14.13527 -5.66046  0.30418   1.000 24.00412 ? 201 GOL A O1  1 
HETATM 1171 C C2  . GOL B 2 .   ? -16.16433 -6.70575  0.22783   1.000 37.62029 ? 201 GOL A C2  1 
HETATM 1172 O O2  . GOL B 2 .   ? -16.53917 -7.99509  -0.10325  1.000 39.29036 ? 201 GOL A O2  1 
HETATM 1173 C C3  . GOL B 2 .   ? -17.14551 -6.01923  1.05420   1.000 27.39757 ? 201 GOL A C3  1 
HETATM 1174 O O3  . GOL B 2 .   ? -17.52034 -4.96510  0.28670   1.000 36.06265 ? 201 GOL A O3  1 
HETATM 1175 O O   . HOH C 3 .   ? -11.64554 12.83016  8.12001   1.000 31.66007 ? 301 HOH A O   1 
HETATM 1176 O O   . HOH C 3 .   ? 9.98802   3.76716   -2.23170  1.000 28.22997 ? 302 HOH A O   1 
HETATM 1177 O O   . HOH C 3 .   ? 8.23452   -3.10497  0.10429   1.000 17.15166 ? 303 HOH A O   1 
HETATM 1178 O O   . HOH C 3 .   ? 0.32063   -16.42038 11.34654  1.000 33.38722 ? 304 HOH A O   1 
HETATM 1179 O O   . HOH C 3 .   ? 9.06081   -14.80364 -6.28904  1.000 26.19612 ? 305 HOH A O   1 
HETATM 1180 O O   . HOH C 3 .   ? 1.51525   12.39849  8.15249   1.000 34.63503 ? 306 HOH A O   1 
HETATM 1181 O O   . HOH C 3 .   ? -4.44931  -4.56895  2.15141   1.000 12.73577 ? 307 HOH A O   1 
HETATM 1182 O O   . HOH C 3 .   ? 4.14876   -14.96480 4.79723   1.000 36.81829 ? 308 HOH A O   1 
HETATM 1183 O O   . HOH C 3 .   ? -11.45719 -8.78811  -5.72827  1.000 34.86902 ? 309 HOH A O   1 
HETATM 1184 O O   . HOH C 3 .   ? -0.17483  15.42985  -7.12468  1.000 36.35679 ? 310 HOH A O   1 
HETATM 1185 O O   . HOH C 3 .   ? -3.90155  -11.49044 -8.13046  1.000 19.21726 ? 311 HOH A O   1 
HETATM 1186 O O   . HOH C 3 .   ? 4.77246   -12.94058 3.71487   1.000 29.00216 ? 312 HOH A O   1 
HETATM 1187 O O   . HOH C 3 .   ? -2.39728  -13.78435 -6.63639  1.000 19.38811 ? 313 HOH A O   1 
HETATM 1188 O O   . HOH C 3 .   ? -0.37793  6.67091   1.20084   1.000 17.14087 ? 314 HOH A O   1 
HETATM 1189 O O   . HOH C 3 .   ? -13.11721 -10.64322 -6.57100  1.000 32.16690 ? 315 HOH A O   1 
HETATM 1190 O O   . HOH C 3 .   ? -13.35226 -11.06225 2.09447   1.000 36.53280 ? 316 HOH A O   1 
HETATM 1191 O O   . HOH C 3 .   ? -2.59763  0.35121   -10.44665 1.000 27.64086 ? 317 HOH A O   1 
HETATM 1192 O O   . HOH C 3 .   ? 15.91111  -5.32201  -2.46895  1.000 38.43505 ? 318 HOH A O   1 
HETATM 1193 O O   . HOH C 3 .   ? -8.31173  -11.76666 9.72686   1.000 28.48728 ? 319 HOH A O   1 
HETATM 1194 O O   . HOH C 3 .   ? -11.13696 2.98013   6.75347   1.000 29.31424 ? 320 HOH A O   1 
HETATM 1195 O O   . HOH C 3 .   ? -0.29290  -10.40168 -0.83099  1.000 13.12393 ? 321 HOH A O   1 
HETATM 1196 O O   . HOH C 3 .   ? -7.81459  5.64649   0.74294   1.000 14.36011 ? 322 HOH A O   1 
HETATM 1197 O O   . HOH C 3 .   ? -2.92834  16.15283  1.44742   1.000 20.50958 ? 323 HOH A O   1 
HETATM 1198 O O   . HOH C 3 .   ? -9.02730  -7.20137  9.77724   1.000 25.05635 ? 324 HOH A O   1 
HETATM 1199 O O   . HOH C 3 .   ? -16.28763 1.48670   -0.09145  1.000 26.81183 ? 325 HOH A O   1 
HETATM 1200 O O   . HOH C 3 .   ? 12.96856  -10.68962 -3.19159  1.000 29.67357 ? 326 HOH A O   1 
HETATM 1201 O O   . HOH C 3 .   ? 1.06851   -3.16789  10.63112  1.000 30.52489 ? 327 HOH A O   1 
HETATM 1202 O O   . HOH C 3 .   ? -13.09376 11.13981  -0.72340  1.000 30.83929 ? 328 HOH A O   1 
HETATM 1203 O O   . HOH C 3 .   ? 9.06545   -9.79189  -10.14907 1.000 31.98929 ? 329 HOH A O   1 
HETATM 1204 O O   . HOH C 3 .   ? 2.50951   -7.18264  9.32599   1.000 21.01090 ? 330 HOH A O   1 
HETATM 1205 O O   . HOH C 3 .   ? 3.96636   12.71316  6.20019   1.000 41.86811 ? 331 HOH A O   1 
HETATM 1206 O O   . HOH C 3 .   ? -2.03256  15.95433  6.35034   1.000 23.86659 ? 332 HOH A O   1 
HETATM 1207 O O   . HOH C 3 .   ? -9.83714  2.81699   -11.46435 1.000 34.54969 ? 333 HOH A O   1 
HETATM 1208 O O   . HOH C 3 .   ? -2.13929  21.28651  2.72831   1.000 33.15445 ? 334 HOH A O   1 
HETATM 1209 O O   . HOH C 3 .   ? -10.41988 -15.80021 -6.35370  0.50  32.52252 ? 335 HOH A O   1 
HETATM 1210 O O   . HOH C 3 .   ? 14.33844  -4.40724  -9.62747  1.000 28.87068 ? 336 HOH A O   1 
HETATM 1211 O O   . HOH C 3 .   ? -13.15755 -4.41289  -6.77822  1.000 29.36066 ? 337 HOH A O   1 
HETATM 1212 O O   . HOH C 3 .   ? -11.02882 -11.68243 6.63169   1.000 35.78275 ? 338 HOH A O   1 
HETATM 1213 O O   . HOH C 3 .   ? 3.47841   15.66365  2.62693   1.000 30.38872 ? 339 HOH A O   1 
HETATM 1214 O O   . HOH C 3 .   ? -9.91438  18.39837  -1.06561  1.000 17.86518 ? 340 HOH A O   1 
HETATM 1215 O O   . HOH C 3 .   ? -12.98626 -18.05515 -1.91843  1.000 37.05147 ? 341 HOH A O   1 
HETATM 1216 O O   . HOH C 3 .   ? 4.83703   -17.42532 -0.22203  1.000 30.03221 ? 342 HOH A O   1 
HETATM 1217 O O   . HOH C 3 .   ? 2.89207   13.42362  -8.82915  1.000 31.08619 ? 343 HOH A O   1 
HETATM 1218 O O   . HOH C 3 .   ? -1.49877  16.92061  3.50229   1.000 23.89110 ? 344 HOH A O   1 
HETATM 1219 O O   . HOH C 3 .   ? -10.62068 7.93681   -5.83683  1.000 35.61884 ? 345 HOH A O   1 
HETATM 1220 O O   . HOH C 3 .   ? -10.49293 -18.10120 -3.51063  1.000 29.30291 ? 346 HOH A O   1 
HETATM 1221 O O   . HOH C 3 .   ? -6.27715  -18.04658 3.35643   1.000 48.10432 ? 347 HOH A O   1 
HETATM 1222 O O   . HOH C 3 .   ? -3.87616  15.77306  15.37068  1.000 50.80140 ? 348 HOH A O   1 
HETATM 1223 O O   . HOH C 3 .   ? -7.31882  -20.76708 2.19817   1.000 45.70542 ? 349 HOH A O   1 
# 
